data_7GAS
# 
_entry.id   7GAS 
# 
_audit_conform.dict_name       mmcif_pdbx.dic 
_audit_conform.dict_version    5.396 
_audit_conform.dict_location   http://mmcif.pdb.org/dictionaries/ascii/mmcif_pdbx.dic 
# 
loop_
_database_2.database_id 
_database_2.database_code 
_database_2.pdbx_database_accession 
_database_2.pdbx_DOI 
PDB   7GAS         pdb_00007gas 10.2210/pdb7gas/pdb 
WWPDB D_1001405949 ?            ?                   
# 
_pdbx_audit_revision_history.ordinal             1 
_pdbx_audit_revision_history.data_content_type   'Structure model' 
_pdbx_audit_revision_history.major_revision      1 
_pdbx_audit_revision_history.minor_revision      0 
_pdbx_audit_revision_history.revision_date       2024-09-04 
# 
_pdbx_audit_revision_details.ordinal             1 
_pdbx_audit_revision_details.revision_ordinal    1 
_pdbx_audit_revision_details.data_content_type   'Structure model' 
_pdbx_audit_revision_details.provider            repository 
_pdbx_audit_revision_details.type                'Initial release' 
_pdbx_audit_revision_details.description         ? 
_pdbx_audit_revision_details.details             ? 
# 
_pdbx_database_status.entry_id                        7GAS 
_pdbx_database_status.status_code                     REL 
_pdbx_database_status.status_code_sf                  REL 
_pdbx_database_status.status_code_mr                  ? 
_pdbx_database_status.status_code_cs                  ? 
_pdbx_database_status.recvd_initial_deposition_date   2023-08-10 
_pdbx_database_status.status_code_nmr_data            ? 
_pdbx_database_status.deposit_site                    RCSB 
_pdbx_database_status.process_site                    RCSB 
_pdbx_database_status.SG_entry                        ? 
_pdbx_database_status.pdb_format_compatible           Y 
_pdbx_database_status.methods_development_category    ? 
# 
_pdbx_contact_author.id                 1 
_pdbx_contact_author.email              knapp@pharmchem.uni-frankfurt.de 
_pdbx_contact_author.name_first         Stefan 
_pdbx_contact_author.name_last          Knapp 
_pdbx_contact_author.role               'principal investigator/group leader' 
_pdbx_contact_author.identifier_ORCID   0000-0001-5995-6494 
_pdbx_contact_author.name_mi            ? 
# 
loop_
_audit_author.name 
_audit_author.pdbx_ordinal 
_audit_author.identifier_ORCID 
'Kumar, A.'                            1 ? 
'Marples, P.G.'                        2 ? 
'Tomlinson, C.W.E.'                    3 ? 
'Fearon, D.'                           4 ? 
'von-Delft, F.'                        5 ? 
'Knapp, S.'                            6 ? 
'Structural Genomics Consortium (SGC)' 7 ? 
# 
_citation.id                        primary 
_citation.title                     'PanDDA analysis group deposition' 
_citation.journal_abbrev            'To Be Published' 
_citation.journal_volume            ? 
_citation.page_first                ? 
_citation.page_last                 ? 
_citation.year                      ? 
_citation.journal_id_ASTM           ? 
_citation.country                   ? 
_citation.journal_id_ISSN           ? 
_citation.journal_id_CSD            0353 
_citation.book_publisher            ? 
_citation.pdbx_database_id_PubMed   ? 
_citation.pdbx_database_id_DOI      ? 
# 
loop_
_citation_author.citation_id 
_citation_author.name 
_citation_author.identifier_ORCID 
_citation_author.ordinal 
primary 'Kumar, A.'                            ? 1 
primary 'Knapp, S.'                            ? 2 
primary 'Structural Genomics Consortium (SGC)' ? 3 
# 
loop_
_entity.id 
_entity.type 
_entity.src_method 
_entity.pdbx_description 
_entity.formula_weight 
_entity.pdbx_number_of_molecules 
_entity.pdbx_ec 
_entity.pdbx_mutation 
_entity.pdbx_fragment 
_entity.details 
1 polymer     man 'Microtubule-associated proteins 1A/1B light chain 3B' 14237.361 1  ? TruncationafterGly120 ? ? 
2 non-polymer syn 4-chloro-1H-benzimidazole                              152.581   1  ? ?                     ? ? 
3 non-polymer syn 1,2-ETHANEDIOL                                         62.068    8  ? ?                     ? ? 
4 non-polymer syn 'CHLORIDE ION'                                         35.453    1  ? ?                     ? ? 
5 water       nat water                                                  18.015    93 ? ?                     ? ? 
# 
_entity_name_com.entity_id   1 
_entity_name_com.name        
;Autophagy-related protein LC3 B,Autophagy-related ubiquitin-like modifier LC3 B,MAP1 light chain 3-like protein 2,MAP1A/MAP1B light chain 3 B,MAP1A/MAP1B LC3 B,Microtubule-associated protein 1 light chain 3 beta
;
# 
_entity_poly.entity_id                      1 
_entity_poly.type                           'polypeptide(L)' 
_entity_poly.nstd_linkage                   no 
_entity_poly.nstd_monomer                   no 
_entity_poly.pdbx_seq_one_letter_code       
;SMPSEKTFKQRRTFEQRVEDVRLIREQHPTKIPVIIERYKGEKQLPVLDKTKFLVPDHVNMSELIKIIRRRLQLNANQAF
FLLVNGHSMVSVSTPISEVYESEKDEDGFLYMVYASQETFG
;
_entity_poly.pdbx_seq_one_letter_code_can   
;SMPSEKTFKQRRTFEQRVEDVRLIREQHPTKIPVIIERYKGEKQLPVLDKTKFLVPDHVNMSELIKIIRRRLQLNANQAF
FLLVNGHSMVSVSTPISEVYESEKDEDGFLYMVYASQETFG
;
_entity_poly.pdbx_strand_id                 A 
_entity_poly.pdbx_target_identifier         ? 
# 
loop_
_pdbx_entity_nonpoly.entity_id 
_pdbx_entity_nonpoly.name 
_pdbx_entity_nonpoly.comp_id 
2 4-chloro-1H-benzimidazole KBU 
3 1,2-ETHANEDIOL            EDO 
4 'CHLORIDE ION'            CL  
5 water                     HOH 
# 
loop_
_entity_poly_seq.entity_id 
_entity_poly_seq.num 
_entity_poly_seq.mon_id 
_entity_poly_seq.hetero 
1 1   SER n 
1 2   MET n 
1 3   PRO n 
1 4   SER n 
1 5   GLU n 
1 6   LYS n 
1 7   THR n 
1 8   PHE n 
1 9   LYS n 
1 10  GLN n 
1 11  ARG n 
1 12  ARG n 
1 13  THR n 
1 14  PHE n 
1 15  GLU n 
1 16  GLN n 
1 17  ARG n 
1 18  VAL n 
1 19  GLU n 
1 20  ASP n 
1 21  VAL n 
1 22  ARG n 
1 23  LEU n 
1 24  ILE n 
1 25  ARG n 
1 26  GLU n 
1 27  GLN n 
1 28  HIS n 
1 29  PRO n 
1 30  THR n 
1 31  LYS n 
1 32  ILE n 
1 33  PRO n 
1 34  VAL n 
1 35  ILE n 
1 36  ILE n 
1 37  GLU n 
1 38  ARG n 
1 39  TYR n 
1 40  LYS n 
1 41  GLY n 
1 42  GLU n 
1 43  LYS n 
1 44  GLN n 
1 45  LEU n 
1 46  PRO n 
1 47  VAL n 
1 48  LEU n 
1 49  ASP n 
1 50  LYS n 
1 51  THR n 
1 52  LYS n 
1 53  PHE n 
1 54  LEU n 
1 55  VAL n 
1 56  PRO n 
1 57  ASP n 
1 58  HIS n 
1 59  VAL n 
1 60  ASN n 
1 61  MET n 
1 62  SER n 
1 63  GLU n 
1 64  LEU n 
1 65  ILE n 
1 66  LYS n 
1 67  ILE n 
1 68  ILE n 
1 69  ARG n 
1 70  ARG n 
1 71  ARG n 
1 72  LEU n 
1 73  GLN n 
1 74  LEU n 
1 75  ASN n 
1 76  ALA n 
1 77  ASN n 
1 78  GLN n 
1 79  ALA n 
1 80  PHE n 
1 81  PHE n 
1 82  LEU n 
1 83  LEU n 
1 84  VAL n 
1 85  ASN n 
1 86  GLY n 
1 87  HIS n 
1 88  SER n 
1 89  MET n 
1 90  VAL n 
1 91  SER n 
1 92  VAL n 
1 93  SER n 
1 94  THR n 
1 95  PRO n 
1 96  ILE n 
1 97  SER n 
1 98  GLU n 
1 99  VAL n 
1 100 TYR n 
1 101 GLU n 
1 102 SER n 
1 103 GLU n 
1 104 LYS n 
1 105 ASP n 
1 106 GLU n 
1 107 ASP n 
1 108 GLY n 
1 109 PHE n 
1 110 LEU n 
1 111 TYR n 
1 112 MET n 
1 113 VAL n 
1 114 TYR n 
1 115 ALA n 
1 116 SER n 
1 117 GLN n 
1 118 GLU n 
1 119 THR n 
1 120 PHE n 
1 121 GLY n 
# 
_entity_src_gen.entity_id                          1 
_entity_src_gen.pdbx_src_id                        1 
_entity_src_gen.pdbx_alt_source_flag               sample 
_entity_src_gen.pdbx_seq_type                      'Biological sequence' 
_entity_src_gen.pdbx_beg_seq_num                   1 
_entity_src_gen.pdbx_end_seq_num                   121 
_entity_src_gen.gene_src_common_name               human 
_entity_src_gen.gene_src_genus                     ? 
_entity_src_gen.pdbx_gene_src_gene                 'MAP1LC3B, MAP1ALC3' 
_entity_src_gen.gene_src_species                   ? 
_entity_src_gen.gene_src_strain                    ? 
_entity_src_gen.gene_src_tissue                    ? 
_entity_src_gen.gene_src_tissue_fraction           ? 
_entity_src_gen.gene_src_details                   ? 
_entity_src_gen.pdbx_gene_src_fragment             ? 
_entity_src_gen.pdbx_gene_src_scientific_name      'Homo sapiens' 
_entity_src_gen.pdbx_gene_src_ncbi_taxonomy_id     9606 
_entity_src_gen.pdbx_gene_src_variant              ? 
_entity_src_gen.pdbx_gene_src_cell_line            ? 
_entity_src_gen.pdbx_gene_src_atcc                 ? 
_entity_src_gen.pdbx_gene_src_organ                ? 
_entity_src_gen.pdbx_gene_src_organelle            ? 
_entity_src_gen.pdbx_gene_src_cell                 ? 
_entity_src_gen.pdbx_gene_src_cellular_location    ? 
_entity_src_gen.host_org_common_name               ? 
_entity_src_gen.pdbx_host_org_scientific_name      'Escherichia coli' 
_entity_src_gen.pdbx_host_org_ncbi_taxonomy_id     562 
_entity_src_gen.host_org_genus                     ? 
_entity_src_gen.pdbx_host_org_gene                 ? 
_entity_src_gen.pdbx_host_org_organ                ? 
_entity_src_gen.host_org_species                   ? 
_entity_src_gen.pdbx_host_org_tissue               ? 
_entity_src_gen.pdbx_host_org_tissue_fraction      ? 
_entity_src_gen.pdbx_host_org_strain               ? 
_entity_src_gen.pdbx_host_org_variant              ? 
_entity_src_gen.pdbx_host_org_cell_line            ? 
_entity_src_gen.pdbx_host_org_atcc                 ? 
_entity_src_gen.pdbx_host_org_culture_collection   ? 
_entity_src_gen.pdbx_host_org_cell                 ? 
_entity_src_gen.pdbx_host_org_organelle            ? 
_entity_src_gen.pdbx_host_org_cellular_location    ? 
_entity_src_gen.pdbx_host_org_vector_type          ? 
_entity_src_gen.pdbx_host_org_vector               ? 
_entity_src_gen.host_org_details                   ? 
_entity_src_gen.expression_system_id               ? 
_entity_src_gen.plasmid_name                       ? 
_entity_src_gen.plasmid_details                    ? 
_entity_src_gen.pdbx_description                   ? 
# 
loop_
_chem_comp.id 
_chem_comp.type 
_chem_comp.mon_nstd_flag 
_chem_comp.name 
_chem_comp.pdbx_synonyms 
_chem_comp.formula 
_chem_comp.formula_weight 
ALA 'L-peptide linking' y ALANINE                   ?                 'C3 H7 N O2'     89.093  
ARG 'L-peptide linking' y ARGININE                  ?                 'C6 H15 N4 O2 1' 175.209 
ASN 'L-peptide linking' y ASPARAGINE                ?                 'C4 H8 N2 O3'    132.118 
ASP 'L-peptide linking' y 'ASPARTIC ACID'           ?                 'C4 H7 N O4'     133.103 
CL  non-polymer         . 'CHLORIDE ION'            ?                 'Cl -1'          35.453  
EDO non-polymer         . 1,2-ETHANEDIOL            'ETHYLENE GLYCOL' 'C2 H6 O2'       62.068  
GLN 'L-peptide linking' y GLUTAMINE                 ?                 'C5 H10 N2 O3'   146.144 
GLU 'L-peptide linking' y 'GLUTAMIC ACID'           ?                 'C5 H9 N O4'     147.129 
GLY 'peptide linking'   y GLYCINE                   ?                 'C2 H5 N O2'     75.067  
HIS 'L-peptide linking' y HISTIDINE                 ?                 'C6 H10 N3 O2 1' 156.162 
HOH non-polymer         . WATER                     ?                 'H2 O'           18.015  
ILE 'L-peptide linking' y ISOLEUCINE                ?                 'C6 H13 N O2'    131.173 
KBU non-polymer         . 4-chloro-1H-benzimidazole ?                 'C7 H5 Cl N2'    152.581 
LEU 'L-peptide linking' y LEUCINE                   ?                 'C6 H13 N O2'    131.173 
LYS 'L-peptide linking' y LYSINE                    ?                 'C6 H15 N2 O2 1' 147.195 
MET 'L-peptide linking' y METHIONINE                ?                 'C5 H11 N O2 S'  149.211 
PHE 'L-peptide linking' y PHENYLALANINE             ?                 'C9 H11 N O2'    165.189 
PRO 'L-peptide linking' y PROLINE                   ?                 'C5 H9 N O2'     115.130 
SER 'L-peptide linking' y SERINE                    ?                 'C3 H7 N O3'     105.093 
THR 'L-peptide linking' y THREONINE                 ?                 'C4 H9 N O3'     119.119 
TYR 'L-peptide linking' y TYROSINE                  ?                 'C9 H11 N O3'    181.189 
VAL 'L-peptide linking' y VALINE                    ?                 'C5 H11 N O2'    117.146 
# 
loop_
_pdbx_poly_seq_scheme.asym_id 
_pdbx_poly_seq_scheme.entity_id 
_pdbx_poly_seq_scheme.seq_id 
_pdbx_poly_seq_scheme.mon_id 
_pdbx_poly_seq_scheme.ndb_seq_num 
_pdbx_poly_seq_scheme.pdb_seq_num 
_pdbx_poly_seq_scheme.auth_seq_num 
_pdbx_poly_seq_scheme.pdb_mon_id 
_pdbx_poly_seq_scheme.auth_mon_id 
_pdbx_poly_seq_scheme.pdb_strand_id 
_pdbx_poly_seq_scheme.pdb_ins_code 
_pdbx_poly_seq_scheme.hetero 
A 1 1   SER 1   0   ?   ?   ?   A . n 
A 1 2   MET 2   1   ?   ?   ?   A . n 
A 1 3   PRO 3   2   ?   ?   ?   A . n 
A 1 4   SER 4   3   ?   ?   ?   A . n 
A 1 5   GLU 5   4   ?   ?   ?   A . n 
A 1 6   LYS 6   5   5   LYS LYS A . n 
A 1 7   THR 7   6   6   THR THR A . n 
A 1 8   PHE 8   7   7   PHE PHE A . n 
A 1 9   LYS 9   8   8   LYS LYS A . n 
A 1 10  GLN 10  9   9   GLN GLN A . n 
A 1 11  ARG 11  10  10  ARG ARG A . n 
A 1 12  ARG 12  11  11  ARG ARG A . n 
A 1 13  THR 13  12  12  THR THR A . n 
A 1 14  PHE 14  13  13  PHE PHE A . n 
A 1 15  GLU 15  14  14  GLU GLU A . n 
A 1 16  GLN 16  15  15  GLN GLN A . n 
A 1 17  ARG 17  16  16  ARG ARG A . n 
A 1 18  VAL 18  17  17  VAL VAL A . n 
A 1 19  GLU 19  18  18  GLU GLU A . n 
A 1 20  ASP 20  19  19  ASP ASP A . n 
A 1 21  VAL 21  20  20  VAL VAL A . n 
A 1 22  ARG 22  21  21  ARG ARG A . n 
A 1 23  LEU 23  22  22  LEU LEU A . n 
A 1 24  ILE 24  23  23  ILE ILE A . n 
A 1 25  ARG 25  24  24  ARG ARG A . n 
A 1 26  GLU 26  25  25  GLU GLU A . n 
A 1 27  GLN 27  26  26  GLN GLN A . n 
A 1 28  HIS 28  27  27  HIS HIS A . n 
A 1 29  PRO 29  28  28  PRO PRO A . n 
A 1 30  THR 30  29  29  THR THR A . n 
A 1 31  LYS 31  30  30  LYS LYS A . n 
A 1 32  ILE 32  31  31  ILE ILE A . n 
A 1 33  PRO 33  32  32  PRO PRO A . n 
A 1 34  VAL 34  33  33  VAL VAL A . n 
A 1 35  ILE 35  34  34  ILE ILE A . n 
A 1 36  ILE 36  35  35  ILE ILE A . n 
A 1 37  GLU 37  36  36  GLU GLU A . n 
A 1 38  ARG 38  37  37  ARG ARG A . n 
A 1 39  TYR 39  38  38  TYR TYR A . n 
A 1 40  LYS 40  39  39  LYS LYS A . n 
A 1 41  GLY 41  40  40  GLY GLY A . n 
A 1 42  GLU 42  41  41  GLU GLU A . n 
A 1 43  LYS 43  42  42  LYS LYS A . n 
A 1 44  GLN 44  43  43  GLN GLN A . n 
A 1 45  LEU 45  44  44  LEU LEU A . n 
A 1 46  PRO 46  45  45  PRO PRO A . n 
A 1 47  VAL 47  46  46  VAL VAL A . n 
A 1 48  LEU 48  47  47  LEU LEU A . n 
A 1 49  ASP 49  48  48  ASP ASP A . n 
A 1 50  LYS 50  49  49  LYS LYS A . n 
A 1 51  THR 51  50  50  THR THR A . n 
A 1 52  LYS 52  51  51  LYS LYS A . n 
A 1 53  PHE 53  52  52  PHE PHE A . n 
A 1 54  LEU 54  53  53  LEU LEU A . n 
A 1 55  VAL 55  54  54  VAL VAL A . n 
A 1 56  PRO 56  55  55  PRO PRO A . n 
A 1 57  ASP 57  56  56  ASP ASP A . n 
A 1 58  HIS 58  57  57  HIS HIS A . n 
A 1 59  VAL 59  58  58  VAL VAL A . n 
A 1 60  ASN 60  59  59  ASN ASN A . n 
A 1 61  MET 61  60  60  MET MET A . n 
A 1 62  SER 62  61  61  SER SER A . n 
A 1 63  GLU 63  62  62  GLU GLU A . n 
A 1 64  LEU 64  63  63  LEU LEU A . n 
A 1 65  ILE 65  64  64  ILE ILE A . n 
A 1 66  LYS 66  65  65  LYS LYS A . n 
A 1 67  ILE 67  66  66  ILE ILE A . n 
A 1 68  ILE 68  67  67  ILE ILE A . n 
A 1 69  ARG 69  68  68  ARG ARG A . n 
A 1 70  ARG 70  69  69  ARG ARG A . n 
A 1 71  ARG 71  70  70  ARG ARG A . n 
A 1 72  LEU 72  71  71  LEU LEU A . n 
A 1 73  GLN 73  72  72  GLN GLN A . n 
A 1 74  LEU 74  73  73  LEU LEU A . n 
A 1 75  ASN 75  74  74  ASN ASN A . n 
A 1 76  ALA 76  75  75  ALA ALA A . n 
A 1 77  ASN 77  76  76  ASN ASN A . n 
A 1 78  GLN 78  77  77  GLN GLN A . n 
A 1 79  ALA 79  78  78  ALA ALA A . n 
A 1 80  PHE 80  79  79  PHE PHE A . n 
A 1 81  PHE 81  80  80  PHE PHE A . n 
A 1 82  LEU 82  81  81  LEU LEU A . n 
A 1 83  LEU 83  82  82  LEU LEU A . n 
A 1 84  VAL 84  83  83  VAL VAL A . n 
A 1 85  ASN 85  84  84  ASN ASN A . n 
A 1 86  GLY 86  85  85  GLY GLY A . n 
A 1 87  HIS 87  86  86  HIS HIS A . n 
A 1 88  SER 88  87  87  SER SER A . n 
A 1 89  MET 89  88  88  MET MET A . n 
A 1 90  VAL 90  89  89  VAL VAL A . n 
A 1 91  SER 91  90  90  SER SER A . n 
A 1 92  VAL 92  91  91  VAL VAL A . n 
A 1 93  SER 93  92  92  SER SER A . n 
A 1 94  THR 94  93  93  THR THR A . n 
A 1 95  PRO 95  94  94  PRO PRO A . n 
A 1 96  ILE 96  95  95  ILE ILE A . n 
A 1 97  SER 97  96  96  SER SER A . n 
A 1 98  GLU 98  97  97  GLU GLU A . n 
A 1 99  VAL 99  98  98  VAL VAL A . n 
A 1 100 TYR 100 99  99  TYR TYR A . n 
A 1 101 GLU 101 100 100 GLU GLU A . n 
A 1 102 SER 102 101 101 SER SER A . n 
A 1 103 GLU 103 102 102 GLU GLU A . n 
A 1 104 LYS 104 103 103 LYS LYS A . n 
A 1 105 ASP 105 104 104 ASP ASP A . n 
A 1 106 GLU 106 105 105 GLU GLU A . n 
A 1 107 ASP 107 106 106 ASP ASP A . n 
A 1 108 GLY 108 107 107 GLY GLY A . n 
A 1 109 PHE 109 108 108 PHE PHE A . n 
A 1 110 LEU 110 109 109 LEU LEU A . n 
A 1 111 TYR 111 110 110 TYR TYR A . n 
A 1 112 MET 112 111 111 MET MET A . n 
A 1 113 VAL 113 112 112 VAL VAL A . n 
A 1 114 TYR 114 113 113 TYR TYR A . n 
A 1 115 ALA 115 114 114 ALA ALA A . n 
A 1 116 SER 116 115 115 SER SER A . n 
A 1 117 GLN 117 116 116 GLN GLN A . n 
A 1 118 GLU 118 117 117 GLU GLU A . n 
A 1 119 THR 119 118 118 THR THR A . n 
A 1 120 PHE 120 119 119 PHE PHE A . n 
A 1 121 GLY 121 120 ?   ?   ?   A . n 
# 
_pdbx_entity_instance_feature.ordinal        1 
_pdbx_entity_instance_feature.comp_id        KBU 
_pdbx_entity_instance_feature.asym_id        ? 
_pdbx_entity_instance_feature.seq_num        ? 
_pdbx_entity_instance_feature.auth_comp_id   KBU 
_pdbx_entity_instance_feature.auth_asym_id   ? 
_pdbx_entity_instance_feature.auth_seq_num   ? 
_pdbx_entity_instance_feature.feature_type   'SUBJECT OF INVESTIGATION' 
_pdbx_entity_instance_feature.details        ? 
# 
loop_
_pdbx_nonpoly_scheme.asym_id 
_pdbx_nonpoly_scheme.entity_id 
_pdbx_nonpoly_scheme.mon_id 
_pdbx_nonpoly_scheme.ndb_seq_num 
_pdbx_nonpoly_scheme.pdb_seq_num 
_pdbx_nonpoly_scheme.auth_seq_num 
_pdbx_nonpoly_scheme.pdb_mon_id 
_pdbx_nonpoly_scheme.auth_mon_id 
_pdbx_nonpoly_scheme.pdb_strand_id 
_pdbx_nonpoly_scheme.pdb_ins_code 
B 2 KBU 1  201 201 KBU LIG A . 
C 3 EDO 1  202 105 EDO EDO A . 
D 3 EDO 1  203 107 EDO EDO A . 
E 3 EDO 1  204 108 EDO EDO A . 
F 3 EDO 1  205 109 EDO EDO A . 
G 3 EDO 1  206 110 EDO EDO A . 
H 3 EDO 1  207 111 EDO EDO A . 
I 3 EDO 1  208 112 EDO EDO A . 
J 3 EDO 1  209 113 EDO EDO A . 
K 4 CL  1  210 114 CL  CL  A . 
L 5 HOH 1  301 56  HOH HOH A . 
L 5 HOH 2  302 84  HOH HOH A . 
L 5 HOH 3  303 62  HOH HOH A . 
L 5 HOH 4  304 49  HOH HOH A . 
L 5 HOH 5  305 10  HOH HOH A . 
L 5 HOH 6  306 82  HOH HOH A . 
L 5 HOH 7  307 48  HOH HOH A . 
L 5 HOH 8  308 40  HOH HOH A . 
L 5 HOH 9  309 19  HOH HOH A . 
L 5 HOH 10 310 59  HOH HOH A . 
L 5 HOH 11 311 33  HOH HOH A . 
L 5 HOH 12 312 38  HOH HOH A . 
L 5 HOH 13 313 55  HOH HOH A . 
L 5 HOH 14 314 27  HOH HOH A . 
L 5 HOH 15 315 51  HOH HOH A . 
L 5 HOH 16 316 64  HOH HOH A . 
L 5 HOH 17 317 87  HOH HOH A . 
L 5 HOH 18 318 9   HOH HOH A . 
L 5 HOH 19 319 42  HOH HOH A . 
L 5 HOH 20 320 17  HOH HOH A . 
L 5 HOH 21 321 81  HOH HOH A . 
L 5 HOH 22 322 89  HOH HOH A . 
L 5 HOH 23 323 8   HOH HOH A . 
L 5 HOH 24 324 25  HOH HOH A . 
L 5 HOH 25 325 12  HOH HOH A . 
L 5 HOH 26 326 16  HOH HOH A . 
L 5 HOH 27 327 14  HOH HOH A . 
L 5 HOH 28 328 18  HOH HOH A . 
L 5 HOH 29 329 34  HOH HOH A . 
L 5 HOH 30 330 4   HOH HOH A . 
L 5 HOH 31 331 47  HOH HOH A . 
L 5 HOH 32 332 41  HOH HOH A . 
L 5 HOH 33 333 2   HOH HOH A . 
L 5 HOH 34 334 1   HOH HOH A . 
L 5 HOH 35 335 22  HOH HOH A . 
L 5 HOH 36 336 7   HOH HOH A . 
L 5 HOH 37 337 21  HOH HOH A . 
L 5 HOH 38 338 75  HOH HOH A . 
L 5 HOH 39 339 53  HOH HOH A . 
L 5 HOH 40 340 43  HOH HOH A . 
L 5 HOH 41 341 44  HOH HOH A . 
L 5 HOH 42 342 45  HOH HOH A . 
L 5 HOH 43 343 35  HOH HOH A . 
L 5 HOH 44 344 52  HOH HOH A . 
L 5 HOH 45 345 86  HOH HOH A . 
L 5 HOH 46 346 32  HOH HOH A . 
L 5 HOH 47 347 79  HOH HOH A . 
L 5 HOH 48 348 20  HOH HOH A . 
L 5 HOH 49 349 71  HOH HOH A . 
L 5 HOH 50 350 23  HOH HOH A . 
L 5 HOH 51 351 57  HOH HOH A . 
L 5 HOH 52 352 31  HOH HOH A . 
L 5 HOH 53 353 5   HOH HOH A . 
L 5 HOH 54 354 83  HOH HOH A . 
L 5 HOH 55 355 91  HOH HOH A . 
L 5 HOH 56 356 15  HOH HOH A . 
L 5 HOH 57 357 11  HOH HOH A . 
L 5 HOH 58 358 77  HOH HOH A . 
L 5 HOH 59 359 13  HOH HOH A . 
L 5 HOH 60 360 93  HOH HOH A . 
L 5 HOH 61 361 24  HOH HOH A . 
L 5 HOH 62 362 69  HOH HOH A . 
L 5 HOH 63 363 6   HOH HOH A . 
L 5 HOH 64 364 60  HOH HOH A . 
L 5 HOH 65 365 63  HOH HOH A . 
L 5 HOH 66 366 92  HOH HOH A . 
L 5 HOH 67 367 30  HOH HOH A . 
L 5 HOH 68 368 73  HOH HOH A . 
L 5 HOH 69 369 72  HOH HOH A . 
L 5 HOH 70 370 67  HOH HOH A . 
L 5 HOH 71 371 54  HOH HOH A . 
L 5 HOH 72 372 46  HOH HOH A . 
L 5 HOH 73 373 36  HOH HOH A . 
L 5 HOH 74 374 37  HOH HOH A . 
L 5 HOH 75 375 94  HOH HOH A . 
L 5 HOH 76 376 66  HOH HOH A . 
L 5 HOH 77 377 68  HOH HOH A . 
L 5 HOH 78 378 74  HOH HOH A . 
L 5 HOH 79 379 80  HOH HOH A . 
L 5 HOH 80 380 85  HOH HOH A . 
L 5 HOH 81 381 78  HOH HOH A . 
L 5 HOH 82 382 76  HOH HOH A . 
L 5 HOH 83 383 90  HOH HOH A . 
L 5 HOH 84 384 26  HOH HOH A . 
L 5 HOH 85 385 58  HOH HOH A . 
L 5 HOH 86 386 28  HOH HOH A . 
L 5 HOH 87 387 61  HOH HOH A . 
L 5 HOH 88 388 70  HOH HOH A . 
L 5 HOH 89 389 29  HOH HOH A . 
L 5 HOH 90 390 39  HOH HOH A . 
L 5 HOH 91 391 65  HOH HOH A . 
L 5 HOH 92 392 50  HOH HOH A . 
L 5 HOH 93 393 88  HOH HOH A . 
# 
loop_
_pdbx_unobs_or_zero_occ_atoms.id 
_pdbx_unobs_or_zero_occ_atoms.PDB_model_num 
_pdbx_unobs_or_zero_occ_atoms.polymer_flag 
_pdbx_unobs_or_zero_occ_atoms.occupancy_flag 
_pdbx_unobs_or_zero_occ_atoms.auth_asym_id 
_pdbx_unobs_or_zero_occ_atoms.auth_comp_id 
_pdbx_unobs_or_zero_occ_atoms.auth_seq_id 
_pdbx_unobs_or_zero_occ_atoms.PDB_ins_code 
_pdbx_unobs_or_zero_occ_atoms.auth_atom_id 
_pdbx_unobs_or_zero_occ_atoms.label_alt_id 
_pdbx_unobs_or_zero_occ_atoms.label_asym_id 
_pdbx_unobs_or_zero_occ_atoms.label_comp_id 
_pdbx_unobs_or_zero_occ_atoms.label_seq_id 
_pdbx_unobs_or_zero_occ_atoms.label_atom_id 
1 1 Y 1 A GLN 116 ? CG  ? A GLN 117 CG  
2 1 Y 1 A GLN 116 ? CD  ? A GLN 117 CD  
3 1 Y 1 A GLN 116 ? OE1 ? A GLN 117 OE1 
4 1 Y 1 A GLN 116 ? NE2 ? A GLN 117 NE2 
5 1 Y 1 A THR 118 ? OG1 ? A THR 119 OG1 
6 1 Y 1 A THR 118 ? CG2 ? A THR 119 CG2 
# 
loop_
_software.pdbx_ordinal 
_software.name 
_software.version 
_software.date 
_software.type 
_software.contact_author 
_software.contact_author_email 
_software.classification 
_software.location 
_software.language 
_software.citation_id 
1 REFMAC      5.8.0267 ?               program 'Garib N. Murshudov' garib@ysbl.york.ac.uk    refinement        
http://www.ccp4.ac.uk/dist/html/refmac5.html        Fortran_77 ? 
2 Aimless     0.7.7    23/04/21        program 'Phil Evans'         ?                        'data scaling'    
http://www.mrc-lmb.cam.ac.uk/harry/pre/aimless.html ?          ? 
3 PDB_EXTRACT 3.23     'SEP. 23, 2016' package PDB                  deposit@deposit.rcsb.org 'data extraction' 
http://sw-tools.pdb.org/apps/PDB_EXTRACT/           C++        ? 
4 XDS         .        ?               program ?                    ?                        'data reduction'  ? ?          ? 
5 REFMAC      .        ?               program ?                    ?                        phasing           ? ?          ? 
# 
_cell.entry_id           7GAS 
_cell.length_a           60.854 
_cell.length_b           60.854 
_cell.length_c           35.496 
_cell.angle_alpha        90.000 
_cell.angle_beta         90.000 
_cell.angle_gamma        90.000 
_cell.Z_PDB              4 
_cell.pdbx_unique_axis   ? 
# 
_symmetry.entry_id                         7GAS 
_symmetry.space_group_name_H-M             'P 43' 
_symmetry.pdbx_full_space_group_name_H-M   ? 
_symmetry.cell_setting                     ? 
_symmetry.Int_Tables_number                78 
# 
_exptl.crystals_number   1 
_exptl.entry_id          7GAS 
_exptl.method            'X-RAY DIFFRACTION' 
# 
_exptl_crystal.id                    1 
_exptl_crystal.pdbx_mosaicity        0.000 
_exptl_crystal.pdbx_mosaicity_esd    ? 
_exptl_crystal.density_Matthews      2.22 
_exptl_crystal.density_diffrn        ? 
_exptl_crystal.density_meas          ? 
_exptl_crystal.density_meas_temp     ? 
_exptl_crystal.density_percent_sol   44.62 
_exptl_crystal.size_max              ? 
_exptl_crystal.size_mid              ? 
_exptl_crystal.size_min              ? 
_exptl_crystal.size_rad              ? 
_exptl_crystal.description           ? 
# 
_exptl_crystal_grow.crystal_id      1 
_exptl_crystal_grow.method          'VAPOR DIFFUSION, SITTING DROP' 
_exptl_crystal_grow.pH              4.7 
_exptl_crystal_grow.temp            293 
_exptl_crystal_grow.pdbx_details    '36% PEG 8000, 0.1M acetate pH 4.7' 
_exptl_crystal_grow.temp_details    ? 
_exptl_crystal_grow.pdbx_pH_range   ? 
# 
_diffrn.id                     1 
_diffrn.ambient_temp           100 
_diffrn.crystal_id             1 
_diffrn.ambient_temp_details   ? 
# 
_diffrn_detector.detector               PIXEL 
_diffrn_detector.type                   'DECTRIS PILATUS 6M' 
_diffrn_detector.pdbx_collection_date   2023-02-10 
_diffrn_detector.diffrn_id              1 
_diffrn_detector.details                ? 
# 
_diffrn_radiation.diffrn_id                        1 
_diffrn_radiation.wavelength_id                    1 
_diffrn_radiation.pdbx_diffrn_protocol             'SINGLE WAVELENGTH' 
_diffrn_radiation.pdbx_monochromatic_or_laue_m_l   ? 
_diffrn_radiation.monochromator                    ? 
_diffrn_radiation.pdbx_scattering_type             x-ray 
# 
_diffrn_radiation_wavelength.id           1 
_diffrn_radiation_wavelength.wavelength   0.92124 
_diffrn_radiation_wavelength.wt           1.0 
# 
_diffrn_source.diffrn_id                   1 
_diffrn_source.source                      SYNCHROTRON 
_diffrn_source.type                        'DIAMOND BEAMLINE I04-1' 
_diffrn_source.pdbx_wavelength_list        0.92124 
_diffrn_source.pdbx_synchrotron_site       Diamond 
_diffrn_source.pdbx_synchrotron_beamline   I04-1 
_diffrn_source.pdbx_wavelength             ? 
# 
_reflns.entry_id                     7GAS 
_reflns.pdbx_diffrn_id               1 
_reflns.pdbx_ordinal                 1 
_reflns.observed_criterion_sigma_I   ? 
_reflns.observed_criterion_sigma_F   ? 
_reflns.d_resolution_low             30.660 
_reflns.d_resolution_high            1.910 
_reflns.number_obs                   10191 
_reflns.number_all                   ? 
_reflns.percent_possible_obs         99.200 
_reflns.pdbx_Rmerge_I_obs            0.141 
_reflns.pdbx_Rsym_value              ? 
_reflns.pdbx_netI_over_sigmaI        10.800 
_reflns.B_iso_Wilson_estimate        ? 
_reflns.pdbx_redundancy              13.800 
_reflns.pdbx_Rrim_I_all              0.146 
_reflns.pdbx_Rpim_I_all              0.040 
_reflns.pdbx_CC_half                 0.999 
_reflns.pdbx_netI_over_av_sigmaI     ? 
_reflns.pdbx_number_measured_all     140622 
_reflns.pdbx_scaling_rejects         0 
_reflns.pdbx_chi_squared             ? 
_reflns.Rmerge_F_all                 ? 
_reflns.Rmerge_F_obs                 ? 
_reflns.observed_criterion_F_max     ? 
_reflns.observed_criterion_F_min     ? 
_reflns.observed_criterion_I_max     ? 
_reflns.observed_criterion_I_min     ? 
_reflns.pdbx_d_res_high_opt          ? 
_reflns.pdbx_d_res_low_opt           ? 
_reflns.details                      ? 
_reflns.pdbx_CC_star                 ? 
# 
loop_
_reflns_shell.pdbx_diffrn_id 
_reflns_shell.pdbx_ordinal 
_reflns_shell.d_res_high 
_reflns_shell.d_res_low 
_reflns_shell.number_measured_obs 
_reflns_shell.number_measured_all 
_reflns_shell.number_unique_obs 
_reflns_shell.pdbx_rejects 
_reflns_shell.Rmerge_I_obs 
_reflns_shell.meanI_over_sigI_obs 
_reflns_shell.pdbx_Rsym_value 
_reflns_shell.pdbx_chi_squared 
_reflns_shell.pdbx_redundancy 
_reflns_shell.percent_possible_obs 
_reflns_shell.pdbx_netI_over_sigmaI_obs 
_reflns_shell.number_possible 
_reflns_shell.number_unique_all 
_reflns_shell.Rmerge_F_all 
_reflns_shell.Rmerge_F_obs 
_reflns_shell.Rmerge_I_all 
_reflns_shell.meanI_over_sigI_all 
_reflns_shell.percent_possible_all 
_reflns_shell.pdbx_Rrim_I_all 
_reflns_shell.pdbx_Rpim_I_all 
_reflns_shell.pdbx_CC_half 
_reflns_shell.pdbx_CC_star 
1 1 1.910 1.960  ? 9796 681 ? 7.310 ? ? ? 14.400 ? 0.300  ? ? ? ? ? ? 98.200 7.580 1.989 0.310 ? 
1 2 8.960 30.660 ? 1202 112 ? 0.110 ? ? ? 10.700 ? 56.400 ? ? ? ? ? ? 98.700 0.115 0.033 1.000 ? 
# 
_refine.entry_id                                 7GAS 
_refine.pdbx_refine_id                           'X-RAY DIFFRACTION' 
_refine.ls_d_res_high                            1.9100 
_refine.ls_d_res_low                             30.6800 
_refine.pdbx_ls_sigma_F                          0.000 
_refine.pdbx_data_cutoff_high_absF               ? 
_refine.pdbx_data_cutoff_low_absF                ? 
_refine.ls_percent_reflns_obs                    97.6400 
_refine.ls_number_reflns_obs                     9624 
_refine.ls_number_reflns_all                     ? 
_refine.pdbx_ls_cross_valid_method               THROUGHOUT 
_refine.ls_matrix_type                           ? 
_refine.pdbx_R_Free_selection_details            RANDOM 
_refine.details                                  
'HYDROGENS HAVE BEEN ADDED IN THE RIDING POSITIONS U VALUES      : REFINED INDIVIDUALLY' 
_refine.ls_R_factor_all                          ? 
_refine.ls_R_factor_obs                          0.2211 
_refine.ls_R_factor_R_work                       0.2189 
_refine.ls_wR_factor_R_work                      ? 
_refine.ls_R_factor_R_free                       0.2756 
_refine.ls_wR_factor_R_free                      ? 
_refine.ls_percent_reflns_R_free                 4.0000 
_refine.ls_number_reflns_R_free                  400 
_refine.ls_number_reflns_R_work                  ? 
_refine.ls_R_factor_R_free_error                 ? 
_refine.B_iso_mean                               54.2170 
_refine.solvent_model_param_bsol                 ? 
_refine.solvent_model_param_ksol                 ? 
_refine.pdbx_isotropic_thermal_model             ? 
_refine.aniso_B[1][1]                            -0.6100 
_refine.aniso_B[2][2]                            -0.6100 
_refine.aniso_B[3][3]                            1.2200 
_refine.aniso_B[1][2]                            0.0000 
_refine.aniso_B[1][3]                            0.0000 
_refine.aniso_B[2][3]                            0.0000 
_refine.correlation_coeff_Fo_to_Fc               0.9550 
_refine.correlation_coeff_Fo_to_Fc_free          0.9280 
_refine.overall_SU_R_Cruickshank_DPI             ? 
_refine.pdbx_overall_SU_R_free_Cruickshank_DPI   ? 
_refine.pdbx_overall_SU_R_Blow_DPI               ? 
_refine.pdbx_overall_SU_R_free_Blow_DPI          ? 
_refine.overall_SU_R_free                        ? 
_refine.pdbx_overall_ESU_R                       0.2270 
_refine.pdbx_overall_ESU_R_Free                  0.1960 
_refine.overall_SU_ML                            0.2410 
_refine.overall_SU_B                             9.0950 
_refine.solvent_model_details                    MASK 
_refine.pdbx_solvent_vdw_probe_radii             1.2000 
_refine.pdbx_solvent_ion_probe_radii             0.8000 
_refine.pdbx_solvent_shrinkage_radii             0.8000 
_refine.ls_number_parameters                     ? 
_refine.ls_number_restraints                     ? 
_refine.pdbx_starting_model                      8Q53 
_refine.pdbx_method_to_determine_struct          'FOURIER SYNTHESIS' 
_refine.pdbx_stereochemistry_target_values       'MAXIMUM LIKELIHOOD' 
_refine.pdbx_stereochem_target_val_spec_case     ? 
_refine.overall_FOM_work_R_set                   ? 
_refine.B_iso_max                                131.110 
_refine.B_iso_min                                27.840 
_refine.pdbx_overall_phase_error                 ? 
_refine.occupancy_max                            ? 
_refine.occupancy_min                            ? 
_refine.pdbx_diffrn_id                           1 
_refine.pdbx_TLS_residual_ADP_flag               ? 
_refine.pdbx_ls_sigma_I                          ? 
_refine.pdbx_data_cutoff_high_rms_absF           ? 
_refine.ls_R_factor_R_free_error_details         ? 
# 
_refine_hist.cycle_id                         final 
_refine_hist.pdbx_refine_id                   'X-RAY DIFFRACTION' 
_refine_hist.d_res_high                       1.9100 
_refine_hist.d_res_low                        30.6800 
_refine_hist.pdbx_number_atoms_ligand         43 
_refine_hist.number_atoms_solvent             93 
_refine_hist.number_atoms_total               1090 
_refine_hist.pdbx_number_residues_total       113 
_refine_hist.pdbx_B_iso_mean_ligand           84.19 
_refine_hist.pdbx_B_iso_mean_solvent          65.22 
_refine_hist.pdbx_number_atoms_protein        954 
_refine_hist.pdbx_number_atoms_nucleic_acid   0 
# 
loop_
_refine_ls_restr.pdbx_refine_id 
_refine_ls_restr.type 
_refine_ls_restr.number 
_refine_ls_restr.dev_ideal 
_refine_ls_restr.dev_ideal_target 
_refine_ls_restr.weight 
_refine_ls_restr.pdbx_restraint_function 
'X-RAY DIFFRACTION' r_bond_refined_d       1348 0.008  0.014  ? ? 
'X-RAY DIFFRACTION' r_bond_other_d         1198 0.001  0.014  ? ? 
'X-RAY DIFFRACTION' r_angle_refined_deg    1646 1.549  1.667  ? ? 
'X-RAY DIFFRACTION' r_angle_other_deg      2748 1.199  1.583  ? ? 
'X-RAY DIFFRACTION' r_dihedral_angle_1_deg 156  6.362  5.000  ? ? 
'X-RAY DIFFRACTION' r_dihedral_angle_2_deg 70   28.003 19.429 ? ? 
'X-RAY DIFFRACTION' r_dihedral_angle_3_deg 224  14.969 15.000 ? ? 
'X-RAY DIFFRACTION' r_dihedral_angle_4_deg 15   24.616 15.000 ? ? 
'X-RAY DIFFRACTION' r_chiral_restr         152  0.070  0.200  ? ? 
'X-RAY DIFFRACTION' r_gen_planes_refined   1415 0.007  0.020  ? ? 
'X-RAY DIFFRACTION' r_gen_planes_other     313  0.002  0.020  ? ? 
'X-RAY DIFFRACTION' r_mcbond_it            625  4.465  5.278  ? ? 
'X-RAY DIFFRACTION' r_mcbond_other         623  4.451  5.271  ? ? 
'X-RAY DIFFRACTION' r_mcangle_it           740  5.910  7.915  ? ? 
# 
_refine_ls_shell.d_res_high                       1.9110 
_refine_ls_shell.d_res_low                        1.9610 
_refine_ls_shell.pdbx_total_number_of_bins_used   20 
_refine_ls_shell.percent_reflns_obs               81.1200 
_refine_ls_shell.number_reflns_R_work             592 
_refine_ls_shell.R_factor_all                     ? 
_refine_ls_shell.R_factor_R_work                  0.4080 
_refine_ls_shell.R_factor_R_free                  0.3690 
_refine_ls_shell.percent_reflns_R_free            ? 
_refine_ls_shell.number_reflns_R_free             31 
_refine_ls_shell.R_factor_R_free_error            ? 
_refine_ls_shell.number_reflns_all                623 
_refine_ls_shell.number_reflns_obs                ? 
_refine_ls_shell.pdbx_refine_id                   'X-RAY DIFFRACTION' 
_refine_ls_shell.R_factor_obs                     ? 
# 
_struct.entry_id                  7GAS 
_struct.title                     'PanDDA analysis group deposition -- Crystal Structure of MAP1LC3B in complex with Z952016136' 
_struct.pdbx_model_details        ? 
_struct.pdbx_CASP_flag            ? 
_struct.pdbx_model_type_details   ? 
# 
_struct_keywords.entry_id        7GAS 
_struct_keywords.text            'SGC - Diamond I04-1 fragment screening, PanDDA, XChemExplorer, STRUCTURAL PROTEIN' 
_struct_keywords.pdbx_keywords   'STRUCTURAL PROTEIN' 
# 
loop_
_struct_asym.id 
_struct_asym.pdbx_blank_PDB_chainid_flag 
_struct_asym.pdbx_modified 
_struct_asym.entity_id 
_struct_asym.details 
A N N 1 ? 
B N N 2 ? 
C N N 3 ? 
D N N 3 ? 
E N N 3 ? 
F N N 3 ? 
G N N 3 ? 
H N N 3 ? 
I N N 3 ? 
J N N 3 ? 
K N N 4 ? 
L N N 5 ? 
# 
_struct_ref.id                         1 
_struct_ref.db_name                    UNP 
_struct_ref.db_code                    MLP3B_HUMAN 
_struct_ref.pdbx_db_accession          Q9GZQ8 
_struct_ref.pdbx_db_isoform            ? 
_struct_ref.entity_id                  1 
_struct_ref.pdbx_seq_one_letter_code   
;MPSEKTFKQRRTFEQRVEDVRLIREQHPTKIPVIIERYKGEKQLPVLDKTKFLVPDHVNMSELIKIIRRRLQLNANQAFF
LLVNGHSMVSVSTPISEVYESEKDEDGFLYMVYASQETFG
;
_struct_ref.pdbx_align_begin           1 
# 
_struct_ref_seq.align_id                      1 
_struct_ref_seq.ref_id                        1 
_struct_ref_seq.pdbx_PDB_id_code              7GAS 
_struct_ref_seq.pdbx_strand_id                A 
_struct_ref_seq.seq_align_beg                 2 
_struct_ref_seq.pdbx_seq_align_beg_ins_code   ? 
_struct_ref_seq.seq_align_end                 121 
_struct_ref_seq.pdbx_seq_align_end_ins_code   ? 
_struct_ref_seq.pdbx_db_accession             Q9GZQ8 
_struct_ref_seq.db_align_beg                  1 
_struct_ref_seq.pdbx_db_align_beg_ins_code    ? 
_struct_ref_seq.db_align_end                  120 
_struct_ref_seq.pdbx_db_align_end_ins_code    ? 
_struct_ref_seq.pdbx_auth_seq_align_beg       1 
_struct_ref_seq.pdbx_auth_seq_align_end       120 
# 
_struct_ref_seq_dif.align_id                     1 
_struct_ref_seq_dif.pdbx_pdb_id_code             7GAS 
_struct_ref_seq_dif.mon_id                       SER 
_struct_ref_seq_dif.pdbx_pdb_strand_id           A 
_struct_ref_seq_dif.seq_num                      1 
_struct_ref_seq_dif.pdbx_pdb_ins_code            ? 
_struct_ref_seq_dif.pdbx_seq_db_name             UNP 
_struct_ref_seq_dif.pdbx_seq_db_accession_code   Q9GZQ8 
_struct_ref_seq_dif.db_mon_id                    ? 
_struct_ref_seq_dif.pdbx_seq_db_seq_num          ? 
_struct_ref_seq_dif.details                      'expression tag' 
_struct_ref_seq_dif.pdbx_auth_seq_num            0 
_struct_ref_seq_dif.pdbx_ordinal                 1 
# 
_pdbx_struct_assembly.id                   1 
_pdbx_struct_assembly.details              author_and_software_defined_assembly 
_pdbx_struct_assembly.method_details       PISA 
_pdbx_struct_assembly.oligomeric_details   monomeric 
_pdbx_struct_assembly.oligomeric_count     1 
# 
_pdbx_struct_assembly_gen.assembly_id       1 
_pdbx_struct_assembly_gen.oper_expression   1 
_pdbx_struct_assembly_gen.asym_id_list      A,B,C,D,E,F,G,H,I,J,K,L 
# 
_pdbx_struct_oper_list.id                   1 
_pdbx_struct_oper_list.type                 'identity operation' 
_pdbx_struct_oper_list.name                 1_555 
_pdbx_struct_oper_list.symmetry_operation   x,y,z 
_pdbx_struct_oper_list.matrix[1][1]         1.0000000000 
_pdbx_struct_oper_list.matrix[1][2]         0.0000000000 
_pdbx_struct_oper_list.matrix[1][3]         0.0000000000 
_pdbx_struct_oper_list.vector[1]            0.0000000000 
_pdbx_struct_oper_list.matrix[2][1]         0.0000000000 
_pdbx_struct_oper_list.matrix[2][2]         1.0000000000 
_pdbx_struct_oper_list.matrix[2][3]         0.0000000000 
_pdbx_struct_oper_list.vector[2]            0.0000000000 
_pdbx_struct_oper_list.matrix[3][1]         0.0000000000 
_pdbx_struct_oper_list.matrix[3][2]         0.0000000000 
_pdbx_struct_oper_list.matrix[3][3]         1.0000000000 
_pdbx_struct_oper_list.vector[3]            0.0000000000 
# 
loop_
_struct_conf.conf_type_id 
_struct_conf.id 
_struct_conf.pdbx_PDB_helix_id 
_struct_conf.beg_label_comp_id 
_struct_conf.beg_label_asym_id 
_struct_conf.beg_label_seq_id 
_struct_conf.pdbx_beg_PDB_ins_code 
_struct_conf.end_label_comp_id 
_struct_conf.end_label_asym_id 
_struct_conf.end_label_seq_id 
_struct_conf.pdbx_end_PDB_ins_code 
_struct_conf.beg_auth_comp_id 
_struct_conf.beg_auth_asym_id 
_struct_conf.beg_auth_seq_id 
_struct_conf.end_auth_comp_id 
_struct_conf.end_auth_asym_id 
_struct_conf.end_auth_seq_id 
_struct_conf.pdbx_PDB_helix_class 
_struct_conf.details 
_struct_conf.pdbx_PDB_helix_length 
HELX_P HELX_P1 AA1 THR A 7  ? ARG A 12  ? THR A 6  ARG A 11  1 ? 6  
HELX_P HELX_P2 AA2 THR A 13 ? HIS A 28  ? THR A 12 HIS A 27  1 ? 16 
HELX_P HELX_P3 AA3 ASN A 60 ? LEU A 72  ? ASN A 59 LEU A 71  1 ? 13 
HELX_P HELX_P4 AA4 PRO A 95 ? LYS A 104 ? PRO A 94 LYS A 103 1 ? 10 
# 
_struct_conf_type.id          HELX_P 
_struct_conf_type.criteria    ? 
_struct_conf_type.reference   ? 
# 
_struct_sheet.id               AA1 
_struct_sheet.type             ? 
_struct_sheet.number_strands   5 
_struct_sheet.details          ? 
# 
loop_
_struct_sheet_order.sheet_id 
_struct_sheet_order.range_id_1 
_struct_sheet_order.range_id_2 
_struct_sheet_order.offset 
_struct_sheet_order.sense 
AA1 1 2 ? anti-parallel 
AA1 2 3 ? parallel      
AA1 3 4 ? anti-parallel 
AA1 4 5 ? anti-parallel 
# 
loop_
_struct_sheet_range.sheet_id 
_struct_sheet_range.id 
_struct_sheet_range.beg_label_comp_id 
_struct_sheet_range.beg_label_asym_id 
_struct_sheet_range.beg_label_seq_id 
_struct_sheet_range.pdbx_beg_PDB_ins_code 
_struct_sheet_range.end_label_comp_id 
_struct_sheet_range.end_label_asym_id 
_struct_sheet_range.end_label_seq_id 
_struct_sheet_range.pdbx_end_PDB_ins_code 
_struct_sheet_range.beg_auth_comp_id 
_struct_sheet_range.beg_auth_asym_id 
_struct_sheet_range.beg_auth_seq_id 
_struct_sheet_range.end_auth_comp_id 
_struct_sheet_range.end_auth_asym_id 
_struct_sheet_range.end_auth_seq_id 
AA1 1 LYS A 52  ? PRO A 56  ? LYS A 51  PRO A 55  
AA1 2 LYS A 31  ? ARG A 38  ? LYS A 30  ARG A 37  
AA1 3 LEU A 110 ? ALA A 115 ? LEU A 109 ALA A 114 
AA1 4 PHE A 81  ? VAL A 84  ? PHE A 80  VAL A 83  
AA1 5 HIS A 87  ? SER A 88  ? HIS A 86  SER A 87  
# 
loop_
_pdbx_struct_sheet_hbond.sheet_id 
_pdbx_struct_sheet_hbond.range_id_1 
_pdbx_struct_sheet_hbond.range_id_2 
_pdbx_struct_sheet_hbond.range_1_label_atom_id 
_pdbx_struct_sheet_hbond.range_1_label_comp_id 
_pdbx_struct_sheet_hbond.range_1_label_asym_id 
_pdbx_struct_sheet_hbond.range_1_label_seq_id 
_pdbx_struct_sheet_hbond.range_1_PDB_ins_code 
_pdbx_struct_sheet_hbond.range_1_auth_atom_id 
_pdbx_struct_sheet_hbond.range_1_auth_comp_id 
_pdbx_struct_sheet_hbond.range_1_auth_asym_id 
_pdbx_struct_sheet_hbond.range_1_auth_seq_id 
_pdbx_struct_sheet_hbond.range_2_label_atom_id 
_pdbx_struct_sheet_hbond.range_2_label_comp_id 
_pdbx_struct_sheet_hbond.range_2_label_asym_id 
_pdbx_struct_sheet_hbond.range_2_label_seq_id 
_pdbx_struct_sheet_hbond.range_2_PDB_ins_code 
_pdbx_struct_sheet_hbond.range_2_auth_atom_id 
_pdbx_struct_sheet_hbond.range_2_auth_comp_id 
_pdbx_struct_sheet_hbond.range_2_auth_asym_id 
_pdbx_struct_sheet_hbond.range_2_auth_seq_id 
AA1 1 2 O PHE A 53  ? O PHE A 52  N VAL A 34  ? N VAL A 33  
AA1 2 3 N ILE A 35  ? N ILE A 34  O MET A 112 ? O MET A 111 
AA1 3 4 O VAL A 113 ? O VAL A 112 N LEU A 83  ? N LEU A 82  
AA1 4 5 N VAL A 84  ? N VAL A 83  O HIS A 87  ? O HIS A 86  
# 
_pdbx_entry_details.entry_id                   7GAS 
_pdbx_entry_details.compound_details           ? 
_pdbx_entry_details.source_details             ? 
_pdbx_entry_details.nonpolymer_details         ? 
_pdbx_entry_details.sequence_details           ? 
_pdbx_entry_details.has_ligand_of_interest     Y 
_pdbx_entry_details.has_protein_modification   ? 
# 
loop_
_pdbx_validate_close_contact.id 
_pdbx_validate_close_contact.PDB_model_num 
_pdbx_validate_close_contact.auth_atom_id_1 
_pdbx_validate_close_contact.auth_asym_id_1 
_pdbx_validate_close_contact.auth_comp_id_1 
_pdbx_validate_close_contact.auth_seq_id_1 
_pdbx_validate_close_contact.PDB_ins_code_1 
_pdbx_validate_close_contact.label_alt_id_1 
_pdbx_validate_close_contact.auth_atom_id_2 
_pdbx_validate_close_contact.auth_asym_id_2 
_pdbx_validate_close_contact.auth_comp_id_2 
_pdbx_validate_close_contact.auth_seq_id_2 
_pdbx_validate_close_contact.PDB_ins_code_2 
_pdbx_validate_close_contact.label_alt_id_2 
_pdbx_validate_close_contact.dist 
1 1 O   A HOH 367 ? ? O A HOH 373 ? ? 1.90 
2 1 O   A HOH 349 ? ? O A HOH 362 ? ? 1.92 
3 1 O   A HOH 324 ? ? O A HOH 371 ? ? 1.96 
4 1 O   A HOH 364 ? ? O A HOH 388 ? ? 2.00 
5 1 OG1 A THR 6   ? ? O A HOH 301 ? ? 2.05 
6 1 O   A HOH 325 ? ? O A HOH 346 ? ? 2.17 
7 1 O   A HOH 312 ? ? O A HOH 385 ? ? 2.18 
# 
_phasing.method   MR 
# 
loop_
_pdbx_unobs_or_zero_occ_residues.id 
_pdbx_unobs_or_zero_occ_residues.PDB_model_num 
_pdbx_unobs_or_zero_occ_residues.polymer_flag 
_pdbx_unobs_or_zero_occ_residues.occupancy_flag 
_pdbx_unobs_or_zero_occ_residues.auth_asym_id 
_pdbx_unobs_or_zero_occ_residues.auth_comp_id 
_pdbx_unobs_or_zero_occ_residues.auth_seq_id 
_pdbx_unobs_or_zero_occ_residues.PDB_ins_code 
_pdbx_unobs_or_zero_occ_residues.label_asym_id 
_pdbx_unobs_or_zero_occ_residues.label_comp_id 
_pdbx_unobs_or_zero_occ_residues.label_seq_id 
1 1 Y 1 A SER 0   ? A SER 1   
2 1 Y 1 A MET 1   ? A MET 2   
3 1 Y 1 A PRO 2   ? A PRO 3   
4 1 Y 1 A SER 3   ? A SER 4   
5 1 Y 1 A GLU 4   ? A GLU 5   
6 1 Y 1 A GLY 120 ? A GLY 121 
# 
loop_
_chem_comp_atom.comp_id 
_chem_comp_atom.atom_id 
_chem_comp_atom.type_symbol 
_chem_comp_atom.pdbx_aromatic_flag 
_chem_comp_atom.pdbx_stereo_config 
_chem_comp_atom.pdbx_ordinal 
ALA N    N  N N 1   
ALA CA   C  N S 2   
ALA C    C  N N 3   
ALA O    O  N N 4   
ALA CB   C  N N 5   
ALA OXT  O  N N 6   
ALA H    H  N N 7   
ALA H2   H  N N 8   
ALA HA   H  N N 9   
ALA HB1  H  N N 10  
ALA HB2  H  N N 11  
ALA HB3  H  N N 12  
ALA HXT  H  N N 13  
ARG N    N  N N 14  
ARG CA   C  N S 15  
ARG C    C  N N 16  
ARG O    O  N N 17  
ARG CB   C  N N 18  
ARG CG   C  N N 19  
ARG CD   C  N N 20  
ARG NE   N  N N 21  
ARG CZ   C  N N 22  
ARG NH1  N  N N 23  
ARG NH2  N  N N 24  
ARG OXT  O  N N 25  
ARG H    H  N N 26  
ARG H2   H  N N 27  
ARG HA   H  N N 28  
ARG HB2  H  N N 29  
ARG HB3  H  N N 30  
ARG HG2  H  N N 31  
ARG HG3  H  N N 32  
ARG HD2  H  N N 33  
ARG HD3  H  N N 34  
ARG HE   H  N N 35  
ARG HH11 H  N N 36  
ARG HH12 H  N N 37  
ARG HH21 H  N N 38  
ARG HH22 H  N N 39  
ARG HXT  H  N N 40  
ASN N    N  N N 41  
ASN CA   C  N S 42  
ASN C    C  N N 43  
ASN O    O  N N 44  
ASN CB   C  N N 45  
ASN CG   C  N N 46  
ASN OD1  O  N N 47  
ASN ND2  N  N N 48  
ASN OXT  O  N N 49  
ASN H    H  N N 50  
ASN H2   H  N N 51  
ASN HA   H  N N 52  
ASN HB2  H  N N 53  
ASN HB3  H  N N 54  
ASN HD21 H  N N 55  
ASN HD22 H  N N 56  
ASN HXT  H  N N 57  
ASP N    N  N N 58  
ASP CA   C  N S 59  
ASP C    C  N N 60  
ASP O    O  N N 61  
ASP CB   C  N N 62  
ASP CG   C  N N 63  
ASP OD1  O  N N 64  
ASP OD2  O  N N 65  
ASP OXT  O  N N 66  
ASP H    H  N N 67  
ASP H2   H  N N 68  
ASP HA   H  N N 69  
ASP HB2  H  N N 70  
ASP HB3  H  N N 71  
ASP HD2  H  N N 72  
ASP HXT  H  N N 73  
CL  CL   CL N N 74  
EDO C1   C  N N 75  
EDO O1   O  N N 76  
EDO C2   C  N N 77  
EDO O2   O  N N 78  
EDO H11  H  N N 79  
EDO H12  H  N N 80  
EDO HO1  H  N N 81  
EDO H21  H  N N 82  
EDO H22  H  N N 83  
EDO HO2  H  N N 84  
GLN N    N  N N 85  
GLN CA   C  N S 86  
GLN C    C  N N 87  
GLN O    O  N N 88  
GLN CB   C  N N 89  
GLN CG   C  N N 90  
GLN CD   C  N N 91  
GLN OE1  O  N N 92  
GLN NE2  N  N N 93  
GLN OXT  O  N N 94  
GLN H    H  N N 95  
GLN H2   H  N N 96  
GLN HA   H  N N 97  
GLN HB2  H  N N 98  
GLN HB3  H  N N 99  
GLN HG2  H  N N 100 
GLN HG3  H  N N 101 
GLN HE21 H  N N 102 
GLN HE22 H  N N 103 
GLN HXT  H  N N 104 
GLU N    N  N N 105 
GLU CA   C  N S 106 
GLU C    C  N N 107 
GLU O    O  N N 108 
GLU CB   C  N N 109 
GLU CG   C  N N 110 
GLU CD   C  N N 111 
GLU OE1  O  N N 112 
GLU OE2  O  N N 113 
GLU OXT  O  N N 114 
GLU H    H  N N 115 
GLU H2   H  N N 116 
GLU HA   H  N N 117 
GLU HB2  H  N N 118 
GLU HB3  H  N N 119 
GLU HG2  H  N N 120 
GLU HG3  H  N N 121 
GLU HE2  H  N N 122 
GLU HXT  H  N N 123 
GLY N    N  N N 124 
GLY CA   C  N N 125 
GLY C    C  N N 126 
GLY O    O  N N 127 
GLY OXT  O  N N 128 
GLY H    H  N N 129 
GLY H2   H  N N 130 
GLY HA2  H  N N 131 
GLY HA3  H  N N 132 
GLY HXT  H  N N 133 
HIS N    N  N N 134 
HIS CA   C  N S 135 
HIS C    C  N N 136 
HIS O    O  N N 137 
HIS CB   C  N N 138 
HIS CG   C  Y N 139 
HIS ND1  N  Y N 140 
HIS CD2  C  Y N 141 
HIS CE1  C  Y N 142 
HIS NE2  N  Y N 143 
HIS OXT  O  N N 144 
HIS H    H  N N 145 
HIS H2   H  N N 146 
HIS HA   H  N N 147 
HIS HB2  H  N N 148 
HIS HB3  H  N N 149 
HIS HD1  H  N N 150 
HIS HD2  H  N N 151 
HIS HE1  H  N N 152 
HIS HE2  H  N N 153 
HIS HXT  H  N N 154 
HOH O    O  N N 155 
HOH H1   H  N N 156 
HOH H2   H  N N 157 
ILE N    N  N N 158 
ILE CA   C  N S 159 
ILE C    C  N N 160 
ILE O    O  N N 161 
ILE CB   C  N S 162 
ILE CG1  C  N N 163 
ILE CG2  C  N N 164 
ILE CD1  C  N N 165 
ILE OXT  O  N N 166 
ILE H    H  N N 167 
ILE H2   H  N N 168 
ILE HA   H  N N 169 
ILE HB   H  N N 170 
ILE HG12 H  N N 171 
ILE HG13 H  N N 172 
ILE HG21 H  N N 173 
ILE HG22 H  N N 174 
ILE HG23 H  N N 175 
ILE HD11 H  N N 176 
ILE HD12 H  N N 177 
ILE HD13 H  N N 178 
ILE HXT  H  N N 179 
KBU N1   N  Y N 180 
KBU C4   C  Y N 181 
KBU C5   C  Y N 182 
KBU C6   C  Y N 183 
KBU C7   C  Y N 184 
KBU C1   C  Y N 185 
KBU C2   C  Y N 186 
KBU C3   C  Y N 187 
KBU N2   N  Y N 188 
KBU CL1  CL N N 189 
KBU H1   H  N N 190 
KBU H2   H  N N 191 
KBU H3   H  N N 192 
KBU H4   H  N N 193 
KBU H5   H  N N 194 
LEU N    N  N N 195 
LEU CA   C  N S 196 
LEU C    C  N N 197 
LEU O    O  N N 198 
LEU CB   C  N N 199 
LEU CG   C  N N 200 
LEU CD1  C  N N 201 
LEU CD2  C  N N 202 
LEU OXT  O  N N 203 
LEU H    H  N N 204 
LEU H2   H  N N 205 
LEU HA   H  N N 206 
LEU HB2  H  N N 207 
LEU HB3  H  N N 208 
LEU HG   H  N N 209 
LEU HD11 H  N N 210 
LEU HD12 H  N N 211 
LEU HD13 H  N N 212 
LEU HD21 H  N N 213 
LEU HD22 H  N N 214 
LEU HD23 H  N N 215 
LEU HXT  H  N N 216 
LYS N    N  N N 217 
LYS CA   C  N S 218 
LYS C    C  N N 219 
LYS O    O  N N 220 
LYS CB   C  N N 221 
LYS CG   C  N N 222 
LYS CD   C  N N 223 
LYS CE   C  N N 224 
LYS NZ   N  N N 225 
LYS OXT  O  N N 226 
LYS H    H  N N 227 
LYS H2   H  N N 228 
LYS HA   H  N N 229 
LYS HB2  H  N N 230 
LYS HB3  H  N N 231 
LYS HG2  H  N N 232 
LYS HG3  H  N N 233 
LYS HD2  H  N N 234 
LYS HD3  H  N N 235 
LYS HE2  H  N N 236 
LYS HE3  H  N N 237 
LYS HZ1  H  N N 238 
LYS HZ2  H  N N 239 
LYS HZ3  H  N N 240 
LYS HXT  H  N N 241 
MET N    N  N N 242 
MET CA   C  N S 243 
MET C    C  N N 244 
MET O    O  N N 245 
MET CB   C  N N 246 
MET CG   C  N N 247 
MET SD   S  N N 248 
MET CE   C  N N 249 
MET OXT  O  N N 250 
MET H    H  N N 251 
MET H2   H  N N 252 
MET HA   H  N N 253 
MET HB2  H  N N 254 
MET HB3  H  N N 255 
MET HG2  H  N N 256 
MET HG3  H  N N 257 
MET HE1  H  N N 258 
MET HE2  H  N N 259 
MET HE3  H  N N 260 
MET HXT  H  N N 261 
PHE N    N  N N 262 
PHE CA   C  N S 263 
PHE C    C  N N 264 
PHE O    O  N N 265 
PHE CB   C  N N 266 
PHE CG   C  Y N 267 
PHE CD1  C  Y N 268 
PHE CD2  C  Y N 269 
PHE CE1  C  Y N 270 
PHE CE2  C  Y N 271 
PHE CZ   C  Y N 272 
PHE OXT  O  N N 273 
PHE H    H  N N 274 
PHE H2   H  N N 275 
PHE HA   H  N N 276 
PHE HB2  H  N N 277 
PHE HB3  H  N N 278 
PHE HD1  H  N N 279 
PHE HD2  H  N N 280 
PHE HE1  H  N N 281 
PHE HE2  H  N N 282 
PHE HZ   H  N N 283 
PHE HXT  H  N N 284 
PRO N    N  N N 285 
PRO CA   C  N S 286 
PRO C    C  N N 287 
PRO O    O  N N 288 
PRO CB   C  N N 289 
PRO CG   C  N N 290 
PRO CD   C  N N 291 
PRO OXT  O  N N 292 
PRO H    H  N N 293 
PRO HA   H  N N 294 
PRO HB2  H  N N 295 
PRO HB3  H  N N 296 
PRO HG2  H  N N 297 
PRO HG3  H  N N 298 
PRO HD2  H  N N 299 
PRO HD3  H  N N 300 
PRO HXT  H  N N 301 
SER N    N  N N 302 
SER CA   C  N S 303 
SER C    C  N N 304 
SER O    O  N N 305 
SER CB   C  N N 306 
SER OG   O  N N 307 
SER OXT  O  N N 308 
SER H    H  N N 309 
SER H2   H  N N 310 
SER HA   H  N N 311 
SER HB2  H  N N 312 
SER HB3  H  N N 313 
SER HG   H  N N 314 
SER HXT  H  N N 315 
THR N    N  N N 316 
THR CA   C  N S 317 
THR C    C  N N 318 
THR O    O  N N 319 
THR CB   C  N R 320 
THR OG1  O  N N 321 
THR CG2  C  N N 322 
THR OXT  O  N N 323 
THR H    H  N N 324 
THR H2   H  N N 325 
THR HA   H  N N 326 
THR HB   H  N N 327 
THR HG1  H  N N 328 
THR HG21 H  N N 329 
THR HG22 H  N N 330 
THR HG23 H  N N 331 
THR HXT  H  N N 332 
TYR N    N  N N 333 
TYR CA   C  N S 334 
TYR C    C  N N 335 
TYR O    O  N N 336 
TYR CB   C  N N 337 
TYR CG   C  Y N 338 
TYR CD1  C  Y N 339 
TYR CD2  C  Y N 340 
TYR CE1  C  Y N 341 
TYR CE2  C  Y N 342 
TYR CZ   C  Y N 343 
TYR OH   O  N N 344 
TYR OXT  O  N N 345 
TYR H    H  N N 346 
TYR H2   H  N N 347 
TYR HA   H  N N 348 
TYR HB2  H  N N 349 
TYR HB3  H  N N 350 
TYR HD1  H  N N 351 
TYR HD2  H  N N 352 
TYR HE1  H  N N 353 
TYR HE2  H  N N 354 
TYR HH   H  N N 355 
TYR HXT  H  N N 356 
VAL N    N  N N 357 
VAL CA   C  N S 358 
VAL C    C  N N 359 
VAL O    O  N N 360 
VAL CB   C  N N 361 
VAL CG1  C  N N 362 
VAL CG2  C  N N 363 
VAL OXT  O  N N 364 
VAL H    H  N N 365 
VAL H2   H  N N 366 
VAL HA   H  N N 367 
VAL HB   H  N N 368 
VAL HG11 H  N N 369 
VAL HG12 H  N N 370 
VAL HG13 H  N N 371 
VAL HG21 H  N N 372 
VAL HG22 H  N N 373 
VAL HG23 H  N N 374 
VAL HXT  H  N N 375 
# 
loop_
_chem_comp_bond.comp_id 
_chem_comp_bond.atom_id_1 
_chem_comp_bond.atom_id_2 
_chem_comp_bond.value_order 
_chem_comp_bond.pdbx_aromatic_flag 
_chem_comp_bond.pdbx_stereo_config 
_chem_comp_bond.pdbx_ordinal 
ALA N   CA   sing N N 1   
ALA N   H    sing N N 2   
ALA N   H2   sing N N 3   
ALA CA  C    sing N N 4   
ALA CA  CB   sing N N 5   
ALA CA  HA   sing N N 6   
ALA C   O    doub N N 7   
ALA C   OXT  sing N N 8   
ALA CB  HB1  sing N N 9   
ALA CB  HB2  sing N N 10  
ALA CB  HB3  sing N N 11  
ALA OXT HXT  sing N N 12  
ARG N   CA   sing N N 13  
ARG N   H    sing N N 14  
ARG N   H2   sing N N 15  
ARG CA  C    sing N N 16  
ARG CA  CB   sing N N 17  
ARG CA  HA   sing N N 18  
ARG C   O    doub N N 19  
ARG C   OXT  sing N N 20  
ARG CB  CG   sing N N 21  
ARG CB  HB2  sing N N 22  
ARG CB  HB3  sing N N 23  
ARG CG  CD   sing N N 24  
ARG CG  HG2  sing N N 25  
ARG CG  HG3  sing N N 26  
ARG CD  NE   sing N N 27  
ARG CD  HD2  sing N N 28  
ARG CD  HD3  sing N N 29  
ARG NE  CZ   sing N N 30  
ARG NE  HE   sing N N 31  
ARG CZ  NH1  sing N N 32  
ARG CZ  NH2  doub N N 33  
ARG NH1 HH11 sing N N 34  
ARG NH1 HH12 sing N N 35  
ARG NH2 HH21 sing N N 36  
ARG NH2 HH22 sing N N 37  
ARG OXT HXT  sing N N 38  
ASN N   CA   sing N N 39  
ASN N   H    sing N N 40  
ASN N   H2   sing N N 41  
ASN CA  C    sing N N 42  
ASN CA  CB   sing N N 43  
ASN CA  HA   sing N N 44  
ASN C   O    doub N N 45  
ASN C   OXT  sing N N 46  
ASN CB  CG   sing N N 47  
ASN CB  HB2  sing N N 48  
ASN CB  HB3  sing N N 49  
ASN CG  OD1  doub N N 50  
ASN CG  ND2  sing N N 51  
ASN ND2 HD21 sing N N 52  
ASN ND2 HD22 sing N N 53  
ASN OXT HXT  sing N N 54  
ASP N   CA   sing N N 55  
ASP N   H    sing N N 56  
ASP N   H2   sing N N 57  
ASP CA  C    sing N N 58  
ASP CA  CB   sing N N 59  
ASP CA  HA   sing N N 60  
ASP C   O    doub N N 61  
ASP C   OXT  sing N N 62  
ASP CB  CG   sing N N 63  
ASP CB  HB2  sing N N 64  
ASP CB  HB3  sing N N 65  
ASP CG  OD1  doub N N 66  
ASP CG  OD2  sing N N 67  
ASP OD2 HD2  sing N N 68  
ASP OXT HXT  sing N N 69  
EDO C1  O1   sing N N 70  
EDO C1  C2   sing N N 71  
EDO C1  H11  sing N N 72  
EDO C1  H12  sing N N 73  
EDO O1  HO1  sing N N 74  
EDO C2  O2   sing N N 75  
EDO C2  H21  sing N N 76  
EDO C2  H22  sing N N 77  
EDO O2  HO2  sing N N 78  
GLN N   CA   sing N N 79  
GLN N   H    sing N N 80  
GLN N   H2   sing N N 81  
GLN CA  C    sing N N 82  
GLN CA  CB   sing N N 83  
GLN CA  HA   sing N N 84  
GLN C   O    doub N N 85  
GLN C   OXT  sing N N 86  
GLN CB  CG   sing N N 87  
GLN CB  HB2  sing N N 88  
GLN CB  HB3  sing N N 89  
GLN CG  CD   sing N N 90  
GLN CG  HG2  sing N N 91  
GLN CG  HG3  sing N N 92  
GLN CD  OE1  doub N N 93  
GLN CD  NE2  sing N N 94  
GLN NE2 HE21 sing N N 95  
GLN NE2 HE22 sing N N 96  
GLN OXT HXT  sing N N 97  
GLU N   CA   sing N N 98  
GLU N   H    sing N N 99  
GLU N   H2   sing N N 100 
GLU CA  C    sing N N 101 
GLU CA  CB   sing N N 102 
GLU CA  HA   sing N N 103 
GLU C   O    doub N N 104 
GLU C   OXT  sing N N 105 
GLU CB  CG   sing N N 106 
GLU CB  HB2  sing N N 107 
GLU CB  HB3  sing N N 108 
GLU CG  CD   sing N N 109 
GLU CG  HG2  sing N N 110 
GLU CG  HG3  sing N N 111 
GLU CD  OE1  doub N N 112 
GLU CD  OE2  sing N N 113 
GLU OE2 HE2  sing N N 114 
GLU OXT HXT  sing N N 115 
GLY N   CA   sing N N 116 
GLY N   H    sing N N 117 
GLY N   H2   sing N N 118 
GLY CA  C    sing N N 119 
GLY CA  HA2  sing N N 120 
GLY CA  HA3  sing N N 121 
GLY C   O    doub N N 122 
GLY C   OXT  sing N N 123 
GLY OXT HXT  sing N N 124 
HIS N   CA   sing N N 125 
HIS N   H    sing N N 126 
HIS N   H2   sing N N 127 
HIS CA  C    sing N N 128 
HIS CA  CB   sing N N 129 
HIS CA  HA   sing N N 130 
HIS C   O    doub N N 131 
HIS C   OXT  sing N N 132 
HIS CB  CG   sing N N 133 
HIS CB  HB2  sing N N 134 
HIS CB  HB3  sing N N 135 
HIS CG  ND1  sing Y N 136 
HIS CG  CD2  doub Y N 137 
HIS ND1 CE1  doub Y N 138 
HIS ND1 HD1  sing N N 139 
HIS CD2 NE2  sing Y N 140 
HIS CD2 HD2  sing N N 141 
HIS CE1 NE2  sing Y N 142 
HIS CE1 HE1  sing N N 143 
HIS NE2 HE2  sing N N 144 
HIS OXT HXT  sing N N 145 
HOH O   H1   sing N N 146 
HOH O   H2   sing N N 147 
ILE N   CA   sing N N 148 
ILE N   H    sing N N 149 
ILE N   H2   sing N N 150 
ILE CA  C    sing N N 151 
ILE CA  CB   sing N N 152 
ILE CA  HA   sing N N 153 
ILE C   O    doub N N 154 
ILE C   OXT  sing N N 155 
ILE CB  CG1  sing N N 156 
ILE CB  CG2  sing N N 157 
ILE CB  HB   sing N N 158 
ILE CG1 CD1  sing N N 159 
ILE CG1 HG12 sing N N 160 
ILE CG1 HG13 sing N N 161 
ILE CG2 HG21 sing N N 162 
ILE CG2 HG22 sing N N 163 
ILE CG2 HG23 sing N N 164 
ILE CD1 HD11 sing N N 165 
ILE CD1 HD12 sing N N 166 
ILE CD1 HD13 sing N N 167 
ILE OXT HXT  sing N N 168 
KBU C6  N1   sing Y N 169 
KBU C6  N2   doub Y N 170 
KBU N1  C5   sing Y N 171 
KBU N2  C7   sing Y N 172 
KBU C5  C7   doub Y N 173 
KBU C5  C4   sing Y N 174 
KBU C7  C1   sing Y N 175 
KBU C4  C3   doub Y N 176 
KBU C1  CL1  sing N N 177 
KBU C1  C2   doub Y N 178 
KBU C3  C2   sing Y N 179 
KBU N1  H1   sing N N 180 
KBU C4  H2   sing N N 181 
KBU C6  H3   sing N N 182 
KBU C2  H4   sing N N 183 
KBU C3  H5   sing N N 184 
LEU N   CA   sing N N 185 
LEU N   H    sing N N 186 
LEU N   H2   sing N N 187 
LEU CA  C    sing N N 188 
LEU CA  CB   sing N N 189 
LEU CA  HA   sing N N 190 
LEU C   O    doub N N 191 
LEU C   OXT  sing N N 192 
LEU CB  CG   sing N N 193 
LEU CB  HB2  sing N N 194 
LEU CB  HB3  sing N N 195 
LEU CG  CD1  sing N N 196 
LEU CG  CD2  sing N N 197 
LEU CG  HG   sing N N 198 
LEU CD1 HD11 sing N N 199 
LEU CD1 HD12 sing N N 200 
LEU CD1 HD13 sing N N 201 
LEU CD2 HD21 sing N N 202 
LEU CD2 HD22 sing N N 203 
LEU CD2 HD23 sing N N 204 
LEU OXT HXT  sing N N 205 
LYS N   CA   sing N N 206 
LYS N   H    sing N N 207 
LYS N   H2   sing N N 208 
LYS CA  C    sing N N 209 
LYS CA  CB   sing N N 210 
LYS CA  HA   sing N N 211 
LYS C   O    doub N N 212 
LYS C   OXT  sing N N 213 
LYS CB  CG   sing N N 214 
LYS CB  HB2  sing N N 215 
LYS CB  HB3  sing N N 216 
LYS CG  CD   sing N N 217 
LYS CG  HG2  sing N N 218 
LYS CG  HG3  sing N N 219 
LYS CD  CE   sing N N 220 
LYS CD  HD2  sing N N 221 
LYS CD  HD3  sing N N 222 
LYS CE  NZ   sing N N 223 
LYS CE  HE2  sing N N 224 
LYS CE  HE3  sing N N 225 
LYS NZ  HZ1  sing N N 226 
LYS NZ  HZ2  sing N N 227 
LYS NZ  HZ3  sing N N 228 
LYS OXT HXT  sing N N 229 
MET N   CA   sing N N 230 
MET N   H    sing N N 231 
MET N   H2   sing N N 232 
MET CA  C    sing N N 233 
MET CA  CB   sing N N 234 
MET CA  HA   sing N N 235 
MET C   O    doub N N 236 
MET C   OXT  sing N N 237 
MET CB  CG   sing N N 238 
MET CB  HB2  sing N N 239 
MET CB  HB3  sing N N 240 
MET CG  SD   sing N N 241 
MET CG  HG2  sing N N 242 
MET CG  HG3  sing N N 243 
MET SD  CE   sing N N 244 
MET CE  HE1  sing N N 245 
MET CE  HE2  sing N N 246 
MET CE  HE3  sing N N 247 
MET OXT HXT  sing N N 248 
PHE N   CA   sing N N 249 
PHE N   H    sing N N 250 
PHE N   H2   sing N N 251 
PHE CA  C    sing N N 252 
PHE CA  CB   sing N N 253 
PHE CA  HA   sing N N 254 
PHE C   O    doub N N 255 
PHE C   OXT  sing N N 256 
PHE CB  CG   sing N N 257 
PHE CB  HB2  sing N N 258 
PHE CB  HB3  sing N N 259 
PHE CG  CD1  doub Y N 260 
PHE CG  CD2  sing Y N 261 
PHE CD1 CE1  sing Y N 262 
PHE CD1 HD1  sing N N 263 
PHE CD2 CE2  doub Y N 264 
PHE CD2 HD2  sing N N 265 
PHE CE1 CZ   doub Y N 266 
PHE CE1 HE1  sing N N 267 
PHE CE2 CZ   sing Y N 268 
PHE CE2 HE2  sing N N 269 
PHE CZ  HZ   sing N N 270 
PHE OXT HXT  sing N N 271 
PRO N   CA   sing N N 272 
PRO N   CD   sing N N 273 
PRO N   H    sing N N 274 
PRO CA  C    sing N N 275 
PRO CA  CB   sing N N 276 
PRO CA  HA   sing N N 277 
PRO C   O    doub N N 278 
PRO C   OXT  sing N N 279 
PRO CB  CG   sing N N 280 
PRO CB  HB2  sing N N 281 
PRO CB  HB3  sing N N 282 
PRO CG  CD   sing N N 283 
PRO CG  HG2  sing N N 284 
PRO CG  HG3  sing N N 285 
PRO CD  HD2  sing N N 286 
PRO CD  HD3  sing N N 287 
PRO OXT HXT  sing N N 288 
SER N   CA   sing N N 289 
SER N   H    sing N N 290 
SER N   H2   sing N N 291 
SER CA  C    sing N N 292 
SER CA  CB   sing N N 293 
SER CA  HA   sing N N 294 
SER C   O    doub N N 295 
SER C   OXT  sing N N 296 
SER CB  OG   sing N N 297 
SER CB  HB2  sing N N 298 
SER CB  HB3  sing N N 299 
SER OG  HG   sing N N 300 
SER OXT HXT  sing N N 301 
THR N   CA   sing N N 302 
THR N   H    sing N N 303 
THR N   H2   sing N N 304 
THR CA  C    sing N N 305 
THR CA  CB   sing N N 306 
THR CA  HA   sing N N 307 
THR C   O    doub N N 308 
THR C   OXT  sing N N 309 
THR CB  OG1  sing N N 310 
THR CB  CG2  sing N N 311 
THR CB  HB   sing N N 312 
THR OG1 HG1  sing N N 313 
THR CG2 HG21 sing N N 314 
THR CG2 HG22 sing N N 315 
THR CG2 HG23 sing N N 316 
THR OXT HXT  sing N N 317 
TYR N   CA   sing N N 318 
TYR N   H    sing N N 319 
TYR N   H2   sing N N 320 
TYR CA  C    sing N N 321 
TYR CA  CB   sing N N 322 
TYR CA  HA   sing N N 323 
TYR C   O    doub N N 324 
TYR C   OXT  sing N N 325 
TYR CB  CG   sing N N 326 
TYR CB  HB2  sing N N 327 
TYR CB  HB3  sing N N 328 
TYR CG  CD1  doub Y N 329 
TYR CG  CD2  sing Y N 330 
TYR CD1 CE1  sing Y N 331 
TYR CD1 HD1  sing N N 332 
TYR CD2 CE2  doub Y N 333 
TYR CD2 HD2  sing N N 334 
TYR CE1 CZ   doub Y N 335 
TYR CE1 HE1  sing N N 336 
TYR CE2 CZ   sing Y N 337 
TYR CE2 HE2  sing N N 338 
TYR CZ  OH   sing N N 339 
TYR OH  HH   sing N N 340 
TYR OXT HXT  sing N N 341 
VAL N   CA   sing N N 342 
VAL N   H    sing N N 343 
VAL N   H2   sing N N 344 
VAL CA  C    sing N N 345 
VAL CA  CB   sing N N 346 
VAL CA  HA   sing N N 347 
VAL C   O    doub N N 348 
VAL C   OXT  sing N N 349 
VAL CB  CG1  sing N N 350 
VAL CB  CG2  sing N N 351 
VAL CB  HB   sing N N 352 
VAL CG1 HG11 sing N N 353 
VAL CG1 HG12 sing N N 354 
VAL CG1 HG13 sing N N 355 
VAL CG2 HG21 sing N N 356 
VAL CG2 HG22 sing N N 357 
VAL CG2 HG23 sing N N 358 
VAL OXT HXT  sing N N 359 
# 
_pdbx_audit_support.ordinal                1 
_pdbx_audit_support.funding_organization   'European Union (EU)' 
_pdbx_audit_support.grant_number           875510 
_pdbx_audit_support.country                'European Union' 
# 
_pdbx_deposit_group.group_id            G_1002273 
_pdbx_deposit_group.group_description   
;MAP1LC3B screened against the DSi-poised Fragment Library by X-ray Crystallography at the XChem facility of Diamond Light Source beamline I04-1
;
_pdbx_deposit_group.group_title         'PanDDA analysis group deposition' 
_pdbx_deposit_group.group_type          'changed state' 
# 
_atom_sites.entry_id                    7GAS 
_atom_sites.fract_transf_matrix[1][1]   -0.00412619 
_atom_sites.fract_transf_matrix[1][2]   0.00016495 
_atom_sites.fract_transf_matrix[1][3]   0.01590568 
_atom_sites.fract_transf_matrix[2][1]   0.01491315 
_atom_sites.fract_transf_matrix[2][2]   -0.00567587 
_atom_sites.fract_transf_matrix[2][3]   0.00392758 
_atom_sites.fract_transf_matrix[3][1]   0.00948581 
_atom_sites.fract_transf_matrix[3][2]   0.02643671 
_atom_sites.fract_transf_matrix[3][3]   0.00218661 
_atom_sites.fract_transf_vector[1]      0.185389 
_atom_sites.fract_transf_vector[2]      -0.380032 
_atom_sites.fract_transf_vector[3]      0.022022 
# 
loop_
_atom_type.symbol 
C  
CL 
N  
O  
S  
# 
loop_
_atom_site.group_PDB 
_atom_site.id 
_atom_site.type_symbol 
_atom_site.label_atom_id 
_atom_site.label_alt_id 
_atom_site.label_comp_id 
_atom_site.label_asym_id 
_atom_site.label_entity_id 
_atom_site.label_seq_id 
_atom_site.pdbx_PDB_ins_code 
_atom_site.Cartn_x 
_atom_site.Cartn_y 
_atom_site.Cartn_z 
_atom_site.occupancy 
_atom_site.B_iso_or_equiv 
_atom_site.pdbx_formal_charge 
_atom_site.auth_seq_id 
_atom_site.auth_comp_id 
_atom_site.auth_asym_id 
_atom_site.auth_atom_id 
_atom_site.pdbx_PDB_model_num 
ATOM   1    N  N   . LYS A 1 6   ? 6.036   -13.552 -8.769  1.00 88.55  ? 5   LYS A N   1 
ATOM   2    C  CA  . LYS A 1 6   ? 6.702   -12.746 -7.697  1.00 89.77  ? 5   LYS A CA  1 
ATOM   3    C  C   . LYS A 1 6   ? 5.747   -11.672 -7.145  1.00 83.89  ? 5   LYS A C   1 
ATOM   4    O  O   . LYS A 1 6   ? 5.417   -11.776 -5.959  1.00 80.96  ? 5   LYS A O   1 
ATOM   5    C  CB  . LYS A 1 6   ? 7.998   -12.127 -8.220  1.00 88.15  ? 5   LYS A CB  1 
ATOM   6    C  CG  . LYS A 1 6   ? 9.242   -12.939 -7.912  1.00 89.73  ? 5   LYS A CG  1 
ATOM   7    C  CD  . LYS A 1 6   ? 9.591   -12.942 -6.445  1.00 92.87  ? 5   LYS A CD  1 
ATOM   8    C  CE  . LYS A 1 6   ? 11.076  -13.093 -6.215  1.00 97.80  ? 5   LYS A CE  1 
ATOM   9    N  NZ  . LYS A 1 6   ? 11.604  -14.295 -6.904  1.00 98.43  ? 5   LYS A NZ  1 
ATOM   10   N  N   . THR A 1 7   ? 5.332   -10.683 -7.954  1.00 85.80  ? 6   THR A N   1 
ATOM   11   C  CA  . THR A 1 7   ? 4.425   -9.568  -7.539  1.00 70.46  ? 6   THR A CA  1 
ATOM   12   C  C   . THR A 1 7   ? 3.007   -10.109 -7.359  1.00 70.39  ? 6   THR A C   1 
ATOM   13   O  O   . THR A 1 7   ? 2.658   -11.146 -7.999  1.00 61.28  ? 6   THR A O   1 
ATOM   14   C  CB  . THR A 1 7   ? 4.353   -8.383  -8.519  1.00 79.37  ? 6   THR A CB  1 
ATOM   15   O  OG1 . THR A 1 7   ? 3.582   -8.771  -9.658  1.00 69.56  ? 6   THR A OG1 1 
ATOM   16   C  CG2 . THR A 1 7   ? 5.704   -7.851  -8.955  1.00 82.06  ? 6   THR A CG2 1 
ATOM   17   N  N   . PHE A 1 8   ? 2.212   -9.407  -6.544  1.00 61.77  ? 7   PHE A N   1 
ATOM   18   C  CA  . PHE A 1 8   ? 0.818   -9.779  -6.188  1.00 57.01  ? 7   PHE A CA  1 
ATOM   19   C  C   . PHE A 1 8   ? -0.028  -10.018 -7.440  1.00 56.46  ? 7   PHE A C   1 
ATOM   20   O  O   . PHE A 1 8   ? -0.725  -11.052 -7.514  1.00 60.25  ? 7   PHE A O   1 
ATOM   21   C  CB  . PHE A 1 8   ? 0.158   -8.684  -5.357  1.00 51.53  ? 7   PHE A CB  1 
ATOM   22   C  CG  . PHE A 1 8   ? -1.178  -9.058  -4.787  1.00 50.53  ? 7   PHE A CG  1 
ATOM   23   C  CD1 . PHE A 1 8   ? -1.280  -10.038 -3.810  1.00 48.98  ? 7   PHE A CD1 1 
ATOM   24   C  CD2 . PHE A 1 8   ? -2.332  -8.448  -5.238  1.00 44.13  ? 7   PHE A CD2 1 
ATOM   25   C  CE1 . PHE A 1 8   ? -2.510  -10.337 -3.250  1.00 53.98  ? 7   PHE A CE1 1 
ATOM   26   C  CE2 . PHE A 1 8   ? -3.561  -8.764  -4.686  1.00 48.06  ? 7   PHE A CE2 1 
ATOM   27   C  CZ  . PHE A 1 8   ? -3.647  -9.699  -3.683  1.00 50.08  ? 7   PHE A CZ  1 
ATOM   28   N  N   . LYS A 1 9   ? -0.030  -9.056  -8.367  1.00 60.26  ? 8   LYS A N   1 
ATOM   29   C  CA  . LYS A 1 9   ? -0.894  -9.130  -9.577  1.00 62.90  ? 8   LYS A CA  1 
ATOM   30   C  C   . LYS A 1 9   ? -0.550  -10.396 -10.369 1.00 65.06  ? 8   LYS A C   1 
ATOM   31   O  O   . LYS A 1 9   ? -1.480  -10.970 -10.996 1.00 60.14  ? 8   LYS A O   1 
ATOM   32   C  CB  . LYS A 1 9   ? -0.765  -7.878  -10.450 1.00 59.05  ? 8   LYS A CB  1 
ATOM   33   C  CG  . LYS A 1 9   ? -1.617  -6.716  -9.982  1.00 57.75  ? 8   LYS A CG  1 
ATOM   34   C  CD  . LYS A 1 9   ? -1.885  -5.675  -11.026 1.00 61.23  ? 8   LYS A CD  1 
ATOM   35   C  CE  . LYS A 1 9   ? -2.690  -4.521  -10.460 1.00 59.37  ? 8   LYS A CE  1 
ATOM   36   N  NZ  . LYS A 1 9   ? -2.783  -3.386  -11.400 1.00 64.17  ? 8   LYS A NZ  1 
ATOM   37   N  N   . GLN A 1 10  ? 0.732   -10.786 -10.328 1.00 62.00  ? 9   GLN A N   1 
ATOM   38   C  CA  . GLN A 1 10  ? 1.299   -12.003 -10.966 1.00 67.96  ? 9   GLN A CA  1 
ATOM   39   C  C   . GLN A 1 10  ? 0.806   -13.296 -10.293 1.00 64.49  ? 9   GLN A C   1 
ATOM   40   O  O   . GLN A 1 10  ? 0.546   -14.266 -11.010 1.00 68.53  ? 9   GLN A O   1 
ATOM   41   C  CB  . GLN A 1 10  ? 2.828   -11.943 -10.956 1.00 63.68  ? 9   GLN A CB  1 
ATOM   42   C  CG  . GLN A 1 10  ? 3.384   -10.884 -11.899 1.00 68.57  ? 9   GLN A CG  1 
ATOM   43   C  CD  . GLN A 1 10  ? 4.879   -10.712 -11.766 1.00 69.85  ? 9   GLN A CD  1 
ATOM   44   O  OE1 . GLN A 1 10  ? 5.511   -11.219 -10.834 1.00 61.34  ? 9   GLN A OE1 1 
ATOM   45   N  NE2 . GLN A 1 10  ? 5.461   -9.989  -12.708 1.00 74.65  ? 9   GLN A NE2 1 
ATOM   46   N  N   A ARG A 1 11  ? 0.679   -13.293 -8.959  0.34 61.94  ? 10  ARG A N   1 
ATOM   47   N  N   B ARG A 1 11  ? 0.672   -13.294 -8.963  0.17 62.09  ? 10  ARG A N   1 
ATOM   48   C  CA  A ARG A 1 11  ? 0.359   -14.489 -8.130  0.34 58.90  ? 10  ARG A CA  1 
ATOM   49   C  CA  B ARG A 1 11  ? 0.362   -14.503 -8.152  0.17 59.40  ? 10  ARG A CA  1 
ATOM   50   C  C   A ARG A 1 11  ? -1.140  -14.808 -8.175  0.34 60.04  ? 10  ARG A C   1 
ATOM   51   C  C   B ARG A 1 11  ? -1.141  -14.809 -8.168  0.17 59.99  ? 10  ARG A C   1 
ATOM   52   O  O   A ARG A 1 11  ? -1.490  -15.994 -7.983  0.34 59.03  ? 10  ARG A O   1 
ATOM   53   O  O   B ARG A 1 11  ? -1.492  -15.991 -7.968  0.17 59.43  ? 10  ARG A O   1 
ATOM   54   C  CB  A ARG A 1 11  ? 0.756   -14.267 -6.667  0.34 63.02  ? 10  ARG A CB  1 
ATOM   55   C  CB  B ARG A 1 11  ? 0.841   -14.313 -6.710  0.17 60.44  ? 10  ARG A CB  1 
ATOM   56   C  CG  A ARG A 1 11  ? 2.252   -14.155 -6.422  0.34 65.33  ? 10  ARG A CG  1 
ATOM   57   C  CG  B ARG A 1 11  ? 2.354   -14.295 -6.555  0.17 60.84  ? 10  ARG A CG  1 
ATOM   58   C  CD  A ARG A 1 11  ? 2.583   -14.169 -4.942  0.34 67.73  ? 10  ARG A CD  1 
ATOM   59   C  CD  B ARG A 1 11  ? 2.759   -14.002 -5.126  0.17 60.40  ? 10  ARG A CD  1 
ATOM   60   N  NE  A ARG A 1 11  ? 2.773   -12.841 -4.366  0.34 69.89  ? 10  ARG A NE  1 
ATOM   61   N  NE  B ARG A 1 11  ? 3.187   -12.623 -4.939  0.17 59.91  ? 10  ARG A NE  1 
ATOM   62   C  CZ  A ARG A 1 11  ? 2.144   -12.395 -3.286  0.34 68.49  ? 10  ARG A CZ  1 
ATOM   63   C  CZ  B ARG A 1 11  ? 3.058   -11.943 -3.809  0.17 57.61  ? 10  ARG A CZ  1 
ATOM   64   N  NH1 A ARG A 1 11  ? 1.279   -13.169 -2.651  0.34 69.48  ? 10  ARG A NH1 1 
ATOM   65   N  NH1 B ARG A 1 11  ? 2.490   -12.511 -2.761  0.17 59.30  ? 10  ARG A NH1 1 
ATOM   66   N  NH2 A ARG A 1 11  ? 2.389   -11.177 -2.840  0.34 69.84  ? 10  ARG A NH2 1 
ATOM   67   N  NH2 B ARG A 1 11  ? 3.483   -10.695 -3.736  0.17 59.66  ? 10  ARG A NH2 1 
ATOM   68   N  N   . ARG A 1 12  ? -1.997  -13.798 -8.372  1.00 60.00  ? 11  ARG A N   1 
ATOM   69   C  CA  . ARG A 1 12  ? -3.481  -13.989 -8.300  1.00 59.88  ? 11  ARG A CA  1 
ATOM   70   C  C   . ARG A 1 12  ? -4.143  -13.477 -9.587  1.00 55.89  ? 11  ARG A C   1 
ATOM   71   O  O   . ARG A 1 12  ? -3.771  -12.392 -10.067 1.00 51.45  ? 11  ARG A O   1 
ATOM   72   C  CB  . ARG A 1 12  ? -4.065  -13.333 -7.034  1.00 63.60  ? 11  ARG A CB  1 
ATOM   73   C  CG  . ARG A 1 12  ? -3.437  -13.736 -5.698  1.00 64.18  ? 11  ARG A CG  1 
ATOM   74   C  CD  . ARG A 1 12  ? -3.828  -15.095 -5.114  1.00 71.08  ? 11  ARG A CD  1 
ATOM   75   N  NE  . ARG A 1 12  ? -5.235  -15.230 -4.741  1.00 78.22  ? 11  ARG A NE  1 
ATOM   76   C  CZ  . ARG A 1 12  ? -5.839  -16.368 -4.374  1.00 91.65  ? 11  ARG A CZ  1 
ATOM   77   N  NH1 . ARG A 1 12  ? -5.169  -17.509 -4.320  1.00 94.79  ? 11  ARG A NH1 1 
ATOM   78   N  NH2 . ARG A 1 12  ? -7.123  -16.358 -4.055  1.00 96.30  ? 11  ARG A NH2 1 
ATOM   79   N  N   . THR A 1 13  ? -5.119  -14.234 -10.101 1.00 52.00  ? 12  THR A N   1 
ATOM   80   C  CA  . THR A 1 13  ? -5.952  -13.883 -11.282 1.00 50.68  ? 12  THR A CA  1 
ATOM   81   C  C   . THR A 1 13  ? -6.762  -12.615 -10.937 1.00 55.98  ? 12  THR A C   1 
ATOM   82   O  O   . THR A 1 13  ? -7.070  -12.397 -9.760  1.00 53.45  ? 12  THR A O   1 
ATOM   83   C  CB  . THR A 1 13  ? -6.835  -15.062 -11.734 1.00 47.33  ? 12  THR A CB  1 
ATOM   84   O  OG1 . THR A 1 13  ? -7.912  -15.260 -10.825 1.00 55.94  ? 12  THR A OG1 1 
ATOM   85   C  CG2 . THR A 1 13  ? -6.100  -16.379 -11.851 1.00 57.97  ? 12  THR A CG2 1 
ATOM   86   N  N   . PHE A 1 14  ? -7.081  -11.771 -11.907 1.00 52.83  ? 13  PHE A N   1 
ATOM   87   C  CA  . PHE A 1 14  ? -8.003  -10.633 -11.697 1.00 57.81  ? 13  PHE A CA  1 
ATOM   88   C  C   . PHE A 1 14  ? -9.259  -11.170 -10.985 1.00 56.97  ? 13  PHE A C   1 
ATOM   89   O  O   . PHE A 1 14  ? -9.775  -10.496 -10.092 1.00 54.68  ? 13  PHE A O   1 
ATOM   90   C  CB  . PHE A 1 14  ? -8.312  -9.912  -13.015 1.00 48.40  ? 13  PHE A CB  1 
ATOM   91   C  CG  . PHE A 1 14  ? -9.169  -8.682  -12.858 1.00 48.75  ? 13  PHE A CG  1 
ATOM   92   C  CD1 . PHE A 1 14  ? -8.590  -7.452  -12.642 1.00 51.66  ? 13  PHE A CD1 1 
ATOM   93   C  CD2 . PHE A 1 14  ? -10.548 -8.757  -12.928 1.00 51.97  ? 13  PHE A CD2 1 
ATOM   94   C  CE1 . PHE A 1 14  ? -9.361  -6.314  -12.501 1.00 55.28  ? 13  PHE A CE1 1 
ATOM   95   C  CE2 . PHE A 1 14  ? -11.326 -7.616  -12.774 1.00 50.25  ? 13  PHE A CE2 1 
ATOM   96   C  CZ  . PHE A 1 14  ? -10.732 -6.399  -12.566 1.00 53.64  ? 13  PHE A CZ  1 
ATOM   97   N  N   . GLU A 1 15  ? -9.735  -12.361 -11.344 1.00 54.23  ? 14  GLU A N   1 
ATOM   98   C  CA  . GLU A 1 15  ? -10.964 -12.937 -10.744 1.00 50.05  ? 14  GLU A CA  1 
ATOM   99   C  C   . GLU A 1 15  ? -10.777 -13.088 -9.224  1.00 49.56  ? 14  GLU A C   1 
ATOM   100  O  O   . GLU A 1 15  ? -11.715 -12.774 -8.460  1.00 45.53  ? 14  GLU A O   1 
ATOM   101  C  CB  . GLU A 1 15  ? -11.289 -14.299 -11.365 1.00 57.08  ? 14  GLU A CB  1 
ATOM   102  C  CG  . GLU A 1 15  ? -12.659 -14.820 -10.973 1.00 62.66  ? 14  GLU A CG  1 
ATOM   103  C  CD  . GLU A 1 15  ? -13.139 -16.017 -11.793 1.00 67.70  ? 14  GLU A CD  1 
ATOM   104  O  OE1 . GLU A 1 15  ? -12.875 -16.077 -13.032 1.00 73.90  ? 14  GLU A OE1 1 
ATOM   105  O  OE2 . GLU A 1 15  ? -13.805 -16.864 -11.205 1.00 78.97  ? 14  GLU A OE2 1 
ATOM   106  N  N   . GLN A 1 16  ? -9.600  -13.562 -8.818  1.00 45.70  ? 15  GLN A N   1 
ATOM   107  C  CA  . GLN A 1 16  ? -9.241  -13.881 -7.421  1.00 53.08  ? 15  GLN A CA  1 
ATOM   108  C  C   . GLN A 1 16  ? -9.032  -12.603 -6.584  1.00 54.11  ? 15  GLN A C   1 
ATOM   109  O  O   . GLN A 1 16  ? -9.437  -12.577 -5.389  1.00 50.44  ? 15  GLN A O   1 
ATOM   110  C  CB  . GLN A 1 16  ? -7.984  -14.753 -7.412  1.00 57.12  ? 15  GLN A CB  1 
ATOM   111  C  CG  . GLN A 1 16  ? -8.271  -16.224 -7.680  1.00 56.26  ? 15  GLN A CG  1 
ATOM   112  C  CD  . GLN A 1 16  ? -7.008  -17.033 -7.787  1.00 52.08  ? 15  GLN A CD  1 
ATOM   113  O  OE1 . GLN A 1 16  ? -5.929  -16.508 -8.031  1.00 46.66  ? 15  GLN A OE1 1 
ATOM   114  N  NE2 . GLN A 1 16  ? -7.144  -18.335 -7.609  1.00 57.91  ? 15  GLN A NE2 1 
ATOM   115  N  N   A ARG A 1 17  ? -8.400  -11.580 -7.168  0.15 53.89  ? 16  ARG A N   1 
ATOM   116  N  N   B ARG A 1 17  ? -8.408  -11.575 -7.165  0.35 53.75  ? 16  ARG A N   1 
ATOM   117  C  CA  A ARG A 1 17  ? -8.134  -10.285 -6.482  0.15 54.10  ? 16  ARG A CA  1 
ATOM   118  C  CA  B ARG A 1 17  ? -8.140  -10.289 -6.461  0.35 53.55  ? 16  ARG A CA  1 
ATOM   119  C  C   A ARG A 1 17  ? -9.470  -9.585  -6.211  0.15 53.31  ? 16  ARG A C   1 
ATOM   120  C  C   B ARG A 1 17  ? -9.479  -9.591  -6.205  0.35 53.33  ? 16  ARG A C   1 
ATOM   121  O  O   A ARG A 1 17  ? -9.638  -9.044  -5.101  0.15 55.55  ? 16  ARG A O   1 
ATOM   122  O  O   B ARG A 1 17  ? -9.669  -9.072  -5.089  0.35 57.83  ? 16  ARG A O   1 
ATOM   123  C  CB  A ARG A 1 17  ? -7.190  -9.410  -7.310  0.15 55.45  ? 16  ARG A CB  1 
ATOM   124  C  CB  B ARG A 1 17  ? -7.157  -9.414  -7.244  0.35 54.37  ? 16  ARG A CB  1 
ATOM   125  C  CG  A ARG A 1 17  ? -5.833  -10.047 -7.563  0.15 55.87  ? 16  ARG A CG  1 
ATOM   126  C  CG  B ARG A 1 17  ? -5.733  -9.950  -7.231  0.35 53.59  ? 16  ARG A CG  1 
ATOM   127  C  CD  A ARG A 1 17  ? -4.803  -9.078  -8.109  0.15 58.28  ? 16  ARG A CD  1 
ATOM   128  C  CD  B ARG A 1 17  ? -4.739  -9.112  -8.017  0.35 57.61  ? 16  ARG A CD  1 
ATOM   129  N  NE  A ARG A 1 17  ? -5.245  -8.326  -9.275  0.15 60.09  ? 16  ARG A NE  1 
ATOM   130  N  NE  B ARG A 1 17  ? -4.528  -9.598  -9.375  0.35 59.45  ? 16  ARG A NE  1 
ATOM   131  C  CZ  A ARG A 1 17  ? -4.773  -8.492  -10.506 0.15 61.00  ? 16  ARG A CZ  1 
ATOM   132  C  CZ  B ARG A 1 17  ? -4.925  -8.965  -10.476 0.35 61.04  ? 16  ARG A CZ  1 
ATOM   133  N  NH1 A ARG A 1 17  ? -3.842  -9.400  -10.747 0.15 60.83  ? 16  ARG A NH1 1 
ATOM   134  N  NH1 B ARG A 1 17  ? -5.552  -7.805  -10.388 0.35 59.22  ? 16  ARG A NH1 1 
ATOM   135  N  NH2 A ARG A 1 17  ? -5.236  -7.748  -11.493 0.15 61.96  ? 16  ARG A NH2 1 
ATOM   136  N  NH2 B ARG A 1 17  ? -4.694  -9.499  -11.664 0.35 57.55  ? 16  ARG A NH2 1 
ATOM   137  N  N   . VAL A 1 18  ? -10.385 -9.624  -7.183  1.00 50.64  ? 17  VAL A N   1 
ATOM   138  C  CA  . VAL A 1 18  ? -11.738 -9.014  -7.059  1.00 51.58  ? 17  VAL A CA  1 
ATOM   139  C  C   . VAL A 1 18  ? -12.543 -9.665  -5.923  1.00 61.98  ? 17  VAL A C   1 
ATOM   140  O  O   . VAL A 1 18  ? -13.146 -8.895  -5.102  1.00 51.55  ? 17  VAL A O   1 
ATOM   141  C  CB  . VAL A 1 18  ? -12.468 -9.110  -8.395  1.00 45.82  ? 17  VAL A CB  1 
ATOM   142  C  CG1 . VAL A 1 18  ? -13.966 -9.024  -8.214  1.00 45.09  ? 17  VAL A CG1 1 
ATOM   143  C  CG2 . VAL A 1 18  ? -11.947 -8.031  -9.352  1.00 54.67  ? 17  VAL A CG2 1 
ATOM   144  N  N   . GLU A 1 19  ? -12.584 -11.007 -5.902  1.00 62.26  ? 18  GLU A N   1 
ATOM   145  C  CA  . GLU A 1 19  ? -13.365 -11.821 -4.937  1.00 61.34  ? 18  GLU A CA  1 
ATOM   146  C  C   . GLU A 1 19  ? -12.823 -11.588 -3.523  1.00 55.15  ? 18  GLU A C   1 
ATOM   147  O  O   . GLU A 1 19  ? -13.610 -11.615 -2.580  1.00 60.73  ? 18  GLU A O   1 
ATOM   148  C  CB  . GLU A 1 19  ? -13.335 -13.311 -5.300  1.00 67.25  ? 18  GLU A CB  1 
ATOM   149  C  CG  . GLU A 1 19  ? -14.534 -13.732 -6.122  1.00 77.10  ? 18  GLU A CG  1 
ATOM   150  C  CD  . GLU A 1 19  ? -15.871 -13.281 -5.564  1.00 85.91  ? 18  GLU A CD  1 
ATOM   151  O  OE1 . GLU A 1 19  ? -16.126 -13.539 -4.361  1.00 93.76  ? 18  GLU A OE1 1 
ATOM   152  O  OE2 . GLU A 1 19  ? -16.646 -12.660 -6.332  1.00 81.23  ? 18  GLU A OE2 1 
ATOM   153  N  N   . ASP A 1 20  ? -11.521 -11.402 -3.376  1.00 53.52  ? 19  ASP A N   1 
ATOM   154  C  CA  . ASP A 1 20  ? -10.892 -11.109 -2.066  1.00 52.77  ? 19  ASP A CA  1 
ATOM   155  C  C   . ASP A 1 20  ? -11.278 -9.707  -1.571  1.00 54.18  ? 19  ASP A C   1 
ATOM   156  O  O   . ASP A 1 20  ? -11.471 -9.557  -0.362  1.00 51.27  ? 19  ASP A O   1 
ATOM   157  C  CB  . ASP A 1 20  ? -9.378  -11.212 -2.138  1.00 56.24  ? 19  ASP A CB  1 
ATOM   158  C  CG  . ASP A 1 20  ? -8.747  -11.293 -0.762  1.00 76.08  ? 19  ASP A CG  1 
ATOM   159  O  OD1 . ASP A 1 20  ? -7.551  -10.983 -0.670  1.00 83.68  ? 19  ASP A OD1 1 
ATOM   160  O  OD2 . ASP A 1 20  ? -9.462  -11.680 0.215   1.00 88.01  ? 19  ASP A OD2 1 
ATOM   161  N  N   . VAL A 1 21  ? -11.376 -8.720  -2.458  1.00 49.69  ? 20  VAL A N   1 
ATOM   162  C  CA  . VAL A 1 21  ? -11.727 -7.329  -2.063  1.00 46.50  ? 20  VAL A CA  1 
ATOM   163  C  C   . VAL A 1 21  ? -13.162 -7.373  -1.560  1.00 57.12  ? 20  VAL A C   1 
ATOM   164  O  O   . VAL A 1 21  ? -13.464 -6.590  -0.620  1.00 39.94  ? 20  VAL A O   1 
ATOM   165  C  CB  . VAL A 1 21  ? -11.539 -6.317  -3.200  1.00 46.25  ? 20  VAL A CB  1 
ATOM   166  C  CG1 . VAL A 1 21  ? -12.201 -4.979  -2.885  1.00 44.76  ? 20  VAL A CG1 1 
ATOM   167  C  CG2 . VAL A 1 21  ? -10.089 -6.114  -3.495  1.00 38.93  ? 20  VAL A CG2 1 
ATOM   168  N  N   . ARG A 1 22  ? -13.987 -8.244  -2.165  1.00 51.53  ? 21  ARG A N   1 
ATOM   169  C  CA  . ARG A 1 22  ? -15.449 -8.339  -1.912  1.00 59.06  ? 21  ARG A CA  1 
ATOM   170  C  C   . ARG A 1 22  ? -15.703 -9.008  -0.551  1.00 61.52  ? 21  ARG A C   1 
ATOM   171  O  O   . ARG A 1 22  ? -16.771 -8.681  0.057   1.00 51.10  ? 21  ARG A O   1 
ATOM   172  C  CB  . ARG A 1 22  ? -16.167 -9.158  -2.997  1.00 65.62  ? 21  ARG A CB  1 
ATOM   173  C  CG  . ARG A 1 22  ? -16.441 -8.429  -4.306  1.00 69.35  ? 21  ARG A CG  1 
ATOM   174  C  CD  . ARG A 1 22  ? -17.106 -9.357  -5.309  1.00 70.17  ? 21  ARG A CD  1 
ATOM   175  N  NE  . ARG A 1 22  ? -17.411 -8.719  -6.580  1.00 76.02  ? 21  ARG A NE  1 
ATOM   176  C  CZ  . ARG A 1 22  ? -17.801 -9.358  -7.684  1.00 79.93  ? 21  ARG A CZ  1 
ATOM   177  N  NH1 . ARG A 1 22  ? -17.913 -10.678 -7.697  1.00 83.58  ? 21  ARG A NH1 1 
ATOM   178  N  NH2 . ARG A 1 22  ? -18.067 -8.669  -8.780  1.00 74.50  ? 21  ARG A NH2 1 
ATOM   179  N  N   . LEU A 1 23  ? -14.831 -9.955  -0.158  1.00 52.91  ? 22  LEU A N   1 
ATOM   180  C  CA  . LEU A 1 23  ? -14.817 -10.660 1.158   1.00 60.92  ? 22  LEU A CA  1 
ATOM   181  C  C   . LEU A 1 23  ? -14.342 -9.701  2.270   1.00 60.70  ? 22  LEU A C   1 
ATOM   182  O  O   . LEU A 1 23  ? -14.929 -9.752  3.361   1.00 60.11  ? 22  LEU A O   1 
ATOM   183  C  CB  . LEU A 1 23  ? -13.894 -11.892 1.086   1.00 61.43  ? 22  LEU A CB  1 
ATOM   184  C  CG  . LEU A 1 23  ? -13.787 -12.749 2.358   1.00 66.83  ? 22  LEU A CG  1 
ATOM   185  C  CD1 . LEU A 1 23  ? -15.103 -13.454 2.676   1.00 61.36  ? 22  LEU A CD1 1 
ATOM   186  C  CD2 . LEU A 1 23  ? -12.665 -13.768 2.250   1.00 67.74  ? 22  LEU A CD2 1 
ATOM   187  N  N   . ILE A 1 24  ? -13.314 -8.883  2.008   1.00 58.55  ? 23  ILE A N   1 
ATOM   188  C  CA  . ILE A 1 24  ? -12.814 -7.809  2.918   1.00 52.16  ? 23  ILE A CA  1 
ATOM   189  C  C   . ILE A 1 24  ? -13.932 -6.783  3.141   1.00 49.74  ? 23  ILE A C   1 
ATOM   190  O  O   . ILE A 1 24  ? -14.107 -6.371  4.273   1.00 53.67  ? 23  ILE A O   1 
ATOM   191  C  CB  . ILE A 1 24  ? -11.521 -7.183  2.370   1.00 58.04  ? 23  ILE A CB  1 
ATOM   192  C  CG1 . ILE A 1 24  ? -10.435 -8.255  2.215   1.00 53.15  ? 23  ILE A CG1 1 
ATOM   193  C  CG2 . ILE A 1 24  ? -11.077 -6.030  3.251   1.00 57.61  ? 23  ILE A CG2 1 
ATOM   194  C  CD1 . ILE A 1 24  ? -9.109  -7.745  1.682   1.00 53.50  ? 23  ILE A CD1 1 
ATOM   195  N  N   . ARG A 1 25  ? -14.690 -6.413  2.114   1.00 53.18  ? 24  ARG A N   1 
ATOM   196  C  CA  . ARG A 1 25  ? -15.856 -5.505  2.281   1.00 62.22  ? 24  ARG A CA  1 
ATOM   197  C  C   . ARG A 1 25  ? -16.812 -6.130  3.292   1.00 65.85  ? 24  ARG A C   1 
ATOM   198  O  O   . ARG A 1 25  ? -17.313 -5.396  4.130   1.00 68.19  ? 24  ARG A O   1 
ATOM   199  C  CB  . ARG A 1 25  ? -16.646 -5.286  0.992   1.00 61.51  ? 24  ARG A CB  1 
ATOM   200  C  CG  . ARG A 1 25  ? -16.121 -4.135  0.161   1.00 59.94  ? 24  ARG A CG  1 
ATOM   201  C  CD  . ARG A 1 25  ? -16.909 -3.914  -1.100  1.00 59.16  ? 24  ARG A CD  1 
ATOM   202  N  NE  . ARG A 1 25  ? -15.974 -3.348  -2.062  1.00 69.63  ? 24  ARG A NE  1 
ATOM   203  C  CZ  . ARG A 1 25  ? -16.029 -3.537  -3.376  1.00 79.18  ? 24  ARG A CZ  1 
ATOM   204  N  NH1 . ARG A 1 25  ? -16.992 -4.264  -3.918  1.00 82.53  ? 24  ARG A NH1 1 
ATOM   205  N  NH2 . ARG A 1 25  ? -15.102 -3.008  -4.148  1.00 82.49  ? 24  ARG A NH2 1 
ATOM   206  N  N   . GLU A 1 26  ? -17.058 -7.430  3.155   1.00 65.05  ? 25  GLU A N   1 
ATOM   207  C  CA  . GLU A 1 26  ? -18.064 -8.215  3.926   1.00 70.51  ? 25  GLU A CA  1 
ATOM   208  C  C   . GLU A 1 26  ? -17.578 -8.322  5.377   1.00 54.26  ? 25  GLU A C   1 
ATOM   209  O  O   . GLU A 1 26  ? -18.366 -8.033  6.256   1.00 60.68  ? 25  GLU A O   1 
ATOM   210  C  CB  . GLU A 1 26  ? -18.314 -9.584  3.265   1.00 77.97  ? 25  GLU A CB  1 
ATOM   211  C  CG  . GLU A 1 26  ? -19.616 -10.277 3.674   1.00 88.95  ? 25  GLU A CG  1 
ATOM   212  C  CD  . GLU A 1 26  ? -20.909 -9.804  3.010   1.00 102.56 ? 25  GLU A CD  1 
ATOM   213  O  OE1 . GLU A 1 26  ? -20.840 -8.998  2.060   1.00 95.81  ? 25  GLU A OE1 1 
ATOM   214  O  OE2 . GLU A 1 26  ? -21.999 -10.246 3.447   1.00 103.14 ? 25  GLU A OE2 1 
ATOM   215  N  N   . GLN A 1 27  ? -16.303 -8.627  5.597   1.00 48.05  ? 26  GLN A N   1 
ATOM   216  C  CA  . GLN A 1 27  ? -15.746 -9.066  6.891   1.00 50.15  ? 26  GLN A CA  1 
ATOM   217  C  C   . GLN A 1 27  ? -14.961 -7.950  7.603   1.00 59.74  ? 26  GLN A C   1 
ATOM   218  O  O   . GLN A 1 27  ? -14.736 -8.103  8.816   1.00 47.83  ? 26  GLN A O   1 
ATOM   219  C  CB  . GLN A 1 27  ? -14.848 -10.289 6.663   1.00 57.93  ? 26  GLN A CB  1 
ATOM   220  C  CG  . GLN A 1 27  ? -15.618 -11.550 6.305   1.00 69.00  ? 26  GLN A CG  1 
ATOM   221  C  CD  . GLN A 1 27  ? -14.726 -12.768 6.244   1.00 79.80  ? 26  GLN A CD  1 
ATOM   222  O  OE1 . GLN A 1 27  ? -13.497 -12.658 6.265   1.00 77.83  ? 26  GLN A OE1 1 
ATOM   223  N  NE2 . GLN A 1 27  ? -15.348 -13.941 6.165   1.00 83.13  ? 26  GLN A NE2 1 
ATOM   224  N  N   . HIS A 1 28  ? -14.465 -6.930  6.883   1.00 41.72  ? 27  HIS A N   1 
ATOM   225  C  CA  . HIS A 1 28  ? -13.791 -5.747  7.464   1.00 43.91  ? 27  HIS A CA  1 
ATOM   226  C  C   . HIS A 1 28  ? -14.312 -4.559  6.702   1.00 32.49  ? 27  HIS A C   1 
ATOM   227  O  O   . HIS A 1 28  ? -13.565 -3.918  6.000   1.00 46.12  ? 27  HIS A O   1 
ATOM   228  C  CB  . HIS A 1 28  ? -12.294 -5.916  7.387   1.00 48.72  ? 27  HIS A CB  1 
ATOM   229  C  CG  . HIS A 1 28  ? -11.817 -7.145  8.073   1.00 61.07  ? 27  HIS A CG  1 
ATOM   230  N  ND1 . HIS A 1 28  ? -11.532 -7.164  9.422   1.00 55.56  ? 27  HIS A ND1 1 
ATOM   231  C  CD2 . HIS A 1 28  ? -11.585 -8.398  7.601   1.00 62.51  ? 27  HIS A CD2 1 
ATOM   232  C  CE1 . HIS A 1 28  ? -11.104 -8.372  9.752   1.00 61.99  ? 27  HIS A CE1 1 
ATOM   233  N  NE2 . HIS A 1 28  ? -11.135 -9.147  8.651   1.00 63.21  ? 27  HIS A NE2 1 
ATOM   234  N  N   . PRO A 1 29  ? -15.621 -4.292  6.795   1.00 36.59  ? 28  PRO A N   1 
ATOM   235  C  CA  . PRO A 1 29  ? -16.272 -3.257  6.006   1.00 37.13  ? 28  PRO A CA  1 
ATOM   236  C  C   . PRO A 1 29  ? -15.662 -1.869  6.251   1.00 40.46  ? 28  PRO A C   1 
ATOM   237  O  O   . PRO A 1 29  ? -15.734 -1.096  5.302   1.00 36.43  ? 28  PRO A O   1 
ATOM   238  C  CB  . PRO A 1 29  ? -17.723 -3.269  6.468   1.00 42.22  ? 28  PRO A CB  1 
ATOM   239  C  CG  . PRO A 1 29  ? -17.614 -3.877  7.864   1.00 46.08  ? 28  PRO A CG  1 
ATOM   240  C  CD  . PRO A 1 29  ? -16.572 -4.965  7.693   1.00 47.06  ? 28  PRO A CD  1 
ATOM   241  N  N   . THR A 1 30  ? -15.075 -1.602  7.426   1.00 38.58  ? 29  THR A N   1 
ATOM   242  C  CA  . THR A 1 30  ? -14.460 -0.264  7.721   1.00 39.34  ? 29  THR A CA  1 
ATOM   243  C  C   . THR A 1 30  ? -12.990 -0.203  7.312   1.00 38.99  ? 29  THR A C   1 
ATOM   244  O  O   . THR A 1 30  ? -12.373 0.848   7.550   1.00 35.11  ? 29  THR A O   1 
ATOM   245  C  CB  . THR A 1 30  ? -14.590 0.217   9.189   1.00 33.49  ? 29  THR A CB  1 
ATOM   246  O  OG1 . THR A 1 30  ? -13.621 -0.476  9.962   1.00 30.64  ? 29  THR A OG1 1 
ATOM   247  C  CG2 . THR A 1 30  ? -15.980 0.104   9.762   1.00 37.39  ? 29  THR A CG2 1 
ATOM   248  N  N   . LYS A 1 31  ? -12.425 -1.232  6.680   1.00 34.72  ? 30  LYS A N   1 
ATOM   249  C  CA  . LYS A 1 31  ? -10.985 -1.272  6.332   1.00 38.23  ? 30  LYS A CA  1 
ATOM   250  C  C   . LYS A 1 31  ? -10.779 -0.987  4.840   1.00 35.27  ? 30  LYS A C   1 
ATOM   251  O  O   . LYS A 1 31  ? -11.590 -1.441  4.001   1.00 34.72  ? 30  LYS A O   1 
ATOM   252  C  CB  . LYS A 1 31  ? -10.392 -2.621  6.756   1.00 36.81  ? 30  LYS A CB  1 
ATOM   253  C  CG  . LYS A 1 31  ? -10.518 -2.940  8.242   1.00 43.23  ? 30  LYS A CG  1 
ATOM   254  C  CD  . LYS A 1 31  ? -9.939  -1.866  9.164   1.00 44.37  ? 30  LYS A CD  1 
ATOM   255  C  CE  . LYS A 1 31  ? -10.169 -2.133  10.642  1.00 48.09  ? 30  LYS A CE  1 
ATOM   256  N  NZ  . LYS A 1 31  ? -10.062 -3.578  10.958  1.00 47.44  ? 30  LYS A NZ  1 
ATOM   257  N  N   . ILE A 1 32  ? -9.676  -0.318  4.510   1.00 36.23  ? 31  ILE A N   1 
ATOM   258  C  CA  . ILE A 1 32  ? -9.223  -0.146  3.092   1.00 38.04  ? 31  ILE A CA  1 
ATOM   259  C  C   . ILE A 1 32  ? -8.275  -1.306  2.770   1.00 37.30  ? 31  ILE A C   1 
ATOM   260  O  O   . ILE A 1 32  ? -7.316  -1.553  3.505   1.00 38.92  ? 31  ILE A O   1 
ATOM   261  C  CB  . ILE A 1 32  ? -8.553  1.232   2.875   1.00 33.95  ? 31  ILE A CB  1 
ATOM   262  C  CG1 . ILE A 1 32  ? -9.492  2.396   3.196   1.00 31.73  ? 31  ILE A CG1 1 
ATOM   263  C  CG2 . ILE A 1 32  ? -7.992  1.342   1.457   1.00 36.36  ? 31  ILE A CG2 1 
ATOM   264  C  CD1 . ILE A 1 32  ? -10.859 2.374   2.541   1.00 31.28  ? 31  ILE A CD1 1 
ATOM   265  N  N   . PRO A 1 33  ? -8.525  -2.082  1.695   1.00 37.94  ? 32  PRO A N   1 
ATOM   266  C  CA  . PRO A 1 33  ? -7.597  -3.144  1.282   1.00 39.90  ? 32  PRO A CA  1 
ATOM   267  C  C   . PRO A 1 33  ? -6.382  -2.574  0.538   1.00 39.55  ? 32  PRO A C   1 
ATOM   268  O  O   . PRO A 1 33  ? -6.530  -1.976  -0.548  1.00 40.50  ? 32  PRO A O   1 
ATOM   269  C  CB  . PRO A 1 33  ? -8.494  -4.022  0.399   1.00 38.21  ? 32  PRO A CB  1 
ATOM   270  C  CG  . PRO A 1 33  ? -9.449  -3.058  -0.236  1.00 38.91  ? 32  PRO A CG  1 
ATOM   271  C  CD  . PRO A 1 33  ? -9.715  -2.006  0.828   1.00 38.62  ? 32  PRO A CD  1 
ATOM   272  N  N   . VAL A 1 34  ? -5.204  -2.697  1.145   1.00 38.34  ? 33  VAL A N   1 
ATOM   273  C  CA  . VAL A 1 34  ? -3.960  -2.112  0.575   1.00 38.32  ? 33  VAL A CA  1 
ATOM   274  C  C   . VAL A 1 34  ? -2.975  -3.240  0.243   1.00 44.50  ? 33  VAL A C   1 
ATOM   275  O  O   . VAL A 1 34  ? -2.757  -4.150  1.094   1.00 37.08  ? 33  VAL A O   1 
ATOM   276  C  CB  . VAL A 1 34  ? -3.376  -1.050  1.525   1.00 39.89  ? 33  VAL A CB  1 
ATOM   277  C  CG1 . VAL A 1 34  ? -2.180  -0.326  0.925   1.00 40.59  ? 33  VAL A CG1 1 
ATOM   278  C  CG2 . VAL A 1 34  ? -4.439  -0.047  1.927   1.00 37.38  ? 33  VAL A CG2 1 
ATOM   279  N  N   . ILE A 1 35  ? -2.406  -3.176  -0.960  1.00 44.20  ? 34  ILE A N   1 
ATOM   280  C  CA  . ILE A 1 35  ? -1.217  -3.972  -1.350  1.00 44.19  ? 34  ILE A CA  1 
ATOM   281  C  C   . ILE A 1 35  ? -0.004  -3.071  -1.188  1.00 38.35  ? 34  ILE A C   1 
ATOM   282  O  O   . ILE A 1 35  ? 0.017   -1.996  -1.813  1.00 42.76  ? 34  ILE A O   1 
ATOM   283  C  CB  . ILE A 1 35  ? -1.356  -4.495  -2.783  1.00 48.37  ? 34  ILE A CB  1 
ATOM   284  C  CG1 . ILE A 1 35  ? -2.647  -5.301  -2.946  1.00 43.29  ? 34  ILE A CG1 1 
ATOM   285  C  CG2 . ILE A 1 35  ? -0.116  -5.281  -3.195  1.00 49.24  ? 34  ILE A CG2 1 
ATOM   286  C  CD1 . ILE A 1 35  ? -2.709  -6.575  -2.118  1.00 50.19  ? 34  ILE A CD1 1 
ATOM   287  N  N   . ILE A 1 36  ? 0.958   -3.493  -0.380  1.00 41.35  ? 35  ILE A N   1 
ATOM   288  C  CA  . ILE A 1 36  ? 2.215   -2.703  -0.152  1.00 43.10  ? 35  ILE A CA  1 
ATOM   289  C  C   . ILE A 1 36  ? 3.405   -3.604  -0.513  1.00 47.93  ? 35  ILE A C   1 
ATOM   290  O  O   . ILE A 1 36  ? 3.441   -4.754  -0.036  1.00 46.08  ? 35  ILE A O   1 
ATOM   291  C  CB  . ILE A 1 36  ? 2.313   -2.169  1.285   1.00 43.10  ? 35  ILE A CB  1 
ATOM   292  C  CG1 . ILE A 1 36  ? 1.032   -1.431  1.709   1.00 44.75  ? 35  ILE A CG1 1 
ATOM   293  C  CG2 . ILE A 1 36  ? 3.555   -1.279  1.389   1.00 38.50  ? 35  ILE A CG2 1 
ATOM   294  C  CD1 . ILE A 1 36  ? 1.033   -0.907  3.152   1.00 43.19  ? 35  ILE A CD1 1 
ATOM   295  N  N   . GLU A 1 37  ? 4.255   -3.140  -1.423  1.00 50.23  ? 36  GLU A N   1 
ATOM   296  C  CA  . GLU A 1 37  ? 5.297   -3.958  -2.090  1.00 56.61  ? 36  GLU A CA  1 
ATOM   297  C  C   . GLU A 1 37  ? 6.597   -3.165  -2.134  1.00 55.20  ? 36  GLU A C   1 
ATOM   298  O  O   . GLU A 1 37  ? 6.563   -1.938  -2.305  1.00 43.19  ? 36  GLU A O   1 
ATOM   299  C  CB  . GLU A 1 37  ? 4.816   -4.393  -3.481  1.00 55.10  ? 36  GLU A CB  1 
ATOM   300  C  CG  . GLU A 1 37  ? 3.809   -5.527  -3.386  1.00 59.50  ? 36  GLU A CG  1 
ATOM   301  C  CD  . GLU A 1 37  ? 3.383   -6.214  -4.672  1.00 58.45  ? 36  GLU A CD  1 
ATOM   302  O  OE1 . GLU A 1 37  ? 3.051   -5.511  -5.661  1.00 63.46  ? 36  GLU A OE1 1 
ATOM   303  O  OE2 . GLU A 1 37  ? 3.358   -7.464  -4.668  1.00 69.76  ? 36  GLU A OE2 1 
ATOM   304  N  N   . ARG A 1 38  ? 7.715   -3.848  -1.940  1.00 59.92  ? 37  ARG A N   1 
ATOM   305  C  CA  . ARG A 1 38  ? 9.036   -3.198  -2.082  1.00 59.56  ? 37  ARG A CA  1 
ATOM   306  C  C   . ARG A 1 38  ? 9.366   -3.022  -3.565  1.00 61.31  ? 37  ARG A C   1 
ATOM   307  O  O   . ARG A 1 38  ? 9.177   -3.983  -4.335  1.00 61.52  ? 37  ARG A O   1 
ATOM   308  C  CB  . ARG A 1 38  ? 10.150  -3.995  -1.419  1.00 59.29  ? 37  ARG A CB  1 
ATOM   309  C  CG  . ARG A 1 38  ? 11.430  -3.175  -1.365  1.00 66.68  ? 37  ARG A CG  1 
ATOM   310  C  CD  . ARG A 1 38  ? 12.531  -3.854  -0.596  1.00 73.01  ? 37  ARG A CD  1 
ATOM   311  N  NE  . ARG A 1 38  ? 12.908  -5.123  -1.202  1.00 83.99  ? 37  ARG A NE  1 
ATOM   312  C  CZ  . ARG A 1 38  ? 14.039  -5.774  -0.935  1.00 85.28  ? 37  ARG A CZ  1 
ATOM   313  N  NH1 . ARG A 1 38  ? 14.920  -5.262  -0.086  1.00 71.97  ? 37  ARG A NH1 1 
ATOM   314  N  NH2 . ARG A 1 38  ? 14.276  -6.937  -1.520  1.00 83.22  ? 37  ARG A NH2 1 
ATOM   315  N  N   . TYR A 1 39  ? 9.826   -1.825  -3.940  1.00 67.56  ? 38  TYR A N   1 
ATOM   316  C  CA  . TYR A 1 39  ? 10.377  -1.509  -5.282  1.00 65.89  ? 38  TYR A CA  1 
ATOM   317  C  C   . TYR A 1 39  ? 11.304  -2.660  -5.701  1.00 70.42  ? 38  TYR A C   1 
ATOM   318  O  O   . TYR A 1 39  ? 12.113  -3.121  -4.879  1.00 57.40  ? 38  TYR A O   1 
ATOM   319  C  CB  . TYR A 1 39  ? 11.098  -0.164  -5.222  1.00 80.03  ? 38  TYR A CB  1 
ATOM   320  C  CG  . TYR A 1 39  ? 11.838  0.196   -6.482  1.00 85.02  ? 38  TYR A CG  1 
ATOM   321  C  CD1 . TYR A 1 39  ? 11.174  0.238   -7.697  1.00 83.23  ? 38  TYR A CD1 1 
ATOM   322  C  CD2 . TYR A 1 39  ? 13.186  0.514   -6.454  1.00 85.35  ? 38  TYR A CD2 1 
ATOM   323  C  CE1 . TYR A 1 39  ? 11.835  0.577   -8.863  1.00 88.38  ? 38  TYR A CE1 1 
ATOM   324  C  CE2 . TYR A 1 39  ? 13.861  0.864   -7.612  1.00 94.98  ? 38  TYR A CE2 1 
ATOM   325  C  CZ  . TYR A 1 39  ? 13.182  0.888   -8.819  1.00 93.34  ? 38  TYR A CZ  1 
ATOM   326  O  OH  . TYR A 1 39  ? 13.817  1.220   -9.978  1.00 110.33 ? 38  TYR A OH  1 
ATOM   327  N  N   . LYS A 1 40  ? 11.174  -3.193  -6.917  1.00 77.76  ? 39  LYS A N   1 
ATOM   328  C  CA  . LYS A 1 40  ? 11.930  -4.427  -7.272  1.00 83.03  ? 39  LYS A CA  1 
ATOM   329  C  C   . LYS A 1 40  ? 13.425  -4.070  -7.391  1.00 75.66  ? 39  LYS A C   1 
ATOM   330  O  O   . LYS A 1 40  ? 14.225  -4.982  -7.196  1.00 71.51  ? 39  LYS A O   1 
ATOM   331  C  CB  . LYS A 1 40  ? 11.296  -5.166  -8.460  1.00 90.43  ? 39  LYS A CB  1 
ATOM   332  C  CG  . LYS A 1 40  ? 11.737  -4.744  -9.855  1.00 104.57 ? 39  LYS A CG  1 
ATOM   333  C  CD  . LYS A 1 40  ? 10.926  -5.386  -10.983 1.00 109.27 ? 39  LYS A CD  1 
ATOM   334  C  CE  . LYS A 1 40  ? 10.704  -6.886  -10.854 1.00 120.18 ? 39  LYS A CE  1 
ATOM   335  N  NZ  . LYS A 1 40  ? 11.910  -7.676  -11.211 1.00 119.79 ? 39  LYS A NZ  1 
ATOM   336  N  N   . GLY A 1 41  ? 13.787  -2.786  -7.561  1.00 76.83  ? 40  GLY A N   1 
ATOM   337  C  CA  . GLY A 1 41  ? 15.185  -2.293  -7.538  1.00 75.38  ? 40  GLY A CA  1 
ATOM   338  C  C   . GLY A 1 41  ? 15.773  -2.027  -6.144  1.00 80.35  ? 40  GLY A C   1 
ATOM   339  O  O   . GLY A 1 41  ? 16.989  -1.730  -6.066  1.00 78.37  ? 40  GLY A O   1 
ATOM   340  N  N   . GLU A 1 42  ? 14.991  -2.138  -5.065  1.00 77.02  ? 41  GLU A N   1 
ATOM   341  C  CA  . GLU A 1 42  ? 15.360  -1.610  -3.718  1.00 76.79  ? 41  GLU A CA  1 
ATOM   342  C  C   . GLU A 1 42  ? 16.544  -2.386  -3.107  1.00 78.72  ? 41  GLU A C   1 
ATOM   343  O  O   . GLU A 1 42  ? 16.416  -3.610  -2.920  1.00 70.81  ? 41  GLU A O   1 
ATOM   344  C  CB  . GLU A 1 42  ? 14.158  -1.679  -2.774  1.00 70.34  ? 41  GLU A CB  1 
ATOM   345  C  CG  . GLU A 1 42  ? 14.471  -1.214  -1.364  1.00 63.28  ? 41  GLU A CG  1 
ATOM   346  C  CD  . GLU A 1 42  ? 15.029  0.189   -1.303  1.00 57.02  ? 41  GLU A CD  1 
ATOM   347  O  OE1 . GLU A 1 42  ? 14.600  1.006   -2.132  1.00 62.27  ? 41  GLU A OE1 1 
ATOM   348  O  OE2 . GLU A 1 42  ? 15.883  0.460   -0.412  1.00 56.38  ? 41  GLU A OE2 1 
ATOM   349  N  N   . LYS A 1 43  ? 17.616  -1.678  -2.733  1.00 78.78  ? 42  LYS A N   1 
ATOM   350  C  CA  . LYS A 1 43  ? 18.859  -2.276  -2.172  1.00 93.90  ? 42  LYS A CA  1 
ATOM   351  C  C   . LYS A 1 43  ? 18.869  -2.155  -0.645  1.00 92.85  ? 42  LYS A C   1 
ATOM   352  O  O   . LYS A 1 43  ? 19.262  -3.137  0.009   1.00 94.20  ? 42  LYS A O   1 
ATOM   353  C  CB  . LYS A 1 43  ? 20.100  -1.631  -2.800  1.00 98.32  ? 42  LYS A CB  1 
ATOM   354  C  CG  . LYS A 1 43  ? 20.339  -1.998  -4.261  1.00 110.66 ? 42  LYS A CG  1 
ATOM   355  C  CD  . LYS A 1 43  ? 19.923  -3.422  -4.588  1.00 118.02 ? 42  LYS A CD  1 
ATOM   356  C  CE  . LYS A 1 43  ? 20.293  -3.878  -5.980  1.00 118.64 ? 42  LYS A CE  1 
ATOM   357  N  NZ  . LYS A 1 43  ? 19.683  -5.199  -6.261  1.00 131.11 ? 42  LYS A NZ  1 
ATOM   358  N  N   . GLN A 1 44  ? 18.433  -1.017  -0.100  1.00 84.96  ? 43  GLN A N   1 
ATOM   359  C  CA  . GLN A 1 44  ? 18.606  -0.663  1.334   1.00 81.02  ? 43  GLN A CA  1 
ATOM   360  C  C   . GLN A 1 44  ? 17.476  -1.273  2.188   1.00 75.33  ? 43  GLN A C   1 
ATOM   361  O  O   . GLN A 1 44  ? 17.789  -2.106  3.051   1.00 80.57  ? 43  GLN A O   1 
ATOM   362  C  CB  . GLN A 1 44  ? 18.697  0.860   1.484   1.00 91.75  ? 43  GLN A CB  1 
ATOM   363  C  CG  . GLN A 1 44  ? 19.689  1.520   0.529   1.00 104.04 ? 43  GLN A CG  1 
ATOM   364  C  CD  . GLN A 1 44  ? 21.103  1.015   0.692   1.00 117.37 ? 43  GLN A CD  1 
ATOM   365  O  OE1 . GLN A 1 44  ? 21.659  1.011   1.790   1.00 130.56 ? 43  GLN A OE1 1 
ATOM   366  N  NE2 . GLN A 1 44  ? 21.709  0.584   -0.406  1.00 121.72 ? 43  GLN A NE2 1 
ATOM   367  N  N   . LEU A 1 45  ? 16.207  -0.896  1.975   1.00 66.35  ? 44  LEU A N   1 
ATOM   368  C  CA  . LEU A 1 45  ? 15.081  -1.235  2.897   1.00 58.34  ? 44  LEU A CA  1 
ATOM   369  C  C   . LEU A 1 45  ? 14.791  -2.733  2.841   1.00 50.87  ? 44  LEU A C   1 
ATOM   370  O  O   . LEU A 1 45  ? 14.956  -3.362  1.804   1.00 59.14  ? 44  LEU A O   1 
ATOM   371  C  CB  . LEU A 1 45  ? 13.833  -0.447  2.489   1.00 62.01  ? 44  LEU A CB  1 
ATOM   372  C  CG  . LEU A 1 45  ? 13.938  1.070   2.539   1.00 61.70  ? 44  LEU A CG  1 
ATOM   373  C  CD1 . LEU A 1 45  ? 12.686  1.689   1.947   1.00 61.26  ? 44  LEU A CD1 1 
ATOM   374  C  CD2 . LEU A 1 45  ? 14.171  1.563   3.958   1.00 61.92  ? 44  LEU A CD2 1 
ATOM   375  N  N   . PRO A 1 46  ? 14.332  -3.360  3.948   1.00 54.57  ? 45  PRO A N   1 
ATOM   376  C  CA  . PRO A 1 46  ? 13.926  -4.767  3.923   1.00 52.43  ? 45  PRO A CA  1 
ATOM   377  C  C   . PRO A 1 46  ? 12.583  -5.004  3.228   1.00 63.54  ? 45  PRO A C   1 
ATOM   378  O  O   . PRO A 1 46  ? 11.927  -4.035  2.932   1.00 55.71  ? 45  PRO A O   1 
ATOM   379  C  CB  . PRO A 1 46  ? 13.784  -5.184  5.393   1.00 54.75  ? 45  PRO A CB  1 
ATOM   380  C  CG  . PRO A 1 46  ? 13.746  -3.893  6.188   1.00 53.62  ? 45  PRO A CG  1 
ATOM   381  C  CD  . PRO A 1 46  ? 14.245  -2.774  5.290   1.00 54.35  ? 45  PRO A CD  1 
ATOM   382  N  N   . VAL A 1 47  ? 12.226  -6.279  3.002   1.00 60.48  ? 46  VAL A N   1 
ATOM   383  C  CA  . VAL A 1 47  ? 10.860  -6.681  2.563   1.00 70.04  ? 46  VAL A CA  1 
ATOM   384  C  C   . VAL A 1 47  ? 9.968   -6.786  3.805   1.00 68.76  ? 46  VAL A C   1 
ATOM   385  O  O   . VAL A 1 47  ? 10.483  -7.188  4.868   1.00 64.28  ? 46  VAL A O   1 
ATOM   386  C  CB  . VAL A 1 47  ? 10.829  -7.987  1.741   1.00 66.97  ? 46  VAL A CB  1 
ATOM   387  C  CG1 . VAL A 1 47  ? 11.543  -7.834  0.411   1.00 73.45  ? 46  VAL A CG1 1 
ATOM   388  C  CG2 . VAL A 1 47  ? 11.361  -9.187  2.502   1.00 73.82  ? 46  VAL A CG2 1 
ATOM   389  N  N   . LEU A 1 48  ? 8.684   -6.443  3.650   1.00 62.74  ? 47  LEU A N   1 
ATOM   390  C  CA  . LEU A 1 48  ? 7.625   -6.628  4.677   1.00 60.05  ? 47  LEU A CA  1 
ATOM   391  C  C   . LEU A 1 48  ? 7.334   -8.126  4.821   1.00 54.43  ? 47  LEU A C   1 
ATOM   392  O  O   . LEU A 1 48  ? 7.630   -8.903  3.906   1.00 62.82  ? 47  LEU A O   1 
ATOM   393  C  CB  . LEU A 1 48  ? 6.345   -5.894  4.256   1.00 59.73  ? 47  LEU A CB  1 
ATOM   394  C  CG  . LEU A 1 48  ? 6.410   -4.368  4.160   1.00 56.78  ? 47  LEU A CG  1 
ATOM   395  C  CD1 . LEU A 1 48  ? 5.213   -3.847  3.380   1.00 56.36  ? 47  LEU A CD1 1 
ATOM   396  C  CD2 . LEU A 1 48  ? 6.438   -3.744  5.544   1.00 58.76  ? 47  LEU A CD2 1 
ATOM   397  N  N   . ASP A 1 49  ? 6.721   -8.485  5.936   1.00 55.70  ? 48  ASP A N   1 
ATOM   398  C  CA  . ASP A 1 49  ? 6.366   -9.872  6.327   1.00 54.60  ? 48  ASP A CA  1 
ATOM   399  C  C   . ASP A 1 49  ? 5.102   -10.307 5.578   1.00 62.40  ? 48  ASP A C   1 
ATOM   400  O  O   . ASP A 1 49  ? 4.833   -11.527 5.515   1.00 53.67  ? 48  ASP A O   1 
ATOM   401  C  CB  . ASP A 1 49  ? 6.193   -9.934  7.845   1.00 55.54  ? 48  ASP A CB  1 
ATOM   402  C  CG  . ASP A 1 49  ? 5.349   -8.787  8.396   1.00 71.51  ? 48  ASP A CG  1 
ATOM   403  O  OD1 . ASP A 1 49  ? 4.197   -9.069  8.798   1.00 72.46  ? 48  ASP A OD1 1 
ATOM   404  O  OD2 . ASP A 1 49  ? 5.849   -7.599  8.416   1.00 63.77  ? 48  ASP A OD2 1 
ATOM   405  N  N   . LYS A 1 50  ? 4.307   -9.361  5.074   1.00 54.41  ? 49  LYS A N   1 
ATOM   406  C  CA  . LYS A 1 50  ? 3.109   -9.704  4.268   1.00 56.18  ? 49  LYS A CA  1 
ATOM   407  C  C   . LYS A 1 50  ? 2.959   -8.638  3.180   1.00 49.99  ? 49  LYS A C   1 
ATOM   408  O  O   . LYS A 1 50  ? 3.770   -7.714  3.125   1.00 48.99  ? 49  LYS A O   1 
ATOM   409  C  CB  . LYS A 1 50  ? 1.890   -9.942  5.172   1.00 57.26  ? 49  LYS A CB  1 
ATOM   410  C  CG  . LYS A 1 50  ? 1.292   -8.721  5.863   1.00 59.94  ? 49  LYS A CG  1 
ATOM   411  C  CD  . LYS A 1 50  ? 0.175   -9.070  6.842   1.00 65.26  ? 49  LYS A CD  1 
ATOM   412  C  CE  . LYS A 1 50  ? -0.471  -7.839  7.456   1.00 75.61  ? 49  LYS A CE  1 
ATOM   413  N  NZ  . LYS A 1 50  ? -1.849  -8.104  7.935   1.00 73.29  ? 49  LYS A NZ  1 
ATOM   414  N  N   A THR A 1 51  ? 1.959   -8.781  2.308   0.06 50.86  ? 50  THR A N   1 
ATOM   415  N  N   B THR A 1 51  ? 1.955   -8.835  2.318   0.45 53.78  ? 50  THR A N   1 
ATOM   416  C  CA  A THR A 1 51  ? 1.713   -7.851  1.170   0.06 50.50  ? 50  THR A CA  1 
ATOM   417  C  CA  B THR A 1 51  ? 1.657   -8.029  1.102   0.45 54.52  ? 50  THR A CA  1 
ATOM   418  C  C   A THR A 1 51  ? 0.343   -7.175  1.310   0.06 49.33  ? 50  THR A C   1 
ATOM   419  C  C   B THR A 1 51  ? 0.364   -7.226  1.294   0.45 49.48  ? 50  THR A C   1 
ATOM   420  O  O   A THR A 1 51  ? 0.248   -5.992  0.928   0.06 48.83  ? 50  THR A O   1 
ATOM   421  O  O   B THR A 1 51  ? 0.332   -6.048  0.902   0.45 46.17  ? 50  THR A O   1 
ATOM   422  C  CB  A THR A 1 51  ? 1.881   -8.574  -0.173  0.06 50.74  ? 50  THR A CB  1 
ATOM   423  C  CB  B THR A 1 51  ? 1.501   -8.938  -0.126  0.45 54.86  ? 50  THR A CB  1 
ATOM   424  O  OG1 A THR A 1 51  ? 1.563   -7.655  -1.218  0.06 51.30  ? 50  THR A OG1 1 
ATOM   425  O  OG1 B THR A 1 51  ? 2.680   -9.727  -0.284  0.45 61.04  ? 50  THR A OG1 1 
ATOM   426  C  CG2 A THR A 1 51  ? 1.019   -9.809  -0.291  0.06 50.92  ? 50  THR A CG2 1 
ATOM   427  C  CG2 B THR A 1 51  ? 1.255   -8.170  -1.403  0.45 55.11  ? 50  THR A CG2 1 
ATOM   428  N  N   . LYS A 1 52  ? -0.667  -7.880  1.834   1.00 48.68  ? 51  LYS A N   1 
ATOM   429  C  CA  . LYS A 1 52  ? -2.040  -7.347  1.961   1.00 47.73  ? 51  LYS A CA  1 
ATOM   430  C  C   . LYS A 1 52  ? -2.336  -6.835  3.384   1.00 47.92  ? 51  LYS A C   1 
ATOM   431  O  O   . LYS A 1 52  ? -2.221  -7.633  4.360   1.00 49.33  ? 51  LYS A O   1 
ATOM   432  C  CB  . LYS A 1 52  ? -2.954  -8.501  1.576   1.00 40.80  ? 51  LYS A CB  1 
ATOM   433  C  CG  . LYS A 1 52  ? -4.402  -8.123  1.429   1.00 49.56  ? 51  LYS A CG  1 
ATOM   434  C  CD  . LYS A 1 52  ? -5.219  -9.342  1.101   1.00 57.01  ? 51  LYS A CD  1 
ATOM   435  C  CE  . LYS A 1 52  ? -5.506  -10.203 2.315   1.00 60.09  ? 51  LYS A CE  1 
ATOM   436  N  NZ  . LYS A 1 52  ? -6.459  -11.284 1.962   1.00 60.25  ? 51  LYS A NZ  1 
ATOM   437  N  N   . PHE A 1 53  ? -2.724  -5.563  3.489   1.00 45.66  ? 52  PHE A N   1 
ATOM   438  C  CA  . PHE A 1 53  ? -2.995  -4.840  4.758   1.00 44.97  ? 52  PHE A CA  1 
ATOM   439  C  C   . PHE A 1 53  ? -4.448  -4.360  4.750   1.00 46.08  ? 52  PHE A C   1 
ATOM   440  O  O   . PHE A 1 53  ? -4.942  -3.908  3.686   1.00 40.28  ? 52  PHE A O   1 
ATOM   441  C  CB  . PHE A 1 53  ? -2.011  -3.674  4.929   1.00 47.27  ? 52  PHE A CB  1 
ATOM   442  C  CG  . PHE A 1 53  ? -0.584  -4.122  5.099   1.00 47.65  ? 52  PHE A CG  1 
ATOM   443  C  CD1 . PHE A 1 53  ? 0.229   -4.343  3.998   1.00 51.81  ? 52  PHE A CD1 1 
ATOM   444  C  CD2 . PHE A 1 53  ? -0.088  -4.430  6.359   1.00 45.67  ? 52  PHE A CD2 1 
ATOM   445  C  CE1 . PHE A 1 53  ? 1.522   -4.823  4.148   1.00 54.13  ? 52  PHE A CE1 1 
ATOM   446  C  CE2 . PHE A 1 53  ? 1.214   -4.892  6.511   1.00 54.73  ? 52  PHE A CE2 1 
ATOM   447  C  CZ  . PHE A 1 53  ? 2.019   -5.084  5.402   1.00 55.88  ? 52  PHE A CZ  1 
ATOM   448  N  N   . LEU A 1 54  ? -5.133  -4.477  5.886   1.00 45.97  ? 53  LEU A N   1 
ATOM   449  C  CA  . LEU A 1 54  ? -6.415  -3.767  6.142   1.00 46.40  ? 53  LEU A CA  1 
ATOM   450  C  C   . LEU A 1 54  ? -6.135  -2.445  6.913   1.00 42.67  ? 53  LEU A C   1 
ATOM   451  O  O   . LEU A 1 54  ? -5.889  -2.495  8.115   1.00 49.82  ? 53  LEU A O   1 
ATOM   452  C  CB  . LEU A 1 54  ? -7.350  -4.754  6.860   1.00 44.87  ? 53  LEU A CB  1 
ATOM   453  C  CG  . LEU A 1 54  ? -7.429  -6.142  6.229   1.00 49.16  ? 53  LEU A CG  1 
ATOM   454  C  CD1 . LEU A 1 54  ? -8.374  -7.050  7.004   1.00 55.93  ? 53  LEU A CD1 1 
ATOM   455  C  CD2 . LEU A 1 54  ? -7.831  -6.060  4.762   1.00 48.55  ? 53  LEU A CD2 1 
ATOM   456  N  N   . VAL A 1 55  ? -6.218  -1.270  6.275   1.00 40.66  ? 54  VAL A N   1 
ATOM   457  C  CA  . VAL A 1 55  ? -5.947  0.055   6.921   1.00 40.58  ? 54  VAL A CA  1 
ATOM   458  C  C   . VAL A 1 55  ? -7.265  0.696   7.372   1.00 39.76  ? 54  VAL A C   1 
ATOM   459  O  O   . VAL A 1 55  ? -8.234  0.733   6.617   1.00 40.02  ? 54  VAL A O   1 
ATOM   460  C  CB  . VAL A 1 55  ? -5.096  0.958   5.995   1.00 38.93  ? 54  VAL A CB  1 
ATOM   461  C  CG1 . VAL A 1 55  ? -4.632  2.222   6.668   1.00 35.97  ? 54  VAL A CG1 1 
ATOM   462  C  CG2 . VAL A 1 55  ? -3.894  0.175   5.465   1.00 48.17  ? 54  VAL A CG2 1 
ATOM   463  N  N   . PRO A 1 56  ? -7.381  1.148   8.652   1.00 40.09  ? 55  PRO A N   1 
ATOM   464  C  CA  . PRO A 1 56  ? -8.549  1.906   9.112   1.00 39.31  ? 55  PRO A CA  1 
ATOM   465  C  C   . PRO A 1 56  ? -8.737  3.136   8.220   1.00 35.53  ? 55  PRO A C   1 
ATOM   466  O  O   . PRO A 1 56  ? -7.777  3.762   7.943   1.00 37.92  ? 55  PRO A O   1 
ATOM   467  C  CB  . PRO A 1 56  ? -8.238  2.334   10.550  1.00 34.70  ? 55  PRO A CB  1 
ATOM   468  C  CG  . PRO A 1 56  ? -7.112  1.390   10.983  1.00 40.37  ? 55  PRO A CG  1 
ATOM   469  C  CD  . PRO A 1 56  ? -6.380  0.976   9.717   1.00 38.93  ? 55  PRO A CD  1 
ATOM   470  N  N   . ASP A 1 57  ? -9.958  3.365   7.746   1.00 41.61  ? 56  ASP A N   1 
ATOM   471  C  CA  . ASP A 1 57  ? -10.291 4.276   6.622   1.00 36.98  ? 56  ASP A CA  1 
ATOM   472  C  C   . ASP A 1 57  ? -10.220 5.756   7.057   1.00 38.26  ? 56  ASP A C   1 
ATOM   473  O  O   . ASP A 1 57  ? -10.294 6.582   6.164   1.00 35.64  ? 56  ASP A O   1 
ATOM   474  C  CB  . ASP A 1 57  ? -11.620 3.873   5.977   1.00 39.35  ? 56  ASP A CB  1 
ATOM   475  C  CG  . ASP A 1 57  ? -12.859 4.402   6.678   1.00 38.57  ? 56  ASP A CG  1 
ATOM   476  O  OD1 . ASP A 1 57  ? -12.744 4.726   7.864   1.00 34.57  ? 56  ASP A OD1 1 
ATOM   477  O  OD2 . ASP A 1 57  ? -13.927 4.481   6.022   1.00 40.24  ? 56  ASP A OD2 1 
ATOM   478  N  N   . HIS A 1 58  ? -9.966  6.058   8.326   1.00 36.90  ? 57  HIS A N   1 
ATOM   479  C  CA  . HIS A 1 58  ? -9.895  7.441   8.885   1.00 43.34  ? 57  HIS A CA  1 
ATOM   480  C  C   . HIS A 1 58  ? -8.441  7.875   8.988   1.00 40.35  ? 57  HIS A C   1 
ATOM   481  O  O   . HIS A 1 58  ? -8.217  9.106   9.233   1.00 47.21  ? 57  HIS A O   1 
ATOM   482  C  CB  . HIS A 1 58  ? -10.555 7.565   10.274  1.00 40.05  ? 57  HIS A CB  1 
ATOM   483  C  CG  . HIS A 1 58  ? -9.987  6.617   11.269  1.00 42.73  ? 57  HIS A CG  1 
ATOM   484  N  ND1 . HIS A 1 58  ? -8.938  6.958   12.085  1.00 43.36  ? 57  HIS A ND1 1 
ATOM   485  C  CD2 . HIS A 1 58  ? -10.260 5.307   11.505  1.00 42.87  ? 57  HIS A CD2 1 
ATOM   486  C  CE1 . HIS A 1 58  ? -8.599  5.925   12.821  1.00 49.71  ? 57  HIS A CE1 1 
ATOM   487  N  NE2 . HIS A 1 58  ? -9.403  4.894   12.481  1.00 50.42  ? 57  HIS A NE2 1 
ATOM   488  N  N   . VAL A 1 59  ? -7.477  6.957   8.841   1.00 39.34  ? 58  VAL A N   1 
ATOM   489  C  CA  . VAL A 1 59  ? -6.037  7.354   8.955   1.00 41.15  ? 58  VAL A CA  1 
ATOM   490  C  C   . VAL A 1 59  ? -5.642  8.136   7.690   1.00 38.72  ? 58  VAL A C   1 
ATOM   491  O  O   . VAL A 1 59  ? -6.052  7.776   6.594   1.00 42.68  ? 58  VAL A O   1 
ATOM   492  C  CB  . VAL A 1 59  ? -5.092  6.171   9.270   1.00 45.37  ? 58  VAL A CB  1 
ATOM   493  C  CG1 . VAL A 1 59  ? -5.606  5.330   10.439  1.00 42.07  ? 58  VAL A CG1 1 
ATOM   494  C  CG2 . VAL A 1 59  ? -4.831  5.312   8.055   1.00 46.23  ? 58  VAL A CG2 1 
ATOM   495  N  N   . ASN A 1 60  ? -4.869  9.214   7.834   1.00 42.17  ? 59  ASN A N   1 
ATOM   496  C  CA  . ASN A 1 60  ? -4.358  9.959   6.654   1.00 36.83  ? 59  ASN A CA  1 
ATOM   497  C  C   . ASN A 1 60  ? -3.037  9.332   6.195   1.00 38.67  ? 59  ASN A C   1 
ATOM   498  O  O   . ASN A 1 60  ? -2.480  8.547   6.940   1.00 32.34  ? 59  ASN A O   1 
ATOM   499  C  CB  . ASN A 1 60  ? -4.321  11.463  6.945   1.00 44.70  ? 59  ASN A CB  1 
ATOM   500  C  CG  . ASN A 1 60  ? -3.281  11.835  7.969   1.00 45.70  ? 59  ASN A CG  1 
ATOM   501  O  OD1 . ASN A 1 60  ? -2.344  11.084  8.214   1.00 49.55  ? 59  ASN A OD1 1 
ATOM   502  N  ND2 . ASN A 1 60  ? -3.413  13.018  8.533   1.00 49.17  ? 59  ASN A ND2 1 
ATOM   503  N  N   . MET A 1 61  ? -2.579  9.629   4.970   1.00 40.63  ? 60  MET A N   1 
ATOM   504  C  CA  . MET A 1 61  ? -1.351  9.048   4.369   1.00 42.45  ? 60  MET A CA  1 
ATOM   505  C  C   . MET A 1 61  ? -0.099  9.294   5.225   1.00 41.28  ? 60  MET A C   1 
ATOM   506  O  O   . MET A 1 61  ? 0.808   8.461   5.206   1.00 41.42  ? 60  MET A O   1 
ATOM   507  C  CB  . MET A 1 61  ? -1.105  9.596   2.953   1.00 47.61  ? 60  MET A CB  1 
ATOM   508  C  CG  . MET A 1 61  ? -2.190  9.217   1.963   1.00 46.39  ? 60  MET A CG  1 
ATOM   509  S  SD  . MET A 1 61  ? -2.442  7.446   1.858   1.00 53.60  ? 60  MET A SD  1 
ATOM   510  C  CE  . MET A 1 61  ? -0.818  6.891   1.371   1.00 52.52  ? 60  MET A CE  1 
ATOM   511  N  N   A SER A 1 62  ? -0.034  10.430  5.926   0.47 41.78  ? 61  SER A N   1 
ATOM   512  N  N   B SER A 1 62  ? -0.041  10.425  5.940   0.04 41.27  ? 61  SER A N   1 
ATOM   513  C  CA  A SER A 1 62  ? 1.077   10.756  6.858   0.47 43.50  ? 61  SER A CA  1 
ATOM   514  C  CA  B SER A 1 62  ? 1.073   10.762  6.868   0.04 41.22  ? 61  SER A CA  1 
ATOM   515  C  C   A SER A 1 62  ? 1.157   9.648   7.924   0.47 42.68  ? 61  SER A C   1 
ATOM   516  C  C   B SER A 1 62  ? 1.157   9.691   7.962   0.04 41.11  ? 61  SER A C   1 
ATOM   517  O  O   A SER A 1 62  ? 2.266   9.146   8.188   0.47 39.68  ? 61  SER A O   1 
ATOM   518  O  O   B SER A 1 62  ? 2.286   9.280   8.297   0.04 40.86  ? 61  SER A O   1 
ATOM   519  C  CB  A SER A 1 62  ? 0.869   12.107  7.474   0.47 45.88  ? 61  SER A CB  1 
ATOM   520  C  CB  B SER A 1 62  ? 0.924   12.141  7.459   0.04 41.30  ? 61  SER A CB  1 
ATOM   521  O  OG  A SER A 1 62  ? 1.869   12.388  8.437   0.47 52.55  ? 61  SER A OG  1 
ATOM   522  O  OG  B SER A 1 62  ? -0.144  12.186  8.391   0.04 41.39  ? 61  SER A OG  1 
ATOM   523  N  N   . GLU A 1 63  ? 0.006   9.247   8.482   1.00 40.15  ? 62  GLU A N   1 
ATOM   524  C  CA  . GLU A 1 63  ? -0.038  8.194   9.531   1.00 42.06  ? 62  GLU A CA  1 
ATOM   525  C  C   . GLU A 1 63  ? 0.220   6.818   8.902   1.00 38.79  ? 62  GLU A C   1 
ATOM   526  O  O   . GLU A 1 63  ? 0.887   6.020   9.542   1.00 38.15  ? 62  GLU A O   1 
ATOM   527  C  CB  . GLU A 1 63  ? -1.343  8.293   10.309  1.00 44.63  ? 62  GLU A CB  1 
ATOM   528  C  CG  . GLU A 1 63  ? -1.519  7.180   11.310  1.00 39.11  ? 62  GLU A CG  1 
ATOM   529  C  CD  . GLU A 1 63  ? -0.429  7.079   12.366  1.00 42.78  ? 62  GLU A CD  1 
ATOM   530  O  OE1 . GLU A 1 63  ? 0.251   8.109   12.655  1.00 44.09  ? 62  GLU A OE1 1 
ATOM   531  O  OE2 . GLU A 1 63  ? -0.236  5.962   12.884  1.00 41.58  ? 62  GLU A OE2 1 
ATOM   532  N  N   . LEU A 1 64  ? -0.208  6.536   7.657   1.00 43.00  ? 63  LEU A N   1 
ATOM   533  C  CA  . LEU A 1 64  ? 0.122   5.244   7.002   1.00 41.64  ? 63  LEU A CA  1 
ATOM   534  C  C   . LEU A 1 64  ? 1.641   5.084   6.833   1.00 40.64  ? 63  LEU A C   1 
ATOM   535  O  O   . LEU A 1 64  ? 2.154   3.918   6.950   1.00 42.02  ? 63  LEU A O   1 
ATOM   536  C  CB  . LEU A 1 64  ? -0.590  5.045   5.657   1.00 37.75  ? 63  LEU A CB  1 
ATOM   537  C  CG  . LEU A 1 64  ? -0.343  3.669   5.038   1.00 40.90  ? 63  LEU A CG  1 
ATOM   538  C  CD1 . LEU A 1 64  ? -0.553  2.568   6.066   1.00 43.03  ? 63  LEU A CD1 1 
ATOM   539  C  CD2 . LEU A 1 64  ? -1.209  3.430   3.821   1.00 39.64  ? 63  LEU A CD2 1 
ATOM   540  N  N   . ILE A 1 65  ? 2.341   6.154   6.482   1.00 45.55  ? 64  ILE A N   1 
ATOM   541  C  CA  . ILE A 1 65  ? 3.826   6.106   6.297   1.00 44.18  ? 64  ILE A CA  1 
ATOM   542  C  C   . ILE A 1 65  ? 4.477   5.758   7.634   1.00 41.92  ? 64  ILE A C   1 
ATOM   543  O  O   . ILE A 1 65  ? 5.384   4.923   7.619   1.00 47.07  ? 64  ILE A O   1 
ATOM   544  C  CB  . ILE A 1 65  ? 4.384   7.438   5.738   1.00 42.91  ? 64  ILE A CB  1 
ATOM   545  C  CG1 . ILE A 1 65  ? 3.951   7.690   4.290   1.00 48.66  ? 64  ILE A CG1 1 
ATOM   546  C  CG2 . ILE A 1 65  ? 5.907   7.453   5.874   1.00 48.65  ? 64  ILE A CG2 1 
ATOM   547  C  CD1 . ILE A 1 65  ? 3.961   9.159   3.894   1.00 54.98  ? 64  ILE A CD1 1 
ATOM   548  N  N   . LYS A 1 66  ? 4.034   6.379   8.742   1.00 40.10  ? 65  LYS A N   1 
ATOM   549  C  CA  . LYS A 1 66  ? 4.523   6.070   10.116  1.00 39.55  ? 65  LYS A CA  1 
ATOM   550  C  C   . LYS A 1 66  ? 4.278   4.608   10.475  1.00 47.76  ? 65  LYS A C   1 
ATOM   551  O  O   . LYS A 1 66  ? 5.170   3.957   11.049  1.00 41.45  ? 65  LYS A O   1 
ATOM   552  C  CB  . LYS A 1 66  ? 3.838   6.983   11.122  1.00 45.88  ? 65  LYS A CB  1 
ATOM   553  C  CG  . LYS A 1 66  ? 4.343   8.408   10.987  1.00 42.88  ? 65  LYS A CG  1 
ATOM   554  C  CD  . LYS A 1 66  ? 3.860   9.378   12.009  1.00 47.12  ? 65  LYS A CD  1 
ATOM   555  C  CE  . LYS A 1 66  ? 4.224   10.800  11.628  1.00 53.93  ? 65  LYS A CE  1 
ATOM   556  N  NZ  . LYS A 1 66  ? 3.223   11.755  12.137  1.00 65.64  ? 65  LYS A NZ  1 
ATOM   557  N  N   . ILE A 1 67  ? 3.107   4.106   10.128  1.00 40.10  ? 66  ILE A N   1 
ATOM   558  C  CA  . ILE A 1 67  ? 2.745   2.704   10.421  1.00 39.55  ? 66  ILE A CA  1 
ATOM   559  C  C   . ILE A 1 67  ? 3.764   1.779   9.745   1.00 41.10  ? 66  ILE A C   1 
ATOM   560  O  O   . ILE A 1 67  ? 4.276   0.882   10.407  1.00 40.98  ? 66  ILE A O   1 
ATOM   561  C  CB  . ILE A 1 67  ? 1.299   2.429   10.003  1.00 41.85  ? 66  ILE A CB  1 
ATOM   562  C  CG1 . ILE A 1 67  ? 0.289   3.234   10.821  1.00 41.77  ? 66  ILE A CG1 1 
ATOM   563  C  CG2 . ILE A 1 67  ? 1.026   0.956   10.103  1.00 41.74  ? 66  ILE A CG2 1 
ATOM   564  C  CD1 . ILE A 1 67  ? -1.144  3.087   10.340  1.00 41.50  ? 66  ILE A CD1 1 
ATOM   565  N  N   . ILE A 1 68  ? 4.034   2.008   8.455   0.26 42.11  ? 67  ILE A N   1 
ATOM   566  C  CA  . ILE A 1 68  ? 4.914   1.138   7.617   0.26 42.91  ? 67  ILE A CA  1 
ATOM   567  C  C   . ILE A 1 68  ? 6.362   1.286   8.104   0.26 45.60  ? 67  ILE A C   1 
ATOM   568  O  O   . ILE A 1 68  ? 7.064   0.259   8.159   0.26 46.74  ? 67  ILE A O   1 
ATOM   569  C  CB  . ILE A 1 68  ? 4.778   1.453   6.113   0.26 41.73  ? 67  ILE A CB  1 
ATOM   570  C  CG1 . ILE A 1 68  ? 3.344   1.259   5.607   0.26 41.11  ? 67  ILE A CG1 1 
ATOM   571  C  CG2 . ILE A 1 68  ? 5.766   0.618   5.310   0.26 41.69  ? 67  ILE A CG2 1 
ATOM   572  C  CD1 . ILE A 1 68  ? 3.029   2.003   4.334   0.26 39.16  ? 67  ILE A CD1 1 
ATOM   573  N  N   . ARG A 1 69  ? 6.783   2.511   8.447   1.00 46.44  ? 68  ARG A N   1 
ATOM   574  C  CA  . ARG A 1 69  ? 8.148   2.774   9.002   1.00 46.50  ? 68  ARG A CA  1 
ATOM   575  C  C   . ARG A 1 69  ? 8.296   2.023   10.336  1.00 48.73  ? 68  ARG A C   1 
ATOM   576  O  O   . ARG A 1 69  ? 9.418   1.590   10.638  1.00 53.52  ? 68  ARG A O   1 
ATOM   577  C  CB  . ARG A 1 69  ? 8.441   4.265   9.194   1.00 43.19  ? 68  ARG A CB  1 
ATOM   578  C  CG  . ARG A 1 69  ? 8.700   5.045   7.912   1.00 46.42  ? 68  ARG A CG  1 
ATOM   579  C  CD  . ARG A 1 69  ? 8.911   6.522   8.181   1.00 49.40  ? 68  ARG A CD  1 
ATOM   580  N  NE  . ARG A 1 69  ? 10.147  6.731   8.925   1.00 52.89  ? 68  ARG A NE  1 
ATOM   581  C  CZ  . ARG A 1 69  ? 11.379  6.786   8.391   1.00 57.85  ? 68  ARG A CZ  1 
ATOM   582  N  NH1 . ARG A 1 69  ? 11.572  6.723   7.079   1.00 56.80  ? 68  ARG A NH1 1 
ATOM   583  N  NH2 . ARG A 1 69  ? 12.427  6.930   9.181   1.00 58.31  ? 68  ARG A NH2 1 
ATOM   584  N  N   . ARG A 1 70  ? 7.212   1.839   11.095  1.00 45.01  ? 69  ARG A N   1 
ATOM   585  C  CA  . ARG A 1 70  ? 7.228   1.051   12.362  1.00 43.54  ? 69  ARG A CA  1 
ATOM   586  C  C   . ARG A 1 70  ? 7.213   -0.448  12.034  1.00 45.58  ? 69  ARG A C   1 
ATOM   587  O  O   . ARG A 1 70  ? 7.873   -1.217  12.722  1.00 50.22  ? 69  ARG A O   1 
ATOM   588  C  CB  . ARG A 1 70  ? 6.068   1.447   13.277  1.00 43.78  ? 69  ARG A CB  1 
ATOM   589  C  CG  . ARG A 1 70  ? 6.273   2.758   14.027  1.00 46.77  ? 69  ARG A CG  1 
ATOM   590  C  CD  . ARG A 1 70  ? 5.302   2.968   15.174  1.00 47.91  ? 69  ARG A CD  1 
ATOM   591  N  NE  . ARG A 1 70  ? 3.880   3.128   14.842  1.00 40.33  ? 69  ARG A NE  1 
ATOM   592  C  CZ  . ARG A 1 70  ? 3.264   4.284   14.574  1.00 46.51  ? 69  ARG A CZ  1 
ATOM   593  N  NH1 . ARG A 1 70  ? 3.939   5.418   14.559  1.00 40.99  ? 69  ARG A NH1 1 
ATOM   594  N  NH2 . ARG A 1 70  ? 1.968   4.299   14.288  1.00 40.60  ? 69  ARG A NH2 1 
ATOM   595  N  N   . ARG A 1 71  ? 6.506   -0.856  10.990  1.00 44.33  ? 70  ARG A N   1 
ATOM   596  C  CA  . ARG A 1 71  ? 6.463   -2.266  10.587  1.00 48.39  ? 70  ARG A CA  1 
ATOM   597  C  C   . ARG A 1 71  ? 7.841   -2.706  10.067  1.00 57.54  ? 70  ARG A C   1 
ATOM   598  O  O   . ARG A 1 71  ? 8.256   -3.831  10.380  1.00 54.47  ? 70  ARG A O   1 
ATOM   599  C  CB  . ARG A 1 71  ? 5.387   -2.500  9.543   1.00 48.48  ? 70  ARG A CB  1 
ATOM   600  C  CG  . ARG A 1 71  ? 5.230   -3.977  9.252   1.00 55.39  ? 70  ARG A CG  1 
ATOM   601  C  CD  . ARG A 1 71  ? 3.788   -4.337  9.155   1.00 61.81  ? 70  ARG A CD  1 
ATOM   602  N  NE  . ARG A 1 71  ? 3.541   -5.772  9.208   1.00 65.06  ? 70  ARG A NE  1 
ATOM   603  C  CZ  . ARG A 1 71  ? 2.484   -6.320  9.808   1.00 63.42  ? 70  ARG A CZ  1 
ATOM   604  N  NH1 . ARG A 1 71  ? 1.613   -5.548  10.435  1.00 67.25  ? 70  ARG A NH1 1 
ATOM   605  N  NH2 . ARG A 1 71  ? 2.299   -7.630  9.794   1.00 58.47  ? 70  ARG A NH2 1 
ATOM   606  N  N   . LEU A 1 72  ? 8.520   -1.854  9.303   1.00 53.94  ? 71  LEU A N   1 
ATOM   607  C  CA  . LEU A 1 72  ? 9.899   -2.111  8.816   1.00 52.20  ? 71  LEU A CA  1 
ATOM   608  C  C   . LEU A 1 72  ? 10.918  -1.912  9.949   1.00 57.22  ? 71  LEU A C   1 
ATOM   609  O  O   . LEU A 1 72  ? 12.073  -2.276  9.732   1.00 59.96  ? 71  LEU A O   1 
ATOM   610  C  CB  . LEU A 1 72  ? 10.198  -1.174  7.646   1.00 51.79  ? 71  LEU A CB  1 
ATOM   611  C  CG  . LEU A 1 72  ? 9.435   -1.442  6.361   1.00 50.57  ? 71  LEU A CG  1 
ATOM   612  C  CD1 . LEU A 1 72  ? 9.621   -0.298  5.385   1.00 54.37  ? 71  LEU A CD1 1 
ATOM   613  C  CD2 . LEU A 1 72  ? 9.861   -2.740  5.740   1.00 52.28  ? 71  LEU A CD2 1 
ATOM   614  N  N   . GLN A 1 73  ? 10.508  -1.353  11.099  1.00 62.36  ? 72  GLN A N   1 
ATOM   615  C  CA  . GLN A 1 73  ? 11.389  -1.021  12.250  1.00 61.99  ? 72  GLN A CA  1 
ATOM   616  C  C   . GLN A 1 73  ? 12.552  -0.121  11.777  1.00 67.07  ? 72  GLN A C   1 
ATOM   617  O  O   . GLN A 1 73  ? 13.683  -0.310  12.243  1.00 70.57  ? 72  GLN A O   1 
ATOM   618  C  CB  . GLN A 1 73  ? 11.870  -2.323  12.919  1.00 67.23  ? 72  GLN A CB  1 
ATOM   619  C  CG  . GLN A 1 73  ? 10.893  -2.938  13.924  1.00 61.97  ? 72  GLN A CG  1 
ATOM   620  C  CD  . GLN A 1 73  ? 10.653  -2.115  15.181  1.00 64.44  ? 72  GLN A CD  1 
ATOM   621  O  OE1 . GLN A 1 73  ? 11.368  -2.234  16.180  1.00 50.63  ? 72  GLN A OE1 1 
ATOM   622  N  NE2 . GLN A 1 73  ? 9.598   -1.300  15.185  1.00 60.53  ? 72  GLN A NE2 1 
ATOM   623  N  N   . LEU A 1 74  ? 12.295  0.853   10.901  1.00 66.08  ? 73  LEU A N   1 
ATOM   624  C  CA  . LEU A 1 74  ? 13.306  1.845   10.426  1.00 62.43  ? 73  LEU A CA  1 
ATOM   625  C  C   . LEU A 1 74  ? 13.779  2.702   11.599  1.00 55.80  ? 73  LEU A C   1 
ATOM   626  O  O   . LEU A 1 74  ? 13.166  2.641   12.650  1.00 61.18  ? 73  LEU A O   1 
ATOM   627  C  CB  . LEU A 1 74  ? 12.702  2.744   9.341   1.00 58.61  ? 73  LEU A CB  1 
ATOM   628  C  CG  . LEU A 1 74  ? 12.213  2.041   8.074   1.00 54.62  ? 73  LEU A CG  1 
ATOM   629  C  CD1 . LEU A 1 74  ? 11.980  3.044   6.966   1.00 57.92  ? 73  LEU A CD1 1 
ATOM   630  C  CD2 . LEU A 1 74  ? 13.192  0.978   7.600   1.00 61.86  ? 73  LEU A CD2 1 
ATOM   631  N  N   . ASN A 1 75  ? 14.863  3.451   11.411  1.00 60.87  ? 74  ASN A N   1 
ATOM   632  C  CA  . ASN A 1 75  ? 15.323  4.500   12.357  1.00 65.48  ? 74  ASN A CA  1 
ATOM   633  C  C   . ASN A 1 75  ? 15.244  5.854   11.637  1.00 62.52  ? 74  ASN A C   1 
ATOM   634  O  O   . ASN A 1 75  ? 14.931  5.861   10.417  1.00 62.35  ? 74  ASN A O   1 
ATOM   635  C  CB  . ASN A 1 75  ? 16.691  4.174   12.967  1.00 81.89  ? 74  ASN A CB  1 
ATOM   636  C  CG  . ASN A 1 75  ? 17.738  3.809   11.934  1.00 86.32  ? 74  ASN A CG  1 
ATOM   637  O  OD1 . ASN A 1 75  ? 18.172  4.666   11.156  1.00 80.52  ? 74  ASN A OD1 1 
ATOM   638  N  ND2 . ASN A 1 75  ? 18.148  2.544   11.919  1.00 81.75  ? 74  ASN A ND2 1 
ATOM   639  N  N   . ALA A 1 76  ? 15.486  6.938   12.373  1.00 64.04  ? 75  ALA A N   1 
ATOM   640  C  CA  . ALA A 1 76  ? 15.015  8.307   12.080  1.00 72.38  ? 75  ALA A CA  1 
ATOM   641  C  C   . ALA A 1 76  ? 15.725  8.912   10.865  1.00 82.41  ? 75  ALA A C   1 
ATOM   642  O  O   . ALA A 1 76  ? 15.221  9.939   10.386  1.00 88.41  ? 75  ALA A O   1 
ATOM   643  C  CB  . ALA A 1 76  ? 15.212  9.178   13.295  1.00 81.81  ? 75  ALA A CB  1 
ATOM   644  N  N   . ASN A 1 77  ? 16.852  8.356   10.401  1.00 89.23  ? 76  ASN A N   1 
ATOM   645  C  CA  . ASN A 1 77  ? 17.602  8.952   9.254   1.00 96.87  ? 76  ASN A CA  1 
ATOM   646  C  C   . ASN A 1 77  ? 17.646  7.986   8.059   1.00 92.57  ? 76  ASN A C   1 
ATOM   647  O  O   . ASN A 1 77  ? 18.281  8.377   7.054   1.00 106.08 ? 76  ASN A O   1 
ATOM   648  C  CB  . ASN A 1 77  ? 18.994  9.459   9.653   1.00 99.40  ? 76  ASN A CB  1 
ATOM   649  C  CG  . ASN A 1 77  ? 19.814  8.419   10.378  1.00 104.87 ? 76  ASN A CG  1 
ATOM   650  O  OD1 . ASN A 1 77  ? 19.578  7.224   10.216  1.00 110.93 ? 76  ASN A OD1 1 
ATOM   651  N  ND2 . ASN A 1 77  ? 20.757  8.863   11.194  1.00 109.84 ? 76  ASN A ND2 1 
ATOM   652  N  N   . GLN A 1 78  ? 16.978  6.817   8.120   1.00 75.02  ? 77  GLN A N   1 
ATOM   653  C  CA  . GLN A 1 78  ? 16.661  6.013   6.905   1.00 70.04  ? 77  GLN A CA  1 
ATOM   654  C  C   . GLN A 1 78  ? 15.589  6.778   6.119   1.00 64.44  ? 77  GLN A C   1 
ATOM   655  O  O   . GLN A 1 78  ? 14.710  7.371   6.759   1.00 67.51  ? 77  GLN A O   1 
ATOM   656  C  CB  . GLN A 1 78  ? 16.209  4.585   7.233   1.00 73.45  ? 77  GLN A CB  1 
ATOM   657  C  CG  . GLN A 1 78  ? 17.311  3.730   7.841   1.00 73.76  ? 77  GLN A CG  1 
ATOM   658  C  CD  . GLN A 1 78  ? 16.843  2.380   8.332   1.00 77.91  ? 77  GLN A CD  1 
ATOM   659  O  OE1 . GLN A 1 78  ? 16.483  2.201   9.500   1.00 80.36  ? 77  GLN A OE1 1 
ATOM   660  N  NE2 . GLN A 1 78  ? 16.860  1.403   7.441   1.00 72.12  ? 77  GLN A NE2 1 
ATOM   661  N  N   . ALA A 1 79  ? 15.718  6.844   4.789   1.00 61.91  ? 78  ALA A N   1 
ATOM   662  C  CA  . ALA A 1 79  ? 14.713  7.439   3.874   1.00 54.51  ? 78  ALA A CA  1 
ATOM   663  C  C   . ALA A 1 79  ? 13.689  6.360   3.511   1.00 56.76  ? 78  ALA A C   1 
ATOM   664  O  O   . ALA A 1 79  ? 14.037  5.181   3.571   1.00 52.80  ? 78  ALA A O   1 
ATOM   665  C  CB  . ALA A 1 79  ? 15.356  8.016   2.635   1.00 58.87  ? 78  ALA A CB  1 
ATOM   666  N  N   . PHE A 1 80  ? 12.470  6.798   3.197   1.00 54.35  ? 79  PHE A N   1 
ATOM   667  C  CA  . PHE A 1 80  ? 11.312  5.961   2.814   1.00 55.38  ? 79  PHE A CA  1 
ATOM   668  C  C   . PHE A 1 80  ? 10.407  6.826   1.935   1.00 55.58  ? 79  PHE A C   1 
ATOM   669  O  O   . PHE A 1 80  ? 10.093  7.981   2.312   1.00 60.42  ? 79  PHE A O   1 
ATOM   670  C  CB  . PHE A 1 80  ? 10.623  5.409   4.062   1.00 53.50  ? 79  PHE A CB  1 
ATOM   671  C  CG  . PHE A 1 80  ? 9.396   4.584   3.805   1.00 50.47  ? 79  PHE A CG  1 
ATOM   672  C  CD1 . PHE A 1 80  ? 9.481   3.214   3.657   1.00 52.32  ? 79  PHE A CD1 1 
ATOM   673  C  CD2 . PHE A 1 80  ? 8.148   5.180   3.772   1.00 52.17  ? 79  PHE A CD2 1 
ATOM   674  C  CE1 . PHE A 1 80  ? 8.344   2.445   3.480   1.00 50.84  ? 79  PHE A CE1 1 
ATOM   675  C  CE2 . PHE A 1 80  ? 7.012   4.411   3.578   1.00 45.08  ? 79  PHE A CE2 1 
ATOM   676  C  CZ  . PHE A 1 80  ? 7.112   3.049   3.439   1.00 51.50  ? 79  PHE A CZ  1 
ATOM   677  N  N   . PHE A 1 81  ? 10.094  6.311   0.747   1.00 54.52  ? 80  PHE A N   1 
ATOM   678  C  CA  . PHE A 1 81  ? 9.211   6.959   -0.253  1.00 54.72  ? 80  PHE A CA  1 
ATOM   679  C  C   . PHE A 1 81  ? 8.150   5.918   -0.577  1.00 48.45  ? 80  PHE A C   1 
ATOM   680  O  O   . PHE A 1 81  ? 8.478   4.743   -0.658  1.00 49.07  ? 80  PHE A O   1 
ATOM   681  C  CB  . PHE A 1 81  ? 10.025  7.471   -1.455  1.00 62.41  ? 80  PHE A CB  1 
ATOM   682  C  CG  . PHE A 1 81  ? 11.079  8.496   -1.092  1.00 61.38  ? 80  PHE A CG  1 
ATOM   683  C  CD1 . PHE A 1 81  ? 12.400  8.118   -0.864  1.00 70.19  ? 80  PHE A CD1 1 
ATOM   684  C  CD2 . PHE A 1 81  ? 10.740  9.833   -0.909  1.00 60.67  ? 80  PHE A CD2 1 
ATOM   685  C  CE1 . PHE A 1 81  ? 13.356  9.062   -0.497  1.00 66.08  ? 80  PHE A CE1 1 
ATOM   686  C  CE2 . PHE A 1 81  ? 11.693  10.769  -0.537  1.00 61.64  ? 80  PHE A CE2 1 
ATOM   687  C  CZ  . PHE A 1 81  ? 12.998  10.386  -0.338  1.00 67.38  ? 80  PHE A CZ  1 
ATOM   688  N  N   . LEU A 1 82  ? 6.914   6.375   -0.697  1.00 52.10  ? 81  LEU A N   1 
ATOM   689  C  CA  . LEU A 1 82  ? 5.727   5.531   -0.933  1.00 56.51  ? 81  LEU A CA  1 
ATOM   690  C  C   . LEU A 1 82  ? 5.005   6.084   -2.156  1.00 57.38  ? 81  LEU A C   1 
ATOM   691  O  O   . LEU A 1 82  ? 4.600   7.263   -2.126  1.00 52.50  ? 81  LEU A O   1 
ATOM   692  C  CB  . LEU A 1 82  ? 4.854   5.576   0.324   1.00 59.91  ? 81  LEU A CB  1 
ATOM   693  C  CG  . LEU A 1 82  ? 3.691   4.599   0.359   1.00 53.56  ? 81  LEU A CG  1 
ATOM   694  C  CD1 . LEU A 1 82  ? 4.184   3.155   0.472   1.00 55.48  ? 81  LEU A CD1 1 
ATOM   695  C  CD2 . LEU A 1 82  ? 2.761   4.957   1.509   1.00 52.91  ? 81  LEU A CD2 1 
ATOM   696  N  N   . LEU A 1 83  ? 4.945   5.279   -3.211  1.00 52.44  ? 82  LEU A N   1 
ATOM   697  C  CA  . LEU A 1 83  ? 4.111   5.536   -4.399  1.00 54.99  ? 82  LEU A CA  1 
ATOM   698  C  C   . LEU A 1 83  ? 2.731   4.916   -4.176  1.00 50.16  ? 82  LEU A C   1 
ATOM   699  O  O   . LEU A 1 83  ? 2.616   3.814   -3.547  1.00 47.59  ? 82  LEU A O   1 
ATOM   700  C  CB  . LEU A 1 83  ? 4.769   4.909   -5.625  1.00 58.19  ? 82  LEU A CB  1 
ATOM   701  C  CG  . LEU A 1 83  ? 6.112   5.498   -6.048  1.00 60.65  ? 82  LEU A CG  1 
ATOM   702  C  CD1 . LEU A 1 83  ? 6.538   4.878   -7.363  1.00 61.83  ? 82  LEU A CD1 1 
ATOM   703  C  CD2 . LEU A 1 83  ? 6.080   7.018   -6.179  1.00 62.56  ? 82  LEU A CD2 1 
ATOM   704  N  N   . VAL A 1 84  ? 1.720   5.592   -4.699  1.00 41.12  ? 83  VAL A N   1 
ATOM   705  C  CA  . VAL A 1 84  ? 0.303   5.148   -4.625  1.00 47.17  ? 83  VAL A CA  1 
ATOM   706  C  C   . VAL A 1 84  ? -0.163  5.100   -6.074  1.00 49.01  ? 83  VAL A C   1 
ATOM   707  O  O   . VAL A 1 84  ? -0.061  6.153   -6.726  1.00 42.69  ? 83  VAL A O   1 
ATOM   708  C  CB  . VAL A 1 84  ? -0.576  6.097   -3.781  1.00 49.36  ? 83  VAL A CB  1 
ATOM   709  C  CG1 . VAL A 1 84  ? -1.990  5.573   -3.674  1.00 46.83  ? 83  VAL A CG1 1 
ATOM   710  C  CG2 . VAL A 1 84  ? 0.002   6.384   -2.405  1.00 54.47  ? 83  VAL A CG2 1 
ATOM   711  N  N   . ASN A 1 85  ? -0.677  3.947   -6.520  1.00 41.48  ? 84  ASN A N   1 
ATOM   712  C  CA  . ASN A 1 85  ? -1.233  3.754   -7.877  1.00 45.21  ? 84  ASN A CA  1 
ATOM   713  C  C   . ASN A 1 85  ? -0.178  4.195   -8.903  1.00 47.22  ? 84  ASN A C   1 
ATOM   714  O  O   . ASN A 1 85  ? -0.548  4.872   -9.858  1.00 50.67  ? 84  ASN A O   1 
ATOM   715  C  CB  . ASN A 1 85  ? -2.561  4.513   -7.988  1.00 49.98  ? 84  ASN A CB  1 
ATOM   716  C  CG  . ASN A 1 85  ? -3.250  4.361   -9.331  1.00 50.63  ? 84  ASN A CG  1 
ATOM   717  O  OD1 . ASN A 1 85  ? -3.189  3.310   -9.956  1.00 46.63  ? 84  ASN A OD1 1 
ATOM   718  N  ND2 . ASN A 1 85  ? -3.958  5.388   -9.758  1.00 45.38  ? 84  ASN A ND2 1 
ATOM   719  N  N   . GLY A 1 86  ? 1.103   3.928   -8.638  1.00 46.94  ? 85  GLY A N   1 
ATOM   720  C  CA  . GLY A 1 86  ? 2.215   4.179   -9.575  1.00 48.23  ? 85  GLY A CA  1 
ATOM   721  C  C   . GLY A 1 86  ? 2.816   5.582   -9.521  1.00 53.17  ? 85  GLY A C   1 
ATOM   722  O  O   . GLY A 1 86  ? 3.781   5.824   -10.273 1.00 53.76  ? 85  GLY A O   1 
ATOM   723  N  N   . HIS A 1 87  ? 2.277   6.515   -8.744  1.00 45.89  ? 86  HIS A N   1 
ATOM   724  C  CA  . HIS A 1 87  ? 2.754   7.917   -8.772  1.00 44.86  ? 86  HIS A CA  1 
ATOM   725  C  C   . HIS A 1 87  ? 2.951   8.429   -7.343  1.00 49.95  ? 86  HIS A C   1 
ATOM   726  O  O   . HIS A 1 87  ? 2.441   7.800   -6.395  1.00 45.89  ? 86  HIS A O   1 
ATOM   727  C  CB  . HIS A 1 87  ? 1.773   8.779   -9.555  1.00 44.16  ? 86  HIS A CB  1 
ATOM   728  C  CG  . HIS A 1 87  ? 0.381   8.800   -9.035  1.00 45.57  ? 86  HIS A CG  1 
ATOM   729  N  ND1 . HIS A 1 87  ? -0.014  9.634   -7.980  1.00 50.38  ? 86  HIS A ND1 1 
ATOM   730  C  CD2 . HIS A 1 87  ? -0.718  8.125   -9.422  1.00 45.14  ? 86  HIS A CD2 1 
ATOM   731  C  CE1 . HIS A 1 87  ? -1.293  9.459   -7.746  1.00 50.93  ? 86  HIS A CE1 1 
ATOM   732  N  NE2 . HIS A 1 87  ? -1.751  8.539   -8.625  1.00 46.63  ? 86  HIS A NE2 1 
ATOM   733  N  N   A SER A 1 88  ? 3.681   9.540   -7.199  0.06 49.12  ? 87  SER A N   1 
ATOM   734  N  N   B SER A 1 88  ? 3.692   9.534   -7.206  0.44 48.06  ? 87  SER A N   1 
ATOM   735  C  CA  A SER A 1 88  ? 3.954   10.215  -5.903  0.06 50.93  ? 87  SER A CA  1 
ATOM   736  C  CA  B SER A 1 88  ? 3.905   10.286  -5.943  0.44 54.94  ? 87  SER A CA  1 
ATOM   737  C  C   A SER A 1 88  ? 2.639   10.749  -5.322  0.06 52.22  ? 87  SER A C   1 
ATOM   738  C  C   B SER A 1 88  ? 2.553   10.608  -5.308  0.44 53.39  ? 87  SER A C   1 
ATOM   739  O  O   A SER A 1 88  ? 1.744   11.111  -6.110  0.06 52.47  ? 87  SER A O   1 
ATOM   740  O  O   B SER A 1 88  ? 1.554   10.695  -6.049  0.44 56.77  ? 87  SER A O   1 
ATOM   741  C  CB  A SER A 1 88  ? 4.973   11.317  -6.059  0.06 50.54  ? 87  SER A CB  1 
ATOM   742  C  CB  B SER A 1 88  ? 4.666   11.567  -6.178  0.44 57.05  ? 87  SER A CB  1 
ATOM   743  O  OG  A SER A 1 88  ? 4.405   12.448  -6.703  0.06 49.69  ? 87  SER A OG  1 
ATOM   744  O  OG  B SER A 1 88  ? 6.040   11.319  -6.400  0.44 60.65  ? 87  SER A OG  1 
ATOM   745  N  N   . MET A 1 89  ? 2.544   10.793  -3.990  1.00 53.07  ? 88  MET A N   1 
ATOM   746  C  CA  . MET A 1 89  ? 1.375   11.336  -3.263  1.00 60.37  ? 88  MET A CA  1 
ATOM   747  C  C   . MET A 1 89  ? 1.365   12.862  -3.400  1.00 58.10  ? 88  MET A C   1 
ATOM   748  O  O   . MET A 1 89  ? 2.423   13.497  -3.169  1.00 60.00  ? 88  MET A O   1 
ATOM   749  C  CB  . MET A 1 89  ? 1.505   10.967  -1.790  1.00 63.31  ? 88  MET A CB  1 
ATOM   750  C  CG  . MET A 1 89  ? 1.259   9.494   -1.545  1.00 72.87  ? 88  MET A CG  1 
ATOM   751  S  SD  . MET A 1 89  ? 1.752   9.046   0.124   1.00 70.01  ? 88  MET A SD  1 
ATOM   752  C  CE  . MET A 1 89  ? 1.431   10.576  0.996   1.00 74.66  ? 88  MET A CE  1 
ATOM   753  N  N   . VAL A 1 90  ? 0.233   13.451  -3.766  1.00 60.44  ? 89  VAL A N   1 
ATOM   754  C  CA  . VAL A 1 90  ? 0.151   14.934  -3.910  1.00 67.22  ? 89  VAL A CA  1 
ATOM   755  C  C   . VAL A 1 90  ? 0.229   15.545  -2.503  1.00 62.78  ? 89  VAL A C   1 
ATOM   756  O  O   . VAL A 1 90  ? 0.852   16.638  -2.373  1.00 54.96  ? 89  VAL A O   1 
ATOM   757  C  CB  . VAL A 1 90  ? -1.117  15.355  -4.675  1.00 75.21  ? 89  VAL A CB  1 
ATOM   758  C  CG1 . VAL A 1 90  ? -1.268  16.868  -4.720  1.00 75.05  ? 89  VAL A CG1 1 
ATOM   759  C  CG2 . VAL A 1 90  ? -1.125  14.778  -6.081  1.00 74.22  ? 89  VAL A CG2 1 
ATOM   760  N  N   . SER A 1 91  ? -0.364  14.855  -1.508  1.00 62.19  ? 90  SER A N   1 
ATOM   761  C  CA  . SER A 1 91  ? -0.441  15.255  -0.073  1.00 64.93  ? 90  SER A CA  1 
ATOM   762  C  C   . SER A 1 91  ? -0.633  14.052  0.875   1.00 64.65  ? 90  SER A C   1 
ATOM   763  O  O   . SER A 1 91  ? -1.455  13.155  0.600   1.00 62.18  ? 90  SER A O   1 
ATOM   764  C  CB  . SER A 1 91  ? -1.536  16.274  0.182   1.00 70.14  ? 90  SER A CB  1 
ATOM   765  O  OG  . SER A 1 91  ? -1.376  16.849  1.477   1.00 73.96  ? 90  SER A OG  1 
ATOM   766  N  N   . VAL A 1 92  ? 0.059   14.127  2.008   1.00 65.08  ? 91  VAL A N   1 
ATOM   767  C  CA  . VAL A 1 92  ? 0.040   13.159  3.139   1.00 63.30  ? 91  VAL A CA  1 
ATOM   768  C  C   . VAL A 1 92  ? -1.141  13.477  4.071   1.00 54.15  ? 91  VAL A C   1 
ATOM   769  O  O   . VAL A 1 92  ? -1.336  12.737  5.006   1.00 49.31  ? 91  VAL A O   1 
ATOM   770  C  CB  . VAL A 1 92  ? 1.382   13.198  3.901   1.00 69.82  ? 91  VAL A CB  1 
ATOM   771  C  CG1 . VAL A 1 92  ? 2.570   12.906  2.992   1.00 74.23  ? 91  VAL A CG1 1 
ATOM   772  C  CG2 . VAL A 1 92  ? 1.591   14.522  4.640   1.00 69.57  ? 91  VAL A CG2 1 
ATOM   773  N  N   . SER A 1 93  ? -1.871  14.569  3.873   1.00 51.29  ? 92  SER A N   1 
ATOM   774  C  CA  . SER A 1 93  ? -2.924  15.007  4.812   1.00 51.09  ? 92  SER A CA  1 
ATOM   775  C  C   . SER A 1 93  ? -4.243  14.354  4.424   1.00 52.15  ? 92  SER A C   1 
ATOM   776  O  O   . SER A 1 93  ? -5.178  14.402  5.203   1.00 56.93  ? 92  SER A O   1 
ATOM   777  C  CB  . SER A 1 93  ? -3.034  16.514  4.855   1.00 62.48  ? 92  SER A CB  1 
ATOM   778  O  OG  . SER A 1 93  ? -3.685  17.012  3.696   1.00 67.01  ? 92  SER A OG  1 
ATOM   779  N  N   . THR A 1 94  ? -4.322  13.759  3.242   1.00 54.66  ? 93  THR A N   1 
ATOM   780  C  CA  . THR A 1 94  ? -5.592  13.226  2.693   1.00 54.33  ? 93  THR A CA  1 
ATOM   781  C  C   . THR A 1 94  ? -5.950  11.947  3.456   1.00 51.91  ? 93  THR A C   1 
ATOM   782  O  O   . THR A 1 94  ? -5.098  11.082  3.624   1.00 44.32  ? 93  THR A O   1 
ATOM   783  C  CB  . THR A 1 94  ? -5.473  12.907  1.197   1.00 59.85  ? 93  THR A CB  1 
ATOM   784  O  OG1 . THR A 1 94  ? -4.480  13.741  0.593   1.00 68.23  ? 93  THR A OG1 1 
ATOM   785  C  CG2 . THR A 1 94  ? -6.804  13.027  0.494   1.00 58.25  ? 93  THR A CG2 1 
ATOM   786  N  N   . PRO A 1 95  ? -7.201  11.796  3.931   1.00 49.24  ? 94  PRO A N   1 
ATOM   787  C  CA  . PRO A 1 95  ? -7.673  10.554  4.535   1.00 47.38  ? 94  PRO A CA  1 
ATOM   788  C  C   . PRO A 1 95  ? -7.704  9.387   3.543   1.00 46.74  ? 94  PRO A C   1 
ATOM   789  O  O   . PRO A 1 95  ? -8.071  9.598   2.408   1.00 50.62  ? 94  PRO A O   1 
ATOM   790  C  CB  . PRO A 1 95  ? -9.117  10.824  4.974   1.00 47.67  ? 94  PRO A CB  1 
ATOM   791  C  CG  . PRO A 1 95  ? -9.265  12.323  4.913   1.00 50.65  ? 94  PRO A CG  1 
ATOM   792  C  CD  . PRO A 1 95  ? -8.248  12.826  3.907   1.00 56.04  ? 94  PRO A CD  1 
ATOM   793  N  N   . ILE A 1 96  ? -7.343  8.181   3.999   1.00 40.90  ? 95  ILE A N   1 
ATOM   794  C  CA  . ILE A 1 96  ? -7.134  7.020   3.098   1.00 38.38  ? 95  ILE A CA  1 
ATOM   795  C  C   . ILE A 1 96  ? -8.480  6.669   2.446   1.00 36.70  ? 95  ILE A C   1 
ATOM   796  O  O   . ILE A 1 96  ? -8.443  6.181   1.303   1.00 37.01  ? 95  ILE A O   1 
ATOM   797  C  CB  . ILE A 1 96  ? -6.406  5.813   3.752   1.00 41.67  ? 95  ILE A CB  1 
ATOM   798  C  CG1 . ILE A 1 96  ? -5.841  4.906   2.654   1.00 39.52  ? 95  ILE A CG1 1 
ATOM   799  C  CG2 . ILE A 1 96  ? -7.291  5.009   4.711   1.00 38.03  ? 95  ILE A CG2 1 
ATOM   800  C  CD1 . ILE A 1 96  ? -5.024  3.754   3.146   1.00 41.66  ? 95  ILE A CD1 1 
ATOM   801  N  N   . SER A 1 97  ? -9.636  6.953   3.054   1.00 38.74  ? 96  SER A N   1 
ATOM   802  C  CA  . SER A 1 97  ? -10.955 6.625   2.436   1.00 41.44  ? 96  SER A CA  1 
ATOM   803  C  C   . SER A 1 97  ? -11.133 7.378   1.104   1.00 49.21  ? 96  SER A C   1 
ATOM   804  O  O   . SER A 1 97  ? -11.728 6.768   0.151   1.00 35.89  ? 96  SER A O   1 
ATOM   805  C  CB  . SER A 1 97  ? -12.088 6.946   3.348   1.00 42.77  ? 96  SER A CB  1 
ATOM   806  O  OG  . SER A 1 97  ? -11.912 8.259   3.887   1.00 37.70  ? 96  SER A OG  1 
ATOM   807  N  N   . GLU A 1 98  ? -10.707 8.651   1.086   1.00 44.12  ? 97  GLU A N   1 
ATOM   808  C  CA  . GLU A 1 98  ? -10.670 9.588   -0.073  1.00 49.09  ? 97  GLU A CA  1 
ATOM   809  C  C   . GLU A 1 98  ? -9.625  9.140   -1.093  1.00 45.90  ? 97  GLU A C   1 
ATOM   810  O  O   . GLU A 1 98  ? -9.957  9.107   -2.299  1.00 44.23  ? 97  GLU A O   1 
ATOM   811  C  CB  . GLU A 1 98  ? -10.266 11.002  0.345   1.00 54.70  ? 97  GLU A CB  1 
ATOM   812  C  CG  . GLU A 1 98  ? -11.429 11.963  0.528   1.00 74.41  ? 97  GLU A CG  1 
ATOM   813  C  CD  . GLU A 1 98  ? -11.018 13.380  0.928   1.00 80.76  ? 97  GLU A CD  1 
ATOM   814  O  OE1 . GLU A 1 98  ? -11.389 13.832  2.050   1.00 83.37  ? 97  GLU A OE1 1 
ATOM   815  O  OE2 . GLU A 1 98  ? -10.327 14.032  0.124   1.00 75.61  ? 97  GLU A OE2 1 
ATOM   816  N  N   . VAL A 1 99  ? -8.382  8.889   -0.648  1.00 35.23  ? 98  VAL A N   1 
ATOM   817  C  CA  . VAL A 1 99  ? -7.312  8.413   -1.552  1.00 37.64  ? 98  VAL A CA  1 
ATOM   818  C  C   . VAL A 1 99  ? -7.835  7.168   -2.259  1.00 40.94  ? 98  VAL A C   1 
ATOM   819  O  O   . VAL A 1 99  ? -7.570  6.975   -3.444  1.00 40.41  ? 98  VAL A O   1 
ATOM   820  C  CB  . VAL A 1 99  ? -6.008  8.085   -0.813  1.00 40.22  ? 98  VAL A CB  1 
ATOM   821  C  CG1 . VAL A 1 99  ? -5.009  7.404   -1.719  1.00 40.32  ? 98  VAL A CG1 1 
ATOM   822  C  CG2 . VAL A 1 99  ? -5.393  9.339   -0.229  1.00 42.56  ? 98  VAL A CG2 1 
ATOM   823  N  N   . TYR A 1 100 ? -8.506  6.318   -1.520  1.00 32.47  ? 99  TYR A N   1 
ATOM   824  C  CA  . TYR A 1 100 ? -8.947  5.000   -2.075  1.00 34.39  ? 99  TYR A CA  1 
ATOM   825  C  C   . TYR A 1 100 ? -9.898  5.186   -3.269  1.00 37.14  ? 99  TYR A C   1 
ATOM   826  O  O   . TYR A 1 100 ? -9.876  4.442   -4.273  1.00 41.47  ? 99  TYR A O   1 
ATOM   827  C  CB  . TYR A 1 100 ? -9.623  4.228   -0.966  1.00 32.54  ? 99  TYR A CB  1 
ATOM   828  C  CG  . TYR A 1 100 ? -10.202 2.960   -1.507  1.00 27.84  ? 99  TYR A CG  1 
ATOM   829  C  CD1 . TYR A 1 100 ? -9.376  1.884   -1.733  1.00 37.70  ? 99  TYR A CD1 1 
ATOM   830  C  CD2 . TYR A 1 100 ? -11.559 2.823   -1.791  1.00 32.62  ? 99  TYR A CD2 1 
ATOM   831  C  CE1 . TYR A 1 100 ? -9.897  0.680   -2.171  1.00 30.54  ? 99  TYR A CE1 1 
ATOM   832  C  CE2 . TYR A 1 100 ? -12.086 1.617   -2.244  1.00 32.17  ? 99  TYR A CE2 1 
ATOM   833  C  CZ  . TYR A 1 100 ? -11.240 0.555   -2.473  1.00 34.66  ? 99  TYR A CZ  1 
ATOM   834  O  OH  . TYR A 1 100 ? -11.735 -0.647  -2.942  1.00 34.65  ? 99  TYR A OH  1 
ATOM   835  N  N   . GLU A 1 101 ? -10.807 6.141   -3.134  1.00 41.78  ? 100 GLU A N   1 
ATOM   836  C  CA  . GLU A 1 101 ? -11.898 6.378   -4.098  1.00 45.43  ? 100 GLU A CA  1 
ATOM   837  C  C   . GLU A 1 101 ? -11.325 6.920   -5.417  1.00 38.39  ? 100 GLU A C   1 
ATOM   838  O  O   . GLU A 1 101 ? -11.948 6.649   -6.457  1.00 44.32  ? 100 GLU A O   1 
ATOM   839  C  CB  . GLU A 1 101 ? -12.935 7.340   -3.532  1.00 45.12  ? 100 GLU A CB  1 
ATOM   840  C  CG  . GLU A 1 101 ? -13.989 6.644   -2.706  1.00 57.22  ? 100 GLU A CG  1 
ATOM   841  C  CD  . GLU A 1 101 ? -15.338 7.341   -2.742  1.00 65.26  ? 100 GLU A CD  1 
ATOM   842  O  OE1 . GLU A 1 101 ? -15.458 8.386   -3.449  1.00 55.71  ? 100 GLU A OE1 1 
ATOM   843  O  OE2 . GLU A 1 101 ? -16.241 6.857   -2.040  1.00 71.32  ? 100 GLU A OE2 1 
ATOM   844  N  N   . SER A 1 102 ? -10.222 7.651   -5.368  1.00 45.90  ? 101 SER A N   1 
ATOM   845  C  CA  . SER A 1 102 ? -9.620  8.276   -6.570  1.00 42.76  ? 101 SER A CA  1 
ATOM   846  C  C   . SER A 1 102 ? -8.465  7.412   -7.108  1.00 50.31  ? 101 SER A C   1 
ATOM   847  O  O   . SER A 1 102 ? -8.323  7.414   -8.327  1.00 54.84  ? 101 SER A O   1 
ATOM   848  C  CB  . SER A 1 102 ? -9.262  9.704   -6.317  1.00 46.42  ? 101 SER A CB  1 
ATOM   849  O  OG  . SER A 1 102 ? -7.987  9.781   -5.754  1.00 55.88  ? 101 SER A OG  1 
ATOM   850  N  N   . GLU A 1 103 ? -7.776  6.588   -6.291  1.00 46.91  ? 102 GLU A N   1 
ATOM   851  C  CA  . GLU A 1 103 ? -6.541  5.866   -6.700  1.00 40.96  ? 102 GLU A CA  1 
ATOM   852  C  C   . GLU A 1 103 ? -6.723  4.351   -6.686  1.00 34.26  ? 102 GLU A C   1 
ATOM   853  O  O   . GLU A 1 103 ? -5.740  3.665   -7.024  1.00 38.90  ? 102 GLU A O   1 
ATOM   854  C  CB  . GLU A 1 103 ? -5.359  6.211   -5.812  1.00 40.53  ? 102 GLU A CB  1 
ATOM   855  C  CG  . GLU A 1 103 ? -5.078  7.707   -5.745  1.00 42.79  ? 102 GLU A CG  1 
ATOM   856  C  CD  . GLU A 1 103 ? -4.678  8.376   -7.055  1.00 52.29  ? 102 GLU A CD  1 
ATOM   857  O  OE1 . GLU A 1 103 ? -4.153  7.683   -7.974  1.00 43.35  ? 102 GLU A OE1 1 
ATOM   858  O  OE2 . GLU A 1 103 ? -4.901  9.596   -7.159  1.00 58.30  ? 102 GLU A OE2 1 
ATOM   859  N  N   . LYS A 1 104 ? -7.875  3.818   -6.311  1.00 40.76  ? 103 LYS A N   1 
ATOM   860  C  CA  . LYS A 1 104 ? -8.025  2.350   -6.278  1.00 40.04  ? 103 LYS A CA  1 
ATOM   861  C  C   . LYS A 1 104 ? -7.779  1.808   -7.686  1.00 48.35  ? 103 LYS A C   1 
ATOM   862  O  O   . LYS A 1 104 ? -8.014  2.551   -8.623  1.00 43.30  ? 103 LYS A O   1 
ATOM   863  C  CB  . LYS A 1 104 ? -9.440  1.938   -5.834  1.00 42.89  ? 103 LYS A CB  1 
ATOM   864  C  CG  . LYS A 1 104 ? -10.566 2.453   -6.699  1.00 40.71  ? 103 LYS A CG  1 
ATOM   865  C  CD  . LYS A 1 104 ? -11.890 2.522   -6.025  1.00 46.62  ? 103 LYS A CD  1 
ATOM   866  C  CE  . LYS A 1 104 ? -12.987 2.832   -7.013  1.00 48.47  ? 103 LYS A CE  1 
ATOM   867  N  NZ  . LYS A 1 104 ? -13.150 4.290   -7.246  1.00 56.44  ? 103 LYS A NZ  1 
ATOM   868  N  N   . ASP A 1 105 ? -7.401  0.528   -7.789  1.00 46.91  ? 104 ASP A N   1 
ATOM   869  C  CA  . ASP A 1 105 ? -7.281  -0.259  -9.034  1.00 45.03  ? 104 ASP A CA  1 
ATOM   870  C  C   . ASP A 1 105 ? -8.671  -0.815  -9.406  1.00 48.81  ? 104 ASP A C   1 
ATOM   871  O  O   . ASP A 1 105 ? -9.609  -0.883  -8.526  1.00 38.16  ? 104 ASP A O   1 
ATOM   872  C  CB  . ASP A 1 105 ? -6.258  -1.374  -8.788  1.00 53.27  ? 104 ASP A CB  1 
ATOM   873  C  CG  . ASP A 1 105 ? -5.788  -2.133  -10.018 1.00 50.56  ? 104 ASP A CG  1 
ATOM   874  O  OD1 . ASP A 1 105 ? -4.738  -1.729  -10.571 1.00 56.01  ? 104 ASP A OD1 1 
ATOM   875  O  OD2 . ASP A 1 105 ? -6.466  -3.129  -10.388 1.00 54.92  ? 104 ASP A OD2 1 
ATOM   876  N  N   . GLU A 1 106 ? -8.829  -1.281  -10.641 1.00 47.32  ? 105 GLU A N   1 
ATOM   877  C  CA  . GLU A 1 106 ? -10.118 -1.869  -11.119 1.00 51.14  ? 105 GLU A CA  1 
ATOM   878  C  C   . GLU A 1 106 ? -10.451 -3.164  -10.373 1.00 42.85  ? 105 GLU A C   1 
ATOM   879  O  O   . GLU A 1 106 ? -11.648 -3.480  -10.361 1.00 51.84  ? 105 GLU A O   1 
ATOM   880  C  CB  . GLU A 1 106 ? -10.112 -2.198  -12.614 1.00 59.55  ? 105 GLU A CB  1 
ATOM   881  C  CG  . GLU A 1 106 ? -9.856  -1.006  -13.521 1.00 67.78  ? 105 GLU A CG  1 
ATOM   882  C  CD  . GLU A 1 106 ? -10.460 -1.071  -14.927 1.00 77.25  ? 105 GLU A CD  1 
ATOM   883  O  OE1 . GLU A 1 106 ? -10.853 -2.200  -15.390 1.00 67.95  ? 105 GLU A OE1 1 
ATOM   884  O  OE2 . GLU A 1 106 ? -10.595 0.031   -15.540 1.00 79.75  ? 105 GLU A OE2 1 
ATOM   885  N  N   . ASP A 1 107 ? -9.462  -3.903  -9.828  1.00 45.23  ? 106 ASP A N   1 
ATOM   886  C  CA  . ASP A 1 107 ? -9.672  -5.141  -8.997  1.00 41.84  ? 106 ASP A CA  1 
ATOM   887  C  C   . ASP A 1 107 ? -10.181 -4.777  -7.583  1.00 49.95  ? 106 ASP A C   1 
ATOM   888  O  O   . ASP A 1 107 ? -10.806 -5.652  -6.913  1.00 41.28  ? 106 ASP A O   1 
ATOM   889  C  CB  . ASP A 1 107 ? -8.401  -5.995  -8.900  1.00 44.06  ? 106 ASP A CB  1 
ATOM   890  C  CG  . ASP A 1 107 ? -7.245  -5.417  -8.101  1.00 48.67  ? 106 ASP A CG  1 
ATOM   891  O  OD1 . ASP A 1 107 ? -7.398  -4.288  -7.553  1.00 41.46  ? 106 ASP A OD1 1 
ATOM   892  O  OD2 . ASP A 1 107 ? -6.176  -6.117  -8.011  1.00 44.23  ? 106 ASP A OD2 1 
ATOM   893  N  N   . GLY A 1 108 ? -9.959  -3.525  -7.141  1.00 42.26  ? 107 GLY A N   1 
ATOM   894  C  CA  . GLY A 1 108 ? -10.537 -2.981  -5.895  1.00 41.68  ? 107 GLY A CA  1 
ATOM   895  C  C   . GLY A 1 108 ? -9.514  -2.817  -4.773  1.00 37.77  ? 107 GLY A C   1 
ATOM   896  O  O   . GLY A 1 108 ? -9.866  -2.214  -3.717  1.00 42.70  ? 107 GLY A O   1 
ATOM   897  N  N   . PHE A 1 109 ? -8.271  -3.253  -4.989  1.00 37.61  ? 108 PHE A N   1 
ATOM   898  C  CA  . PHE A 1 109 ? -7.140  -3.011  -4.067  1.00 35.81  ? 108 PHE A CA  1 
ATOM   899  C  C   . PHE A 1 109 ? -6.586  -1.608  -4.329  1.00 36.65  ? 108 PHE A C   1 
ATOM   900  O  O   . PHE A 1 109 ? -6.726  -1.035  -5.437  1.00 41.71  ? 108 PHE A O   1 
ATOM   901  C  CB  . PHE A 1 109 ? -6.029  -4.064  -4.182  1.00 37.71  ? 108 PHE A CB  1 
ATOM   902  C  CG  . PHE A 1 109 ? -6.322  -5.383  -3.503  1.00 45.62  ? 108 PHE A CG  1 
ATOM   903  C  CD1 . PHE A 1 109 ? -6.320  -5.484  -2.119  1.00 40.75  ? 108 PHE A CD1 1 
ATOM   904  C  CD2 . PHE A 1 109 ? -6.629  -6.508  -4.246  1.00 44.91  ? 108 PHE A CD2 1 
ATOM   905  C  CE1 . PHE A 1 109 ? -6.626  -6.682  -1.491  1.00 45.34  ? 108 PHE A CE1 1 
ATOM   906  C  CE2 . PHE A 1 109 ? -6.914  -7.710  -3.613  1.00 43.81  ? 108 PHE A CE2 1 
ATOM   907  C  CZ  . PHE A 1 109 ? -6.915  -7.791  -2.240  1.00 40.11  ? 108 PHE A CZ  1 
ATOM   908  N  N   . LEU A 1 110 ? -5.968  -1.052  -3.294  1.00 39.61  ? 109 LEU A N   1 
ATOM   909  C  CA  . LEU A 1 110 ? -5.108  0.148   -3.432  1.00 37.08  ? 109 LEU A CA  1 
ATOM   910  C  C   . LEU A 1 110 ? -3.630  -0.304  -3.412  1.00 32.47  ? 109 LEU A C   1 
ATOM   911  O  O   . LEU A 1 110 ? -3.164  -0.733  -2.359  1.00 36.16  ? 109 LEU A O   1 
ATOM   912  C  CB  . LEU A 1 110 ? -5.465  1.084   -2.270  1.00 39.69  ? 109 LEU A CB  1 
ATOM   913  C  CG  . LEU A 1 110 ? -4.809  2.454   -2.261  1.00 42.71  ? 109 LEU A CG  1 
ATOM   914  C  CD1 . LEU A 1 110 ? -5.127  3.238   -3.544  1.00 43.87  ? 109 LEU A CD1 1 
ATOM   915  C  CD2 . LEU A 1 110 ? -5.268  3.216   -1.016  1.00 38.01  ? 109 LEU A CD2 1 
ATOM   916  N  N   . TYR A 1 111 ? -2.894  -0.101  -4.504  1.00 36.87  ? 110 TYR A N   1 
ATOM   917  C  CA  . TYR A 1 111 ? -1.489  -0.529  -4.733  1.00 39.93  ? 110 TYR A CA  1 
ATOM   918  C  C   . TYR A 1 111 ? -0.493  0.552   -4.316  1.00 42.41  ? 110 TYR A C   1 
ATOM   919  O  O   . TYR A 1 111 ? -0.599  1.712   -4.720  1.00 41.91  ? 110 TYR A O   1 
ATOM   920  C  CB  . TYR A 1 111 ? -1.285  -0.926  -6.198  1.00 42.16  ? 110 TYR A CB  1 
ATOM   921  C  CG  . TYR A 1 111 ? -1.981  -2.235  -6.501  1.00 34.77  ? 110 TYR A CG  1 
ATOM   922  C  CD1 . TYR A 1 111 ? -3.316  -2.261  -6.833  1.00 35.75  ? 110 TYR A CD1 1 
ATOM   923  C  CD2 . TYR A 1 111 ? -1.323  -3.450  -6.393  1.00 41.10  ? 110 TYR A CD2 1 
ATOM   924  C  CE1 . TYR A 1 111 ? -3.980  -3.452  -7.064  1.00 35.85  ? 110 TYR A CE1 1 
ATOM   925  C  CE2 . TYR A 1 111 ? -1.978  -4.642  -6.612  1.00 38.55  ? 110 TYR A CE2 1 
ATOM   926  C  CZ  . TYR A 1 111 ? -3.300  -4.647  -6.999  1.00 36.98  ? 110 TYR A CZ  1 
ATOM   927  O  OH  . TYR A 1 111 ? -3.944  -5.847  -7.214  1.00 37.59  ? 110 TYR A OH  1 
ATOM   928  N  N   . MET A 1 112 ? 0.486   0.129   -3.526  1.00 39.20  ? 111 MET A N   1 
ATOM   929  C  CA  . MET A 1 112 ? 1.572   1.000   -3.029  1.00 42.23  ? 111 MET A CA  1 
ATOM   930  C  C   . MET A 1 112 ? 2.908   0.275   -3.167  1.00 43.24  ? 111 MET A C   1 
ATOM   931  O  O   . MET A 1 112 ? 2.958   -0.960  -3.043  1.00 44.33  ? 111 MET A O   1 
ATOM   932  C  CB  . MET A 1 112 ? 1.352   1.338   -1.554  1.00 42.61  ? 111 MET A CB  1 
ATOM   933  C  CG  . MET A 1 112 ? -0.003  1.915   -1.306  1.00 47.32  ? 111 MET A CG  1 
ATOM   934  S  SD  . MET A 1 112 ? -0.105  2.837   0.215   1.00 50.58  ? 111 MET A SD  1 
ATOM   935  C  CE  . MET A 1 112 ? -1.817  3.358   0.099   1.00 50.90  ? 111 MET A CE  1 
ATOM   936  N  N   A VAL A 1 113 ? 3.966   1.061   -3.365  0.41 47.33  ? 112 VAL A N   1 
ATOM   937  N  N   B VAL A 1 113 ? 3.970   1.029   -3.461  0.10 44.47  ? 112 VAL A N   1 
ATOM   938  C  CA  A VAL A 1 113 ? 5.368   0.607   -3.582  0.41 50.99  ? 112 VAL A CA  1 
ATOM   939  C  CA  B VAL A 1 113 ? 5.371   0.516   -3.521  0.10 45.36  ? 112 VAL A CA  1 
ATOM   940  C  C   A VAL A 1 113 ? 6.287   1.563   -2.817  0.41 48.10  ? 112 VAL A C   1 
ATOM   941  C  C   B VAL A 1 113 ? 6.288   1.533   -2.836  0.10 45.90  ? 112 VAL A C   1 
ATOM   942  O  O   A VAL A 1 113 ? 6.047   2.782   -2.899  0.41 46.94  ? 112 VAL A O   1 
ATOM   943  O  O   B VAL A 1 113 ? 6.061   2.746   -3.008  0.10 45.78  ? 112 VAL A O   1 
ATOM   944  C  CB  A VAL A 1 113 ? 5.709   0.577   -5.083  0.41 55.83  ? 112 VAL A CB  1 
ATOM   945  C  CB  B VAL A 1 113 ? 5.827   0.217   -4.963  0.10 45.52  ? 112 VAL A CB  1 
ATOM   946  C  CG1 A VAL A 1 113 ? 7.141   0.127   -5.323  0.41 58.96  ? 112 VAL A CG1 1 
ATOM   947  C  CG1 B VAL A 1 113 ? 5.032   -0.923  -5.582  0.10 45.83  ? 112 VAL A CG1 1 
ATOM   948  C  CG2 A VAL A 1 113 ? 4.730   -0.295  -5.859  0.41 57.20  ? 112 VAL A CG2 1 
ATOM   949  C  CG2 B VAL A 1 113 ? 5.773   1.453   -5.845  0.10 44.21  ? 112 VAL A CG2 1 
ATOM   950  N  N   . TYR A 1 114 ? 7.273   1.034   -2.085  1.00 46.33  ? 113 TYR A N   1 
ATOM   951  C  CA  . TYR A 1 114 ? 8.207   1.859   -1.270  1.00 50.17  ? 113 TYR A CA  1 
ATOM   952  C  C   . TYR A 1 114 ? 9.659   1.622   -1.715  1.00 51.58  ? 113 TYR A C   1 
ATOM   953  O  O   . TYR A 1 114 ? 10.014  0.498   -2.165  1.00 64.50  ? 113 TYR A O   1 
ATOM   954  C  CB  . TYR A 1 114 ? 8.018   1.566   0.221   1.00 49.91  ? 113 TYR A CB  1 
ATOM   955  C  CG  . TYR A 1 114 ? 8.359   0.166   0.675   1.00 44.39  ? 113 TYR A CG  1 
ATOM   956  C  CD1 . TYR A 1 114 ? 7.386   -0.801  0.799   1.00 46.62  ? 113 TYR A CD1 1 
ATOM   957  C  CD2 . TYR A 1 114 ? 9.659   -0.194  1.005   1.00 47.67  ? 113 TYR A CD2 1 
ATOM   958  C  CE1 . TYR A 1 114 ? 7.695   -2.083  1.224   1.00 50.41  ? 113 TYR A CE1 1 
ATOM   959  C  CE2 . TYR A 1 114 ? 9.984   -1.478  1.438   1.00 41.25  ? 113 TYR A CE2 1 
ATOM   960  C  CZ  . TYR A 1 114 ? 9.001   -2.418  1.556   1.00 49.67  ? 113 TYR A CZ  1 
ATOM   961  O  OH  . TYR A 1 114 ? 9.322   -3.664  2.007   1.00 50.82  ? 113 TYR A OH  1 
ATOM   962  N  N   . ALA A 1 115 ? 10.466  2.656   -1.530  1.00 53.90  ? 114 ALA A N   1 
ATOM   963  C  CA  . ALA A 1 115 ? 11.890  2.711   -1.893  1.00 64.32  ? 114 ALA A CA  1 
ATOM   964  C  C   . ALA A 1 115 ? 12.603  3.749   -1.019  1.00 61.84  ? 114 ALA A C   1 
ATOM   965  O  O   . ALA A 1 115 ? 11.929  4.689   -0.528  1.00 58.13  ? 114 ALA A O   1 
ATOM   966  C  CB  . ALA A 1 115 ? 12.009  3.041   -3.362  1.00 66.85  ? 114 ALA A CB  1 
ATOM   967  N  N   . SER A 1 116 ? 13.921  3.589   -0.869  1.00 66.35  ? 115 SER A N   1 
ATOM   968  C  CA  . SER A 1 116 ? 14.822  4.509   -0.123  1.00 67.39  ? 115 SER A CA  1 
ATOM   969  C  C   . SER A 1 116 ? 15.228  5.683   -1.015  1.00 70.70  ? 115 SER A C   1 
ATOM   970  O  O   . SER A 1 116 ? 15.725  6.677   -0.452  1.00 80.62  ? 115 SER A O   1 
ATOM   971  C  CB  . SER A 1 116 ? 16.030  3.797   0.439   1.00 65.94  ? 115 SER A CB  1 
ATOM   972  O  OG  . SER A 1 116 ? 16.433  2.735   -0.396  1.00 65.53  ? 115 SER A OG  1 
ATOM   973  N  N   . GLN A 1 117 ? 14.991  5.607   -2.333  1.00 67.85  ? 116 GLN A N   1 
ATOM   974  C  CA  . GLN A 1 117 ? 15.268  6.740   -3.258  1.00 72.37  ? 116 GLN A CA  1 
ATOM   975  C  C   . GLN A 1 117 ? 13.934  7.271   -3.803  1.00 78.62  ? 116 GLN A C   1 
ATOM   976  O  O   . GLN A 1 117 ? 13.040  6.442   -4.056  1.00 77.72  ? 116 GLN A O   1 
ATOM   977  C  CB  . GLN A 1 117 ? 16.216  6.295   -4.374  1.00 74.26  ? 116 GLN A CB  1 
ATOM   978  N  N   . GLU A 1 118 ? 13.814  8.593   -3.990  1.00 83.99  ? 117 GLU A N   1 
ATOM   979  C  CA  . GLU A 1 118 ? 12.689  9.244   -4.726  1.00 90.85  ? 117 GLU A CA  1 
ATOM   980  C  C   . GLU A 1 118 ? 12.605  8.732   -6.172  1.00 101.43 ? 117 GLU A C   1 
ATOM   981  O  O   . GLU A 1 118 ? 11.533  8.898   -6.769  1.00 104.80 ? 117 GLU A O   1 
ATOM   982  C  CB  . GLU A 1 118 ? 12.839  10.767  -4.773  1.00 95.99  ? 117 GLU A CB  1 
ATOM   983  C  CG  . GLU A 1 118 ? 11.720  11.513  -4.067  1.00 96.90  ? 117 GLU A CG  1 
ATOM   984  C  CD  . GLU A 1 118 ? 12.005  12.978  -3.774  1.00 106.90 ? 117 GLU A CD  1 
ATOM   985  O  OE1 . GLU A 1 118 ? 13.193  13.370  -3.815  1.00 111.85 ? 117 GLU A OE1 1 
ATOM   986  O  OE2 . GLU A 1 118 ? 11.039  13.728  -3.499  1.00 102.92 ? 117 GLU A OE2 1 
ATOM   987  N  N   . THR A 1 119 ? 13.697  8.183   -6.726  1.00 119.32 ? 118 THR A N   1 
ATOM   988  C  CA  . THR A 1 119 ? 13.759  7.540   -8.072  1.00 120.19 ? 118 THR A CA  1 
ATOM   989  C  C   . THR A 1 119 ? 13.462  6.032   -7.955  1.00 113.48 ? 118 THR A C   1 
ATOM   990  O  O   . THR A 1 119 ? 14.328  5.279   -7.447  1.00 116.70 ? 118 THR A O   1 
ATOM   991  C  CB  . THR A 1 119 ? 15.118  7.812   -8.737  1.00 113.20 ? 118 THR A CB  1 
ATOM   992  N  N   . PHE A 1 120 ? 12.270  5.615   -8.401  1.00 112.71 ? 119 PHE A N   1 
ATOM   993  C  CA  . PHE A 1 120 ? 11.810  4.203   -8.489  1.00 109.89 ? 119 PHE A CA  1 
ATOM   994  C  C   . PHE A 1 120 ? 12.127  3.677   -9.892  1.00 115.89 ? 119 PHE A C   1 
ATOM   995  O  O   . PHE A 1 120 ? 11.245  3.592   -10.749 1.00 106.70 ? 119 PHE A O   1 
ATOM   996  C  CB  . PHE A 1 120 ? 10.306  4.090   -8.206  1.00 107.61 ? 119 PHE A CB  1 
ATOM   997  C  CG  . PHE A 1 120 ? 9.891   4.368   -6.782  1.00 102.75 ? 119 PHE A CG  1 
ATOM   998  C  CD1 . PHE A 1 120 ? 9.957   5.655   -6.258  1.00 93.66  ? 119 PHE A CD1 1 
ATOM   999  C  CD2 . PHE A 1 120 ? 9.406   3.350   -5.972  1.00 94.15  ? 119 PHE A CD2 1 
ATOM   1000 C  CE1 . PHE A 1 120 ? 9.562   5.913   -4.953  1.00 92.79  ? 119 PHE A CE1 1 
ATOM   1001 C  CE2 . PHE A 1 120 ? 9.019   3.607   -4.664  1.00 90.88  ? 119 PHE A CE2 1 
ATOM   1002 C  CZ  . PHE A 1 120 ? 9.102   4.886   -4.156  1.00 96.33  ? 119 PHE A CZ  1 
HETATM 1003 N  N1  . KBU B 2 .   ? -1.415  -2.484  10.467  0.26 34.53  ? 201 KBU A N1  1 
HETATM 1004 C  C4  . KBU B 2 .   ? -1.867  -0.785  8.643   0.26 34.26  ? 201 KBU A C4  1 
HETATM 1005 C  C5  . KBU B 2 .   ? -1.090  -1.685  9.371   0.26 35.58  ? 201 KBU A C5  1 
HETATM 1006 C  C6  . KBU B 2 .   ? -0.289  -3.103  10.758  0.26 34.41  ? 201 KBU A C6  1 
HETATM 1007 C  C7  . KBU B 2 .   ? 0.254   -1.873  9.043   0.26 35.79  ? 201 KBU A C7  1 
HETATM 1008 C  C1  . KBU B 2 .   ? 0.831   -1.174  7.989   0.26 34.17  ? 201 KBU A C1  1 
HETATM 1009 C  C2  . KBU B 2 .   ? 0.050   -0.310  7.262   0.26 33.97  ? 201 KBU A C2  1 
HETATM 1010 C  C3  . KBU B 2 .   ? -1.279  -0.121  7.594   0.26 33.17  ? 201 KBU A C3  1 
HETATM 1011 N  N2  . KBU B 2 .   ? 0.735   -2.783  9.950   0.26 34.07  ? 201 KBU A N2  1 
HETATM 1012 CL CL1 . KBU B 2 .   ? 2.489   -1.389  7.567   0.26 36.64  ? 201 KBU A CL1 1 
HETATM 1013 C  C1  . EDO C 3 .   ? 1.551   13.934  -8.071  1.00 92.79  ? 202 EDO A C1  1 
HETATM 1014 O  O1  . EDO C 3 .   ? 2.085   12.910  -8.903  1.00 102.07 ? 202 EDO A O1  1 
HETATM 1015 C  C2  . EDO C 3 .   ? 2.486   15.071  -7.848  1.00 88.87  ? 202 EDO A C2  1 
HETATM 1016 O  O2  . EDO C 3 .   ? 2.312   16.164  -8.730  1.00 71.38  ? 202 EDO A O2  1 
HETATM 1017 C  C1  . EDO D 3 .   ? -5.437  -3.694  -14.000 1.00 70.74  ? 203 EDO A C1  1 
HETATM 1018 O  O1  . EDO D 3 .   ? -4.084  -4.122  -13.953 1.00 65.19  ? 203 EDO A O1  1 
HETATM 1019 C  C2  . EDO D 3 .   ? -6.401  -4.707  -13.498 1.00 78.41  ? 203 EDO A C2  1 
HETATM 1020 O  O2  . EDO D 3 .   ? -6.024  -5.272  -12.255 1.00 73.81  ? 203 EDO A O2  1 
HETATM 1021 C  C1  . EDO E 3 .   ? 8.857   9.821   12.751  1.00 72.44  ? 204 EDO A C1  1 
HETATM 1022 O  O1  . EDO E 3 .   ? 7.988   10.817  13.273  1.00 75.22  ? 204 EDO A O1  1 
HETATM 1023 C  C2  . EDO E 3 .   ? 8.125   8.774   12.003  1.00 68.58  ? 204 EDO A C2  1 
HETATM 1024 O  O2  . EDO E 3 .   ? 7.935   9.078   10.643  1.00 81.92  ? 204 EDO A O2  1 
HETATM 1025 C  C1  . EDO F 3 .   ? 5.552   12.241  7.006   1.00 79.81  ? 205 EDO A C1  1 
HETATM 1026 O  O1  . EDO F 3 .   ? 5.656   11.976  5.610   1.00 76.08  ? 205 EDO A O1  1 
HETATM 1027 C  C2  . EDO F 3 .   ? 4.738   11.232  7.753   1.00 73.74  ? 205 EDO A C2  1 
HETATM 1028 O  O2  . EDO F 3 .   ? 5.431   10.110  8.232   1.00 70.49  ? 205 EDO A O2  1 
HETATM 1029 C  C1  . EDO G 3 .   ? 6.815   -4.131  -7.666  1.00 101.39 ? 206 EDO A C1  1 
HETATM 1030 O  O1  . EDO G 3 .   ? 5.495   -3.692  -7.858  1.00 88.73  ? 206 EDO A O1  1 
HETATM 1031 C  C2  . EDO G 3 .   ? 7.698   -3.021  -7.244  1.00 110.62 ? 206 EDO A C2  1 
HETATM 1032 O  O2  . EDO G 3 .   ? 8.046   -2.121  -8.288  1.00 113.76 ? 206 EDO A O2  1 
HETATM 1033 C  C1  . EDO H 3 .   ? -6.283  -12.279 -2.992  1.00 105.87 ? 207 EDO A C1  1 
HETATM 1034 O  O1  . EDO H 3 .   ? -7.404  -13.001 -3.458  1.00 111.21 ? 207 EDO A O1  1 
HETATM 1035 C  C2  . EDO H 3 .   ? -5.547  -12.997 -1.900  1.00 112.24 ? 207 EDO A C2  1 
HETATM 1036 O  O2  . EDO H 3 .   ? -4.816  -12.169 -0.994  1.00 103.10 ? 207 EDO A O2  1 
HETATM 1037 C  C1  . EDO I 3 .   ? 1.263   -0.721  -13.034 1.00 106.05 ? 208 EDO A C1  1 
HETATM 1038 O  O1  . EDO I 3 .   ? 2.102   -1.544  -13.810 1.00 89.17  ? 208 EDO A O1  1 
HETATM 1039 C  C2  . EDO I 3 .   ? 1.955   0.501   -12.534 1.00 109.10 ? 208 EDO A C2  1 
HETATM 1040 O  O2  . EDO I 3 .   ? 1.668   1.694   -13.261 1.00 102.18 ? 208 EDO A O2  1 
HETATM 1041 C  C1  . EDO J 3 .   ? -2.702  10.198  -3.476  1.00 81.28  ? 209 EDO A C1  1 
HETATM 1042 O  O1  . EDO J 3 .   ? -2.156  10.884  -4.587  1.00 87.23  ? 209 EDO A O1  1 
HETATM 1043 C  C2  . EDO J 3 .   ? -2.005  10.514  -2.190  1.00 84.56  ? 209 EDO A C2  1 
HETATM 1044 O  O2  . EDO J 3 .   ? -2.568  11.548  -1.371  1.00 76.70  ? 209 EDO A O2  1 
HETATM 1045 CL CL  . CL  K 4 .   ? -14.424 -3.461  10.088  1.00 52.46  ? 210 CL  A CL  1 
HETATM 1046 O  O   . HOH L 5 .   ? 2.602   -7.223  -10.573 1.00 75.57  ? 301 HOH A O   1 
HETATM 1047 O  O   . HOH L 5 .   ? 0.688   17.395  2.247   1.00 79.05  ? 302 HOH A O   1 
HETATM 1048 O  O   . HOH L 5 .   ? -8.714  14.826  -1.277  1.00 76.06  ? 303 HOH A O   1 
HETATM 1049 O  O   . HOH L 5 .   ? -9.176  4.382   -9.370  1.00 57.57  ? 304 HOH A O   1 
HETATM 1050 O  O   . HOH L 5 .   ? 5.122   9.467   -2.617  1.00 54.52  ? 305 HOH A O   1 
HETATM 1051 O  O   . HOH L 5 .   ? 14.707  -4.591  -4.222  1.00 99.08  ? 306 HOH A O   1 
HETATM 1052 O  O   . HOH L 5 .   ? 7.825   -6.238  8.345   1.00 57.23  ? 307 HOH A O   1 
HETATM 1053 O  O   . HOH L 5 .   ? 13.510  -2.238  17.279  1.00 67.54  ? 308 HOH A O   1 
HETATM 1054 O  O   . HOH L 5 .   ? -3.464  2.907   -12.332 1.00 47.82  ? 309 HOH A O   1 
HETATM 1055 O  O   . HOH L 5 .   ? 8.162   13.051  12.288  1.00 89.73  ? 310 HOH A O   1 
HETATM 1056 O  O   . HOH L 5 .   ? -0.679  -2.217  -10.905 1.00 67.04  ? 311 HOH A O   1 
HETATM 1057 O  O   . HOH L 5 .   ? -3.289  -9.504  5.605   1.00 64.20  ? 312 HOH A O   1 
HETATM 1058 O  O   . HOH L 5 .   ? -11.761 8.992   6.301   1.00 77.78  ? 313 HOH A O   1 
HETATM 1059 O  O   . HOH L 5 .   ? 1.786   18.599  -1.058  1.00 56.22  ? 314 HOH A O   1 
HETATM 1060 O  O   . HOH L 5 .   ? 8.609   12.972  -3.537  1.00 81.03  ? 315 HOH A O   1 
HETATM 1061 O  O   . HOH L 5 .   ? 14.168  -7.799  3.735   1.00 78.88  ? 316 HOH A O   1 
HETATM 1062 O  O   . HOH L 5 .   ? -5.309  -19.205 -2.385  1.00 84.75  ? 317 HOH A O   1 
HETATM 1063 O  O   . HOH L 5 .   ? -3.098  0.809   -9.297  1.00 50.81  ? 318 HOH A O   1 
HETATM 1064 O  O   . HOH L 5 .   ? 5.151   -6.430  0.947   1.00 56.66  ? 319 HOH A O   1 
HETATM 1065 O  O   . HOH L 5 .   ? 2.119   -2.531  -4.924  1.00 56.13  ? 320 HOH A O   1 
HETATM 1066 O  O   . HOH L 5 .   ? -0.298  -12.272 -0.782  1.00 65.78  ? 321 HOH A O   1 
HETATM 1067 O  O   . HOH L 5 .   ? -8.201  -18.661 -3.435  1.00 73.72  ? 322 HOH A O   1 
HETATM 1068 O  O   . HOH L 5 .   ? 3.153   -0.787  12.098  1.00 42.76  ? 323 HOH A O   1 
HETATM 1069 O  O   . HOH L 5 .   ? -12.346 3.682   10.256  1.00 55.52  ? 324 HOH A O   1 
HETATM 1070 O  O   . HOH L 5 .   ? -13.506 4.928   0.827   1.00 32.27  ? 325 HOH A O   1 
HETATM 1071 O  O   . HOH L 5 .   ? -13.323 -3.316  3.272   1.00 40.48  ? 326 HOH A O   1 
HETATM 1072 O  O   . HOH L 5 .   ? -12.693 -4.272  0.467   1.00 43.23  ? 327 HOH A O   1 
HETATM 1073 O  O   . HOH L 5 .   ? -12.312 -5.077  10.908  1.00 44.05  ? 328 HOH A O   1 
HETATM 1074 O  O   . HOH L 5 .   ? -10.337 -16.047 -13.945 1.00 83.51  ? 329 HOH A O   1 
HETATM 1075 O  O   . HOH L 5 .   ? 1.404   -6.289  -7.664  1.00 52.68  ? 330 HOH A O   1 
HETATM 1076 O  O   . HOH L 5 .   ? 3.979   2.946   -12.510 1.00 81.34  ? 331 HOH A O   1 
HETATM 1077 O  O   . HOH L 5 .   ? 7.179   13.799  -6.547  1.00 81.94  ? 332 HOH A O   1 
HETATM 1078 O  O   . HOH L 5 .   ? -15.635 -1.364  2.573   1.00 45.93  ? 333 HOH A O   1 
HETATM 1079 O  O   . HOH L 5 .   ? -4.133  1.442   -6.832  1.00 33.48  ? 334 HOH A O   1 
HETATM 1080 O  O   . HOH L 5 .   ? -3.755  -6.150  8.272   1.00 43.82  ? 335 HOH A O   1 
HETATM 1081 O  O   . HOH L 5 .   ? -13.948 7.168   8.286   1.00 45.83  ? 336 HOH A O   1 
HETATM 1082 O  O   . HOH L 5 .   ? -0.153  -3.113  -13.457 1.00 74.21  ? 337 HOH A O   1 
HETATM 1083 O  O   . HOH L 5 .   ? 7.737   -6.055  1.014   1.00 52.53  ? 338 HOH A O   1 
HETATM 1084 O  O   . HOH L 5 .   ? 3.758   -11.794 1.344   1.00 59.02  ? 339 HOH A O   1 
HETATM 1085 O  O   . HOH L 5 .   ? 11.806  -5.791  -3.924  1.00 81.80  ? 340 HOH A O   1 
HETATM 1086 O  O   . HOH L 5 .   ? -0.774  1.866   -11.793 1.00 60.39  ? 341 HOH A O   1 
HETATM 1087 O  O   . HOH L 5 .   ? 15.229  11.621  -2.821  1.00 72.98  ? 342 HOH A O   1 
HETATM 1088 O  O   . HOH L 5 .   ? 12.096  9.781   3.287   1.00 68.16  ? 343 HOH A O   1 
HETATM 1089 O  O   . HOH L 5 .   ? -11.306 11.466  -3.254  1.00 81.45  ? 344 HOH A O   1 
HETATM 1090 O  O   . HOH L 5 .   ? 4.491   -8.488  -2.151  1.00 99.69  ? 345 HOH A O   1 
HETATM 1091 O  O   . HOH L 5 .   ? -15.535 5.620   0.466   1.00 49.07  ? 346 HOH A O   1 
HETATM 1092 O  O   . HOH L 5 .   ? 17.722  1.138   -3.356  1.00 65.74  ? 347 HOH A O   1 
HETATM 1093 O  O   . HOH L 5 .   ? 0.542   11.388  11.083  1.00 53.10  ? 348 HOH A O   1 
HETATM 1094 O  O   . HOH L 5 .   ? -15.365 -4.327  -6.713  1.00 88.93  ? 349 HOH A O   1 
HETATM 1095 O  O   . HOH L 5 .   ? -11.329 1.200   10.544  1.00 45.93  ? 350 HOH A O   1 
HETATM 1096 O  O   . HOH L 5 .   ? -13.797 10.722  -2.810  1.00 72.85  ? 351 HOH A O   1 
HETATM 1097 O  O   . HOH L 5 .   ? 10.416  2.569   13.693  1.00 60.77  ? 352 HOH A O   1 
HETATM 1098 O  O   . HOH L 5 .   ? -5.987  5.589   -11.903 1.00 54.88  ? 353 HOH A O   1 
HETATM 1099 O  O   . HOH L 5 .   ? -11.701 4.244   -9.850  1.00 69.06  ? 354 HOH A O   1 
HETATM 1100 O  O   . HOH L 5 .   ? -1.543  -13.866 -1.972  1.00 56.55  ? 355 HOH A O   1 
HETATM 1101 O  O   . HOH L 5 .   ? 2.389   2.361   -6.446  1.00 50.83  ? 356 HOH A O   1 
HETATM 1102 O  O   . HOH L 5 .   ? -4.392  9.733   10.767  1.00 42.47  ? 357 HOH A O   1 
HETATM 1103 O  O   . HOH L 5 .   ? 9.988   -6.262  7.709   1.00 72.53  ? 358 HOH A O   1 
HETATM 1104 O  O   . HOH L 5 .   ? -13.484 -1.992  -0.861  1.00 52.66  ? 359 HOH A O   1 
HETATM 1105 O  O   . HOH L 5 .   ? 12.894  13.286  -6.844  1.00 78.29  ? 360 HOH A O   1 
HETATM 1106 O  O   . HOH L 5 .   ? -6.941  0.012   -12.656 1.00 64.51  ? 361 HOH A O   1 
HETATM 1107 O  O   . HOH L 5 .   ? -13.794 -5.170  -6.005  1.00 47.48  ? 362 HOH A O   1 
HETATM 1108 O  O   . HOH L 5 .   ? 9.485   8.432   5.459   1.00 47.92  ? 363 HOH A O   1 
HETATM 1109 O  O   . HOH L 5 .   ? -0.308  -11.033 2.342   1.00 47.85  ? 364 HOH A O   1 
HETATM 1110 O  O   . HOH L 5 .   ? -14.478 3.919   -10.093 1.00 83.07  ? 365 HOH A O   1 
HETATM 1111 O  O   . HOH L 5 .   ? 16.857  3.728   3.841   1.00 80.71  ? 366 HOH A O   1 
HETATM 1112 O  O   . HOH L 5 .   ? 6.205   9.282   0.526   1.00 61.91  ? 367 HOH A O   1 
HETATM 1113 O  O   . HOH L 5 .   ? 6.233   -7.186  11.623  1.00 65.76  ? 368 HOH A O   1 
HETATM 1114 O  O   . HOH L 5 .   ? 7.307   -7.077  -1.693  1.00 70.21  ? 369 HOH A O   1 
HETATM 1115 O  O   . HOH L 5 .   ? 6.051   -10.751 1.725   1.00 67.70  ? 370 HOH A O   1 
HETATM 1116 O  O   . HOH L 5 .   ? -14.209 4.069   10.737  1.00 70.96  ? 371 HOH A O   1 
HETATM 1117 O  O   . HOH L 5 .   ? -8.841  -17.502 -1.472  1.00 77.55  ? 372 HOH A O   1 
HETATM 1118 O  O   . HOH L 5 .   ? 7.091   9.385   2.204   1.00 79.96  ? 373 HOH A O   1 
HETATM 1119 O  O   . HOH L 5 .   ? -6.463  2.870   -11.561 1.00 70.12  ? 374 HOH A O   1 
HETATM 1120 O  O   . HOH L 5 .   ? 0.778   15.515  7.855   1.00 83.05  ? 375 HOH A O   1 
HETATM 1121 O  O   . HOH L 5 .   ? -13.731 -3.446  -14.128 1.00 70.56  ? 376 HOH A O   1 
HETATM 1122 O  O   . HOH L 5 .   ? -7.110  5.447   14.932  1.00 94.92  ? 377 HOH A O   1 
HETATM 1123 O  O   . HOH L 5 .   ? -18.749 -6.748  -1.967  1.00 68.88  ? 378 HOH A O   1 
HETATM 1124 O  O   . HOH L 5 .   ? 17.475  3.289   -3.721  1.00 85.09  ? 379 HOH A O   1 
HETATM 1125 O  O   . HOH L 5 .   ? -7.156  2.660   14.059  1.00 55.21  ? 380 HOH A O   1 
HETATM 1126 O  O   . HOH L 5 .   ? -13.382 -16.953 5.526   1.00 56.26  ? 381 HOH A O   1 
HETATM 1127 O  O   . HOH L 5 .   ? 18.536  5.497   2.845   1.00 69.43  ? 382 HOH A O   1 
HETATM 1128 O  O   . HOH L 5 .   ? -17.302 -6.640  11.059  1.00 53.51  ? 383 HOH A O   1 
HETATM 1129 O  O   . HOH L 5 .   ? 2.440   -1.637  -7.233  1.00 60.99  ? 384 HOH A O   1 
HETATM 1130 O  O   . HOH L 5 .   ? -5.440  -9.126  5.661   1.00 76.74  ? 385 HOH A O   1 
HETATM 1131 O  O   . HOH L 5 .   ? 1.946   0.220   -8.444  1.00 54.04  ? 386 HOH A O   1 
HETATM 1132 O  O   . HOH L 5 .   ? 1.089   -12.705 1.501   1.00 79.42  ? 387 HOH A O   1 
HETATM 1133 O  O   . HOH L 5 .   ? -1.426  -11.444 3.952   1.00 71.00  ? 388 HOH A O   1 
HETATM 1134 O  O   . HOH L 5 .   ? -0.627  0.347   -9.654  1.00 63.56  ? 389 HOH A O   1 
HETATM 1135 O  O   . HOH L 5 .   ? 4.138   0.659   -10.300 1.00 66.06  ? 390 HOH A O   1 
HETATM 1136 O  O   . HOH L 5 .   ? -15.088 -5.643  -10.847 1.00 69.50  ? 391 HOH A O   1 
HETATM 1137 O  O   . HOH L 5 .   ? 0.976   -4.434  -9.133  1.00 67.82  ? 392 HOH A O   1 
HETATM 1138 O  O   . HOH L 5 .   ? -6.477  -18.117 -0.129  1.00 76.24  ? 393 HOH A O   1 
# 
